data_5BV5
#
_entry.id   5BV5
#
_cell.length_a   64.486
_cell.length_b   137.871
_cell.length_c   91.779
_cell.angle_alpha   90.00
_cell.angle_beta   101.18
_cell.angle_gamma   90.00
#
_symmetry.space_group_name_H-M   'P 1 21 1'
#
loop_
_entity.id
_entity.type
_entity.pdbx_description
1 polymer 'Cytochrome P450 119'
2 non-polymer 'PHOSPHATE ION'
3 non-polymer 'PROTOPORPHYRIN IX CONTAINING FE'
4 non-polymer 4-PHENYL-1H-IMIDAZOLE
5 water water
#
_entity_poly.entity_id   1
_entity_poly.type   'polypeptide(L)'
_entity_poly.pdbx_seq_one_letter_code
;MYDWFSEMRKKDPVYYDGNIWQVFSYRYTKEVLNNFSKFSSDLTGYHERLEDLRNGKIRFDIPTRYTMLTSDPPLHDELR
SMSADIFSPQKLQTLETFIRETTRSLLDSIDPREDDIVKKLAVPLPIIVISKILGLPIEDKEKFKEWSDLVAFRLGKPGE
IFELGKKYLELIGYVKDHLNSGTEVVSRVVNSNLSDIEKLGYIILLLIAGNEATTNLISNSVIDFTRFNLWQRIREENLY
LKAIEEALRYSPPVMRTVRKTKERVKLGDQTIEEGEYVRVWIASANRDEEVFHDGEKFIPDRNPNPHLSFGSGIHLHLGA
PLARLEARIAIEEFSKRFRHIEILDTEKVPNEVLNGYKRLVVRLKSNE
;
_entity_poly.pdbx_strand_id   A,B,D,C
#
loop_
_chem_comp.id
_chem_comp.type
_chem_comp.name
_chem_comp.formula
HEM non-polymer 'PROTOPORPHYRIN IX CONTAINING FE' 'C34 H32 Fe N4 O4'
PIM non-polymer 4-PHENYL-1H-IMIDAZOLE 'C9 H8 N2'
PO4 non-polymer 'PHOSPHATE ION' 'O4 P -3'
#
# COMPACT_ATOMS: atom_id res chain seq x y z
N MET A 1 -17.59 -15.07 4.45
CA MET A 1 -17.02 -14.31 5.59
C MET A 1 -16.39 -12.99 5.14
N TYR A 2 -15.67 -13.02 4.02
CA TYR A 2 -14.97 -11.83 3.53
C TYR A 2 -15.89 -10.84 2.82
N ASP A 3 -16.99 -11.32 2.24
CA ASP A 3 -18.03 -10.44 1.71
C ASP A 3 -18.68 -9.62 2.82
N TRP A 4 -18.87 -10.24 3.98
CA TRP A 4 -19.41 -9.53 5.15
C TRP A 4 -18.44 -8.43 5.57
N PHE A 5 -17.14 -8.74 5.57
CA PHE A 5 -16.12 -7.76 5.90
C PHE A 5 -16.13 -6.59 4.91
N SER A 6 -16.28 -6.90 3.62
CA SER A 6 -16.34 -5.86 2.58
C SER A 6 -17.42 -4.83 2.86
N GLU A 7 -18.63 -5.29 3.15
CA GLU A 7 -19.76 -4.40 3.39
C GLU A 7 -19.59 -3.61 4.69
N MET A 8 -19.07 -4.27 5.73
CA MET A 8 -18.88 -3.63 7.02
C MET A 8 -17.81 -2.55 6.93
N ARG A 9 -16.72 -2.82 6.20
CA ARG A 9 -15.74 -1.79 5.90
C ARG A 9 -16.38 -0.60 5.18
N LYS A 10 -17.26 -0.90 4.23
CA LYS A 10 -17.92 0.14 3.44
C LYS A 10 -18.94 0.95 4.24
N LYS A 11 -19.74 0.26 5.06
CA LYS A 11 -20.92 0.88 5.68
C LYS A 11 -20.83 1.08 7.20
N ASP A 12 -20.06 0.23 7.89
CA ASP A 12 -19.88 0.35 9.34
C ASP A 12 -18.51 -0.16 9.78
N PRO A 13 -17.44 0.63 9.56
CA PRO A 13 -16.09 0.24 9.95
C PRO A 13 -15.97 -0.13 11.43
N VAL A 14 -16.50 0.72 12.30
CA VAL A 14 -16.60 0.41 13.72
C VAL A 14 -18.08 0.16 14.02
N TYR A 15 -18.39 -1.03 14.52
CA TYR A 15 -19.77 -1.51 14.60
C TYR A 15 -20.13 -2.10 15.97
N TYR A 16 -21.32 -1.78 16.45
CA TYR A 16 -21.84 -2.32 17.71
C TYR A 16 -23.14 -3.07 17.42
N ASP A 17 -23.14 -4.37 17.68
CA ASP A 17 -24.30 -5.22 17.38
C ASP A 17 -25.27 -5.36 18.56
N GLY A 18 -24.93 -4.74 19.69
CA GLY A 18 -25.74 -4.85 20.90
C GLY A 18 -25.05 -5.66 21.99
N ASN A 19 -24.16 -6.55 21.57
CA ASN A 19 -23.38 -7.39 22.49
C ASN A 19 -21.94 -6.91 22.61
N ILE A 20 -21.28 -6.72 21.48
CA ILE A 20 -19.84 -6.44 21.45
C ILE A 20 -19.47 -5.53 20.28
N TRP A 21 -18.46 -4.69 20.50
CA TRP A 21 -17.92 -3.83 19.44
C TRP A 21 -17.04 -4.64 18.50
N GLN A 22 -17.15 -4.36 17.20
CA GLN A 22 -16.33 -5.03 16.19
C GLN A 22 -15.73 -4.01 15.24
N VAL A 23 -14.48 -4.22 14.87
CA VAL A 23 -13.74 -3.30 14.00
C VAL A 23 -13.26 -4.05 12.77
N PHE A 24 -13.47 -3.45 11.60
CA PHE A 24 -13.25 -4.13 10.32
C PHE A 24 -12.18 -3.50 9.42
N SER A 25 -12.03 -2.18 9.46
CA SER A 25 -11.11 -1.49 8.57
C SER A 25 -9.69 -1.47 9.12
N TYR A 26 -8.73 -1.20 8.26
CA TYR A 26 -7.31 -1.26 8.61
C TYR A 26 -6.91 -0.17 9.61
N ARG A 27 -7.32 1.07 9.32
CA ARG A 27 -6.93 2.21 10.14
C ARG A 27 -7.33 2.03 11.61
N TYR A 28 -8.58 1.64 11.83
CA TYR A 28 -9.11 1.50 13.19
C TYR A 28 -8.63 0.20 13.86
N THR A 29 -8.43 -0.84 13.06
CA THR A 29 -7.84 -2.09 13.55
C THR A 29 -6.42 -1.81 14.06
N LYS A 30 -5.64 -1.11 13.24
CA LYS A 30 -4.26 -0.75 13.60
C LYS A 30 -4.21 0.10 14.86
N GLU A 31 -5.10 1.08 14.94
CA GLU A 31 -5.14 2.00 16.09
C GLU A 31 -5.43 1.28 17.40
N VAL A 32 -6.40 0.36 17.37
CA VAL A 32 -6.78 -0.39 18.56
C VAL A 32 -5.63 -1.23 19.10
N LEU A 33 -4.89 -1.88 18.19
CA LEU A 33 -3.80 -2.77 18.58
C LEU A 33 -2.57 -2.01 19.09
N ASN A 34 -2.23 -0.91 18.42
CA ASN A 34 -1.02 -0.15 18.74
C ASN A 34 -1.20 0.84 19.89
N ASN A 35 -2.38 1.44 19.98
CA ASN A 35 -2.68 2.36 21.08
C ASN A 35 -2.99 1.58 22.36
N PHE A 36 -1.93 1.07 22.99
CA PHE A 36 -2.07 0.19 24.14
C PHE A 36 -2.50 0.89 25.42
N SER A 37 -2.38 2.22 25.45
CA SER A 37 -2.82 3.01 26.59
C SER A 37 -4.35 3.02 26.70
N LYS A 38 -5.01 3.33 25.57
CA LYS A 38 -6.47 3.41 25.53
C LYS A 38 -7.14 2.04 25.47
N PHE A 39 -6.49 1.09 24.80
CA PHE A 39 -7.03 -0.26 24.63
C PHE A 39 -6.10 -1.31 25.26
N SER A 40 -6.63 -2.05 26.24
CA SER A 40 -5.83 -2.96 27.04
C SER A 40 -5.87 -4.40 26.52
N SER A 41 -4.75 -5.10 26.69
CA SER A 41 -4.69 -6.54 26.41
C SER A 41 -5.19 -7.36 27.58
N ASP A 42 -5.20 -6.77 28.77
CA ASP A 42 -5.72 -7.41 29.97
C ASP A 42 -7.23 -7.62 29.85
N LEU A 43 -7.70 -8.80 30.24
CA LEU A 43 -9.10 -9.19 30.11
C LEU A 43 -9.52 -9.23 28.64
N PRO A 73 3.05 -7.71 33.11
CA PRO A 73 4.04 -7.12 32.20
C PRO A 73 5.47 -7.66 32.34
N PRO A 74 5.95 -7.85 33.58
CA PRO A 74 7.27 -8.49 33.74
C PRO A 74 7.31 -9.93 33.19
N LEU A 75 6.19 -10.63 33.26
CA LEU A 75 6.05 -11.93 32.62
C LEU A 75 6.12 -11.80 31.10
N HIS A 76 5.58 -10.71 30.58
CA HIS A 76 5.70 -10.37 29.16
C HIS A 76 7.14 -9.94 28.80
N ASP A 77 7.74 -9.14 29.66
CA ASP A 77 9.11 -8.67 29.45
C ASP A 77 10.11 -9.80 29.56
N GLU A 78 9.85 -10.76 30.44
CA GLU A 78 10.66 -11.97 30.55
C GLU A 78 10.54 -12.81 29.28
N LEU A 79 9.34 -12.87 28.72
CA LEU A 79 9.11 -13.54 27.45
C LEU A 79 9.89 -12.84 26.34
N ARG A 80 9.80 -11.51 26.29
CA ARG A 80 10.52 -10.71 25.31
C ARG A 80 12.03 -10.89 25.45
N SER A 81 12.50 -10.95 26.70
CA SER A 81 13.92 -11.13 26.99
C SER A 81 14.42 -12.50 26.54
N MET A 82 13.61 -13.54 26.76
CA MET A 82 13.95 -14.88 26.29
C MET A 82 13.87 -14.95 24.77
N SER A 83 12.81 -14.40 24.19
CA SER A 83 12.65 -14.37 22.73
C SER A 83 13.88 -13.79 22.04
N ALA A 84 14.45 -12.73 22.63
CA ALA A 84 15.70 -12.15 22.13
C ALA A 84 16.83 -13.17 22.15
N ASP A 85 16.95 -13.90 23.25
CA ASP A 85 18.03 -14.88 23.43
C ASP A 85 17.96 -16.05 22.46
N ILE A 86 16.77 -16.67 22.35
CA ILE A 86 16.62 -17.90 21.56
C ILE A 86 16.15 -17.69 20.13
N PHE A 87 15.49 -16.57 19.85
CA PHE A 87 15.06 -16.25 18.48
C PHE A 87 15.87 -15.10 17.87
N SER A 88 17.15 -15.04 18.19
CA SER A 88 18.03 -14.03 17.60
C SER A 88 18.31 -14.37 16.14
N PRO A 89 18.58 -13.36 15.31
CA PRO A 89 18.92 -13.62 13.90
C PRO A 89 20.07 -14.60 13.73
N GLN A 90 21.08 -14.50 14.58
CA GLN A 90 22.25 -15.38 14.52
C GLN A 90 21.94 -16.81 14.99
N LYS A 91 21.03 -16.94 15.95
CA LYS A 91 20.60 -18.27 16.42
C LYS A 91 19.71 -18.94 15.37
N LEU A 92 18.81 -18.18 14.77
CA LEU A 92 17.94 -18.70 13.70
C LEU A 92 18.72 -19.00 12.43
N GLN A 93 19.73 -18.19 12.13
CA GLN A 93 20.59 -18.44 10.97
C GLN A 93 21.40 -19.72 11.16
N THR A 94 21.78 -19.99 12.41
CA THR A 94 22.45 -21.25 12.77
C THR A 94 21.54 -22.46 12.55
N LEU A 95 20.25 -22.29 12.83
CA LEU A 95 19.29 -23.40 12.72
C LEU A 95 18.81 -23.70 11.30
N GLU A 96 19.08 -22.81 10.35
CA GLU A 96 18.57 -22.97 8.99
C GLU A 96 18.82 -24.36 8.41
N THR A 97 20.03 -24.88 8.59
CA THR A 97 20.41 -26.18 8.04
C THR A 97 19.70 -27.34 8.76
N PHE A 98 19.52 -27.20 10.07
CA PHE A 98 18.78 -28.18 10.85
C PHE A 98 17.31 -28.24 10.40
N ILE A 99 16.71 -27.06 10.24
CA ILE A 99 15.31 -26.96 9.82
C ILE A 99 15.14 -27.59 8.44
N ARG A 100 16.09 -27.33 7.55
CA ARG A 100 16.04 -27.83 6.18
C ARG A 100 16.09 -29.36 6.16
N GLU A 101 17.04 -29.94 6.89
CA GLU A 101 17.18 -31.39 6.95
C GLU A 101 16.00 -32.07 7.64
N THR A 102 15.46 -31.43 8.68
CA THR A 102 14.25 -31.91 9.33
C THR A 102 13.09 -31.94 8.35
N THR A 103 12.85 -30.80 7.69
CA THR A 103 11.86 -30.72 6.61
C THR A 103 12.09 -31.79 5.56
N ARG A 104 13.35 -31.92 5.13
CA ARG A 104 13.72 -32.89 4.10
C ARG A 104 13.42 -34.32 4.54
N SER A 105 13.70 -34.60 5.82
CA SER A 105 13.42 -35.92 6.39
C SER A 105 11.93 -36.20 6.51
N LEU A 106 11.17 -35.16 6.85
CA LEU A 106 9.72 -35.29 6.96
C LEU A 106 9.05 -35.57 5.61
N LEU A 107 9.55 -34.92 4.56
CA LEU A 107 9.00 -35.11 3.22
C LEU A 107 9.23 -36.52 2.68
N ASP A 108 10.31 -37.16 3.12
CA ASP A 108 10.64 -38.52 2.69
C ASP A 108 9.63 -39.56 3.17
N SER A 109 8.93 -39.27 4.26
CA SER A 109 7.90 -40.15 4.78
C SER A 109 6.52 -39.92 4.16
N ILE A 110 6.42 -38.99 3.21
CA ILE A 110 5.15 -38.72 2.53
C ILE A 110 4.90 -39.74 1.43
N ASP A 111 3.66 -40.15 1.30
CA ASP A 111 3.20 -41.01 0.21
C ASP A 111 2.76 -40.12 -0.95
N PRO A 112 3.48 -40.16 -2.08
CA PRO A 112 3.13 -39.30 -3.23
C PRO A 112 1.75 -39.57 -3.82
N ARG A 113 1.26 -40.80 -3.74
CA ARG A 113 -0.04 -41.16 -4.28
C ARG A 113 -1.18 -40.45 -3.53
N GLU A 114 -1.12 -40.52 -2.21
CA GLU A 114 -2.12 -39.87 -1.36
C GLU A 114 -1.60 -39.76 0.07
N ASP A 115 -1.52 -38.54 0.59
CA ASP A 115 -1.11 -38.34 1.98
C ASP A 115 -1.52 -36.97 2.50
N ASP A 116 -1.53 -36.85 3.83
CA ASP A 116 -1.95 -35.64 4.51
C ASP A 116 -0.76 -34.72 4.80
N ILE A 117 -0.81 -33.50 4.26
CA ILE A 117 0.25 -32.50 4.46
C ILE A 117 0.31 -32.01 5.91
N VAL A 118 -0.85 -31.88 6.54
CA VAL A 118 -0.93 -31.35 7.91
C VAL A 118 -0.24 -32.31 8.87
N LYS A 119 -0.52 -33.60 8.72
CA LYS A 119 0.03 -34.65 9.57
C LYS A 119 1.52 -34.88 9.33
N LYS A 120 1.94 -34.80 8.08
CA LYS A 120 3.31 -35.17 7.69
C LYS A 120 4.32 -34.03 7.76
N LEU A 121 3.85 -32.79 7.57
CA LEU A 121 4.75 -31.65 7.44
C LEU A 121 4.40 -30.48 8.36
N ALA A 122 3.14 -30.03 8.30
CA ALA A 122 2.74 -28.79 8.95
C ALA A 122 2.78 -28.88 10.48
N VAL A 123 2.32 -30.00 11.03
CA VAL A 123 2.31 -30.20 12.48
C VAL A 123 3.70 -30.57 13.00
N PRO A 124 4.39 -31.56 12.38
CA PRO A 124 5.68 -31.98 12.93
C PRO A 124 6.78 -30.93 12.94
N LEU A 125 7.01 -30.25 11.81
CA LEU A 125 8.19 -29.39 11.67
C LEU A 125 8.33 -28.35 12.79
N PRO A 126 7.26 -27.58 13.06
CA PRO A 126 7.36 -26.59 14.13
C PRO A 126 7.65 -27.18 15.52
N ILE A 127 7.14 -28.37 15.80
CA ILE A 127 7.34 -29.02 17.09
C ILE A 127 8.76 -29.57 17.23
N ILE A 128 9.27 -30.16 16.15
CA ILE A 128 10.65 -30.65 16.13
C ILE A 128 11.62 -29.49 16.30
N VAL A 129 11.33 -28.37 15.64
CA VAL A 129 12.23 -27.21 15.66
C VAL A 129 12.23 -26.51 17.02
N ILE A 130 11.05 -26.34 17.62
CA ILE A 130 10.98 -25.77 18.97
C ILE A 130 11.59 -26.71 20.01
N SER A 131 11.49 -28.01 19.77
CA SER A 131 12.10 -29.01 20.66
C SER A 131 13.63 -28.94 20.61
N LYS A 132 14.18 -28.62 19.44
CA LYS A 132 15.62 -28.41 19.30
C LYS A 132 16.05 -27.14 20.05
N ILE A 133 15.23 -26.10 19.96
CA ILE A 133 15.51 -24.82 20.61
C ILE A 133 15.39 -24.92 22.13
N LEU A 134 14.30 -25.53 22.60
CA LEU A 134 14.07 -25.70 24.02
C LEU A 134 14.90 -26.84 24.62
N GLY A 135 15.34 -27.76 23.78
CA GLY A 135 16.12 -28.92 24.23
C GLY A 135 15.26 -30.06 24.73
N LEU A 136 14.05 -30.16 24.17
CA LEU A 136 13.12 -31.23 24.55
C LEU A 136 13.58 -32.53 23.92
N PRO A 137 13.34 -33.67 24.61
CA PRO A 137 13.85 -34.95 24.10
C PRO A 137 13.16 -35.38 22.81
N ILE A 138 13.97 -35.75 21.81
CA ILE A 138 13.47 -36.31 20.56
C ILE A 138 13.32 -37.82 20.69
N GLU A 139 12.92 -38.48 19.60
CA GLU A 139 12.84 -39.94 19.54
C GLU A 139 11.67 -40.49 20.37
N ASP A 140 11.96 -41.40 21.29
CA ASP A 140 10.92 -42.11 22.04
C ASP A 140 10.13 -41.20 22.99
N LYS A 141 10.82 -40.28 23.66
CA LYS A 141 10.19 -39.34 24.58
C LYS A 141 9.42 -38.24 23.84
N GLU A 142 9.83 -37.95 22.61
CA GLU A 142 9.19 -36.92 21.80
C GLU A 142 7.75 -37.27 21.42
N LYS A 143 7.48 -38.56 21.24
CA LYS A 143 6.13 -39.05 20.98
C LYS A 143 5.25 -38.92 22.22
N PHE A 144 5.84 -39.20 23.39
CA PHE A 144 5.12 -39.11 24.66
C PHE A 144 5.00 -37.68 25.15
N LYS A 145 6.05 -36.88 24.96
CA LYS A 145 6.07 -35.49 25.43
C LYS A 145 5.15 -34.59 24.60
N GLU A 146 5.02 -34.89 23.32
CA GLU A 146 4.11 -34.15 22.43
C GLU A 146 2.65 -34.33 22.85
N TRP A 147 2.28 -35.57 23.18
CA TRP A 147 0.91 -35.89 23.57
C TRP A 147 0.50 -35.19 24.86
N SER A 148 1.41 -35.15 25.83
CA SER A 148 1.16 -34.44 27.09
C SER A 148 1.27 -32.94 26.90
N ILE A 161 -3.64 -35.22 38.33
CA ILE A 161 -2.96 -33.90 38.40
C ILE A 161 -1.51 -34.02 38.87
N PHE A 162 -1.26 -34.92 39.82
CA PHE A 162 0.08 -35.07 40.40
C PHE A 162 1.04 -35.79 39.47
N GLU A 163 0.54 -36.80 38.77
CA GLU A 163 1.30 -37.47 37.72
C GLU A 163 1.61 -36.51 36.58
N LEU A 164 0.64 -35.68 36.23
CA LEU A 164 0.82 -34.64 35.23
C LEU A 164 1.82 -33.58 35.71
N GLY A 165 1.73 -33.22 36.98
CA GLY A 165 2.65 -32.28 37.60
C GLY A 165 4.10 -32.73 37.56
N LYS A 166 4.32 -34.03 37.74
CA LYS A 166 5.66 -34.60 37.67
C LYS A 166 6.25 -34.43 36.28
N LYS A 167 5.45 -34.70 35.25
CA LYS A 167 5.86 -34.51 33.86
C LYS A 167 6.06 -33.03 33.53
N TYR A 168 5.21 -32.19 34.11
CA TYR A 168 5.33 -30.73 33.97
C TYR A 168 6.66 -30.23 34.51
N LEU A 169 7.13 -30.81 35.62
CA LEU A 169 8.44 -30.45 36.17
C LEU A 169 9.58 -31.07 35.37
N GLU A 170 9.38 -32.28 34.86
CA GLU A 170 10.35 -32.89 33.96
C GLU A 170 10.52 -32.05 32.69
N LEU A 171 9.39 -31.56 32.17
CA LEU A 171 9.39 -30.68 31.01
C LEU A 171 10.22 -29.42 31.27
N ILE A 172 9.99 -28.78 32.40
CA ILE A 172 10.73 -27.59 32.79
C ILE A 172 12.21 -27.91 32.94
N GLY A 173 12.50 -29.07 33.52
CA GLY A 173 13.88 -29.52 33.72
C GLY A 173 14.71 -29.61 32.45
N TYR A 174 14.05 -29.97 31.34
CA TYR A 174 14.74 -30.05 30.05
C TYR A 174 15.21 -28.67 29.60
N VAL A 175 14.32 -27.68 29.68
CA VAL A 175 14.62 -26.32 29.27
C VAL A 175 15.65 -25.70 30.22
N LYS A 176 15.50 -25.98 31.50
CA LYS A 176 16.45 -25.54 32.53
C LYS A 176 17.87 -25.99 32.20
N ASP A 177 18.01 -27.28 31.88
CA ASP A 177 19.33 -27.86 31.56
C ASP A 177 19.93 -27.28 30.29
N HIS A 178 19.10 -27.03 29.29
CA HIS A 178 19.58 -26.60 27.98
C HIS A 178 20.03 -25.13 27.97
N LEU A 179 19.29 -24.27 28.65
CA LEU A 179 19.57 -22.84 28.67
C LEU A 179 20.24 -22.41 29.97
N SER A 181 19.80 -17.22 29.45
CA SER A 181 18.52 -16.45 29.50
C SER A 181 18.09 -16.20 30.93
N GLY A 182 17.49 -15.03 31.17
CA GLY A 182 17.12 -14.61 32.51
C GLY A 182 16.22 -15.56 33.27
N THR A 183 15.14 -16.00 32.62
CA THR A 183 14.15 -16.86 33.28
C THR A 183 14.64 -18.28 33.55
N GLU A 184 15.59 -18.76 32.75
CA GLU A 184 16.21 -20.06 33.00
C GLU A 184 17.18 -19.97 34.17
N VAL A 185 17.99 -18.93 34.18
CA VAL A 185 19.03 -18.75 35.20
C VAL A 185 18.43 -18.46 36.58
N VAL A 186 17.32 -17.73 36.61
CA VAL A 186 16.68 -17.33 37.86
C VAL A 186 16.14 -18.53 38.66
N SER A 187 15.88 -19.65 37.98
CA SER A 187 15.50 -20.90 38.66
C SER A 187 16.55 -21.99 38.43
N ARG A 188 17.82 -21.61 38.47
CA ARG A 188 18.93 -22.56 38.30
C ARG A 188 19.72 -22.68 39.60
N LEU A 194 9.56 -20.39 43.49
CA LEU A 194 8.43 -21.19 43.02
C LEU A 194 7.61 -20.41 41.99
N SER A 195 7.42 -19.11 42.24
CA SER A 195 6.78 -18.23 41.27
C SER A 195 7.62 -18.13 40.00
N ASP A 196 8.94 -18.12 40.16
CA ASP A 196 9.87 -18.12 39.02
C ASP A 196 9.81 -19.42 38.23
N ILE A 197 9.54 -20.53 38.92
CA ILE A 197 9.42 -21.83 38.27
C ILE A 197 8.12 -21.89 37.45
N GLU A 198 7.03 -21.45 38.06
CA GLU A 198 5.73 -21.40 37.37
C GLU A 198 5.79 -20.44 36.18
N LYS A 199 6.49 -19.32 36.34
CA LYS A 199 6.68 -18.35 35.27
C LYS A 199 7.39 -18.99 34.07
N LEU A 200 8.44 -19.76 34.34
CA LEU A 200 9.18 -20.45 33.29
C LEU A 200 8.33 -21.51 32.61
N GLY A 201 7.61 -22.31 33.41
CA GLY A 201 6.70 -23.30 32.89
C GLY A 201 5.62 -22.69 32.00
N TYR A 202 5.14 -21.51 32.38
CA TYR A 202 4.12 -20.79 31.62
C TYR A 202 4.66 -20.34 30.26
N ILE A 203 5.89 -19.84 30.23
CA ILE A 203 6.48 -19.35 28.98
C ILE A 203 6.80 -20.52 28.04
N ILE A 204 7.27 -21.63 28.60
CA ILE A 204 7.53 -22.83 27.81
C ILE A 204 6.27 -23.26 27.07
N LEU A 205 5.15 -23.35 27.79
CA LEU A 205 3.88 -23.73 27.19
C LEU A 205 3.48 -22.79 26.06
N LEU A 206 3.71 -21.50 26.26
CA LEU A 206 3.43 -20.48 25.23
C LEU A 206 4.28 -20.68 23.99
N LEU A 207 5.59 -20.87 24.18
CA LEU A 207 6.52 -21.03 23.08
C LEU A 207 6.21 -22.27 22.23
N ILE A 208 5.67 -23.30 22.87
CA ILE A 208 5.22 -24.49 22.16
C ILE A 208 3.87 -24.24 21.48
N ALA A 209 2.95 -23.63 22.22
CA ALA A 209 1.57 -23.43 21.75
C ALA A 209 1.48 -22.52 20.53
N GLY A 210 2.33 -21.51 20.46
CA GLY A 210 2.33 -20.56 19.34
C GLY A 210 2.58 -21.19 17.98
N ASN A 211 3.21 -22.37 17.97
CA ASN A 211 3.56 -23.06 16.74
C ASN A 211 2.36 -23.62 15.96
N GLU A 212 1.18 -23.60 16.58
CA GLU A 212 -0.06 -23.99 15.88
C GLU A 212 -0.36 -23.04 14.71
N ALA A 213 -0.14 -21.75 14.92
CA ALA A 213 -0.37 -20.75 13.88
C ALA A 213 0.61 -20.92 12.72
N THR A 214 1.84 -21.31 13.04
CA THR A 214 2.86 -21.59 12.03
C THR A 214 2.46 -22.82 11.21
N THR A 215 1.92 -23.82 11.88
CA THR A 215 1.36 -25.00 11.23
C THR A 215 0.26 -24.59 10.25
N ASN A 216 -0.63 -23.70 10.70
CA ASN A 216 -1.70 -23.19 9.86
C ASN A 216 -1.20 -22.37 8.68
N LEU A 217 -0.16 -21.57 8.89
CA LEU A 217 0.42 -20.76 7.82
C LEU A 217 0.97 -21.63 6.69
N ILE A 218 1.62 -22.73 7.06
CA ILE A 218 2.14 -23.67 6.08
C ILE A 218 1.00 -24.27 5.25
N SER A 219 -0.03 -24.76 5.94
CA SER A 219 -1.19 -25.36 5.28
C SER A 219 -1.92 -24.37 4.38
N ASN A 220 -2.19 -23.17 4.91
CA ASN A 220 -2.83 -22.11 4.14
C ASN A 220 -2.01 -21.72 2.91
N SER A 221 -0.68 -21.71 3.05
CA SER A 221 0.20 -21.41 1.92
C SER A 221 0.08 -22.46 0.82
N VAL A 222 0.06 -23.72 1.21
CA VAL A 222 -0.07 -24.84 0.26
C VAL A 222 -1.39 -24.74 -0.50
N ILE A 223 -2.46 -24.44 0.22
CA ILE A 223 -3.78 -24.26 -0.38
C ILE A 223 -3.79 -23.08 -1.36
N ASP A 224 -3.27 -21.95 -0.91
CA ASP A 224 -3.31 -20.72 -1.72
C ASP A 224 -2.47 -20.83 -2.99
N PHE A 225 -1.23 -21.29 -2.87
CA PHE A 225 -0.35 -21.43 -4.04
C PHE A 225 -0.88 -22.46 -5.04
N THR A 226 -1.58 -23.47 -4.54
CA THR A 226 -2.12 -24.53 -5.40
C THR A 226 -3.37 -24.08 -6.14
N ARG A 227 -4.28 -23.44 -5.42
CA ARG A 227 -5.51 -22.92 -6.01
C ARG A 227 -5.25 -21.83 -7.06
N PHE A 228 -4.31 -20.95 -6.77
CA PHE A 228 -3.96 -19.87 -7.70
C PHE A 228 -2.81 -20.24 -8.63
N ASN A 229 -2.35 -21.50 -8.54
CA ASN A 229 -1.37 -22.04 -9.48
C ASN A 229 -0.10 -21.20 -9.54
N LEU A 230 0.53 -21.01 -8.38
CA LEU A 230 1.68 -20.10 -8.25
C LEU A 230 3.02 -20.80 -8.07
N TRP A 231 3.01 -22.13 -7.88
CA TRP A 231 4.22 -22.86 -7.53
C TRP A 231 5.37 -22.60 -8.51
N GLN A 232 5.13 -22.88 -9.79
CA GLN A 232 6.14 -22.67 -10.82
C GLN A 232 6.63 -21.22 -10.84
N ARG A 233 5.70 -20.29 -10.67
CA ARG A 233 6.02 -18.86 -10.71
C ARG A 233 6.86 -18.46 -9.50
N ILE A 234 6.45 -18.91 -8.32
CA ILE A 234 7.19 -18.65 -7.08
C ILE A 234 8.59 -19.25 -7.16
N ARG A 235 8.65 -20.46 -7.71
CA ARG A 235 9.90 -21.19 -7.85
C ARG A 235 10.84 -20.52 -8.85
N GLU A 236 10.31 -20.17 -10.02
CA GLU A 236 11.12 -19.54 -11.06
C GLU A 236 11.50 -18.09 -10.78
N GLU A 237 10.65 -17.37 -10.04
CA GLU A 237 10.88 -15.95 -9.76
C GLU A 237 11.34 -15.69 -8.32
N ASN A 238 11.50 -16.75 -7.53
CA ASN A 238 12.00 -16.63 -6.16
C ASN A 238 11.11 -15.73 -5.30
N LEU A 239 9.81 -16.04 -5.26
CA LEU A 239 8.85 -15.24 -4.52
C LEU A 239 8.50 -15.85 -3.17
N TYR A 240 9.30 -16.81 -2.71
CA TYR A 240 9.01 -17.52 -1.47
C TYR A 240 8.73 -16.55 -0.32
N LEU A 241 9.61 -15.59 -0.13
CA LEU A 241 9.49 -14.63 0.97
C LEU A 241 8.17 -13.86 0.88
N LYS A 242 7.93 -13.23 -0.27
CA LYS A 242 6.75 -12.40 -0.48
C LYS A 242 5.46 -13.20 -0.52
N ALA A 243 5.53 -14.41 -1.08
CA ALA A 243 4.36 -15.28 -1.19
C ALA A 243 3.88 -15.75 0.18
N ILE A 244 4.83 -15.99 1.09
CA ILE A 244 4.50 -16.35 2.46
C ILE A 244 3.84 -15.17 3.17
N GLU A 245 4.33 -13.95 2.91
CA GLU A 245 3.73 -12.74 3.48
C GLU A 245 2.35 -12.48 2.91
N GLU A 246 2.16 -12.78 1.62
CA GLU A 246 0.86 -12.65 1.00
C GLU A 246 -0.11 -13.69 1.53
N ALA A 247 0.39 -14.88 1.85
CA ALA A 247 -0.40 -15.92 2.50
C ALA A 247 -0.80 -15.49 3.91
N LEU A 248 0.10 -14.79 4.60
CA LEU A 248 -0.21 -14.20 5.90
C LEU A 248 -1.33 -13.16 5.80
N ARG A 249 -1.20 -12.25 4.85
CA ARG A 249 -2.23 -11.23 4.62
C ARG A 249 -3.56 -11.87 4.26
N TYR A 250 -3.52 -12.73 3.23
CA TYR A 250 -4.72 -13.28 2.63
C TYR A 250 -5.41 -14.33 3.50
N SER A 251 -4.60 -15.18 4.13
CA SER A 251 -5.09 -16.29 4.96
C SER A 251 -4.42 -16.26 6.32
N PRO A 252 -4.78 -15.28 7.16
CA PRO A 252 -4.13 -15.11 8.45
C PRO A 252 -4.52 -16.19 9.46
N PRO A 253 -3.54 -16.95 9.98
CA PRO A 253 -3.80 -18.00 10.96
C PRO A 253 -4.65 -17.55 12.16
N VAL A 254 -4.41 -16.33 12.64
CA VAL A 254 -5.25 -15.73 13.67
C VAL A 254 -6.18 -14.72 12.98
N MET A 255 -7.47 -15.02 13.00
CA MET A 255 -8.46 -14.27 12.23
C MET A 255 -8.86 -12.98 12.92
N ARG A 256 -8.71 -12.94 14.24
CA ARG A 256 -9.13 -11.81 15.05
C ARG A 256 -8.46 -11.81 16.42
N THR A 257 -8.59 -10.69 17.13
CA THR A 257 -8.12 -10.57 18.50
C THR A 257 -9.01 -9.59 19.25
N VAL A 258 -8.84 -9.52 20.57
CA VAL A 258 -9.73 -8.72 21.41
C VAL A 258 -8.94 -7.69 22.23
N ARG A 259 -9.56 -6.53 22.44
CA ARG A 259 -9.02 -5.51 23.34
C ARG A 259 -10.13 -4.98 24.25
N LYS A 260 -9.74 -4.48 25.41
CA LYS A 260 -10.67 -3.91 26.38
C LYS A 260 -10.38 -2.43 26.55
N THR A 261 -11.42 -1.59 26.47
CA THR A 261 -11.25 -0.15 26.58
C THR A 261 -10.85 0.26 27.99
N LYS A 262 -9.65 0.83 28.11
CA LYS A 262 -9.15 1.33 29.39
C LYS A 262 -9.92 2.57 29.84
N GLU A 263 -10.24 3.44 28.88
CA GLU A 263 -11.00 4.65 29.15
C GLU A 263 -12.05 4.89 28.06
N ARG A 264 -12.87 5.92 28.24
CA ARG A 264 -13.87 6.30 27.25
C ARG A 264 -13.21 6.95 26.04
N VAL A 265 -13.29 6.29 24.89
CA VAL A 265 -12.61 6.75 23.68
C VAL A 265 -13.56 6.80 22.49
N LYS A 266 -13.15 7.56 21.47
CA LYS A 266 -13.92 7.70 20.23
C LYS A 266 -13.11 7.18 19.04
N LEU A 267 -13.73 6.31 18.25
CA LEU A 267 -13.10 5.76 17.05
C LEU A 267 -14.06 5.89 15.87
N GLY A 268 -13.62 6.60 14.83
CA GLY A 268 -14.46 6.89 13.68
C GLY A 268 -15.61 7.80 14.05
N ASP A 269 -16.79 7.51 13.53
CA ASP A 269 -18.00 8.24 13.90
C ASP A 269 -18.52 7.81 15.28
N GLN A 270 -18.13 6.62 15.72
CA GLN A 270 -18.66 6.02 16.95
C GLN A 270 -17.87 6.45 18.19
N THR A 271 -18.48 6.21 19.36
CA THR A 271 -17.85 6.52 20.64
C THR A 271 -18.16 5.40 21.65
N ILE A 272 -17.12 4.71 22.10
CA ILE A 272 -17.26 3.57 23.00
C ILE A 272 -16.91 3.94 24.44
N GLU A 273 -17.60 3.32 25.39
CA GLU A 273 -17.38 3.59 26.81
C GLU A 273 -16.30 2.68 27.39
N GLU A 274 -15.97 2.90 28.67
CA GLU A 274 -14.97 2.09 29.36
C GLU A 274 -15.53 0.71 29.68
N GLY A 275 -14.65 -0.27 29.74
CA GLY A 275 -15.04 -1.65 30.07
C GLY A 275 -15.70 -2.38 28.92
N GLU A 276 -15.66 -1.80 27.73
CA GLU A 276 -16.26 -2.40 26.54
C GLU A 276 -15.19 -3.16 25.77
N TYR A 277 -15.50 -4.40 25.41
CA TYR A 277 -14.57 -5.25 24.68
C TYR A 277 -14.67 -5.00 23.18
N VAL A 278 -13.53 -4.72 22.55
CA VAL A 278 -13.47 -4.39 21.13
C VAL A 278 -12.89 -5.56 20.34
N ARG A 279 -13.75 -6.20 19.55
CA ARG A 279 -13.31 -7.27 18.64
C ARG A 279 -12.64 -6.65 17.43
N VAL A 280 -11.46 -7.15 17.09
CA VAL A 280 -10.65 -6.57 16.02
C VAL A 280 -10.40 -7.62 14.94
N TRP A 281 -11.11 -7.48 13.82
CA TRP A 281 -10.98 -8.43 12.72
C TRP A 281 -9.72 -8.15 11.89
N ILE A 282 -8.67 -8.90 12.19
CA ILE A 282 -7.41 -8.80 11.47
C ILE A 282 -7.59 -9.23 10.02
N ALA A 283 -8.34 -10.30 9.81
CA ALA A 283 -8.64 -10.80 8.48
C ALA A 283 -9.27 -9.73 7.59
N SER A 284 -10.16 -8.94 8.17
CA SER A 284 -10.85 -7.87 7.45
C SER A 284 -9.89 -6.72 7.13
N ALA A 285 -9.13 -6.30 8.14
CA ALA A 285 -8.13 -5.24 7.96
C ALA A 285 -7.16 -5.54 6.83
N ASN A 286 -6.77 -6.81 6.71
CA ASN A 286 -5.85 -7.25 5.66
C ASN A 286 -6.41 -7.16 4.25
N ARG A 287 -7.73 -7.06 4.11
CA ARG A 287 -8.38 -6.94 2.80
C ARG A 287 -8.86 -5.52 2.50
N ASP A 288 -8.45 -4.55 3.32
CA ASP A 288 -8.88 -3.17 3.14
C ASP A 288 -8.36 -2.64 1.80
N GLU A 289 -9.27 -2.06 1.01
CA GLU A 289 -8.93 -1.61 -0.35
C GLU A 289 -7.99 -0.40 -0.38
N GLU A 290 -8.19 0.53 0.55
CA GLU A 290 -7.35 1.72 0.63
C GLU A 290 -5.88 1.37 0.81
N VAL A 291 -5.61 0.45 1.74
CA VAL A 291 -4.25 0.04 2.05
C VAL A 291 -3.76 -0.99 1.04
N PHE A 292 -4.60 -1.97 0.73
CA PHE A 292 -4.23 -3.06 -0.18
C PHE A 292 -5.01 -2.96 -1.48
N HIS A 293 -4.39 -2.39 -2.51
CA HIS A 293 -4.99 -2.28 -3.82
C HIS A 293 -5.18 -3.68 -4.40
N ASP A 294 -6.34 -3.92 -5.01
CA ASP A 294 -6.77 -5.27 -5.37
C ASP A 294 -6.64 -6.19 -4.15
N GLY A 295 -7.26 -5.79 -3.05
CA GLY A 295 -7.15 -6.49 -1.78
C GLY A 295 -7.71 -7.89 -1.75
N GLU A 296 -8.67 -8.18 -2.64
CA GLU A 296 -9.28 -9.50 -2.73
C GLU A 296 -8.46 -10.44 -3.62
N LYS A 297 -7.46 -9.89 -4.31
CA LYS A 297 -6.60 -10.65 -5.20
C LYS A 297 -5.42 -11.22 -4.42
N PHE A 298 -4.97 -12.40 -4.80
CA PHE A 298 -3.76 -12.99 -4.21
C PHE A 298 -2.57 -12.68 -5.12
N ILE A 299 -1.76 -11.70 -4.71
CA ILE A 299 -0.58 -11.30 -5.47
C ILE A 299 0.66 -11.76 -4.72
N PRO A 300 1.35 -12.80 -5.25
CA PRO A 300 2.47 -13.42 -4.53
C PRO A 300 3.74 -12.56 -4.48
N ASP A 301 3.84 -11.57 -5.36
CA ASP A 301 4.94 -10.62 -5.32
C ASP A 301 4.49 -9.23 -4.85
N ARG A 302 3.46 -9.20 -4.00
CA ARG A 302 2.95 -7.96 -3.42
C ARG A 302 4.00 -7.38 -2.48
N ASN A 303 4.34 -6.11 -2.70
CA ASN A 303 5.39 -5.45 -1.92
C ASN A 303 5.25 -3.94 -1.97
N PRO A 304 5.19 -3.28 -0.81
CA PRO A 304 5.23 -3.83 0.54
C PRO A 304 3.89 -4.44 0.95
N ASN A 305 3.90 -5.22 2.02
CA ASN A 305 2.71 -5.95 2.48
C ASN A 305 2.52 -5.76 3.98
N PRO A 306 2.04 -4.59 4.39
CA PRO A 306 1.91 -4.24 5.80
C PRO A 306 0.67 -4.86 6.46
N HIS A 307 0.58 -6.18 6.41
CA HIS A 307 -0.53 -6.88 7.05
C HIS A 307 -0.42 -6.83 8.56
N LEU A 308 -1.52 -7.07 9.25
CA LEU A 308 -1.57 -7.04 10.71
C LEU A 308 -1.81 -8.43 11.28
N SER A 309 -1.37 -9.44 10.55
CA SER A 309 -1.55 -10.84 10.94
C SER A 309 -0.85 -11.22 12.25
N PHE A 310 0.25 -10.53 12.57
CA PHE A 310 0.96 -10.76 13.83
C PHE A 310 0.48 -9.85 14.96
N GLY A 311 -0.45 -8.96 14.65
CA GLY A 311 -1.10 -8.12 15.65
C GLY A 311 -0.35 -6.82 15.90
N SER A 312 -0.14 -6.51 17.17
CA SER A 312 0.46 -5.24 17.60
C SER A 312 1.64 -4.81 16.73
N LEU A 316 6.15 -5.61 18.53
CA LEU A 316 6.61 -6.68 17.58
C LEU A 316 6.36 -8.07 18.15
N HIS A 317 5.85 -8.97 17.29
CA HIS A 317 5.54 -10.33 17.69
C HIS A 317 6.84 -11.15 17.77
N LEU A 318 6.98 -11.90 18.86
CA LEU A 318 8.26 -12.51 19.23
C LEU A 318 8.69 -13.67 18.33
N GLY A 319 7.77 -14.58 18.05
CA GLY A 319 8.06 -15.75 17.22
C GLY A 319 7.79 -15.57 15.73
N ALA A 320 7.70 -14.33 15.28
CA ALA A 320 7.39 -14.04 13.87
C ALA A 320 8.54 -14.39 12.95
N PRO A 321 9.78 -14.01 13.32
CA PRO A 321 10.92 -14.44 12.50
C PRO A 321 11.04 -15.96 12.41
N LEU A 322 10.76 -16.64 13.51
CA LEU A 322 10.81 -18.11 13.56
C LEU A 322 9.74 -18.72 12.66
N ALA A 323 8.51 -18.23 12.78
CA ALA A 323 7.39 -18.71 11.98
C ALA A 323 7.69 -18.54 10.49
N ARG A 324 8.16 -17.33 10.13
CA ARG A 324 8.51 -17.02 8.75
C ARG A 324 9.58 -17.95 8.20
N LEU A 325 10.61 -18.18 9.00
CA LEU A 325 11.71 -19.04 8.58
C LEU A 325 11.25 -20.48 8.35
N GLU A 326 10.53 -21.04 9.33
CA GLU A 326 9.98 -22.39 9.22
C GLU A 326 9.13 -22.55 7.96
N ALA A 327 8.21 -21.61 7.74
CA ALA A 327 7.33 -21.66 6.57
C ALA A 327 8.12 -21.55 5.27
N ARG A 328 9.01 -20.56 5.19
CA ARG A 328 9.86 -20.37 4.03
C ARG A 328 10.57 -21.66 3.62
N ILE A 329 11.21 -22.30 4.60
CA ILE A 329 11.97 -23.52 4.34
C ILE A 329 11.04 -24.71 4.06
N ALA A 330 9.89 -24.74 4.72
CA ALA A 330 8.90 -25.78 4.46
C ALA A 330 8.46 -25.77 3.01
N ILE A 331 8.06 -24.61 2.52
CA ILE A 331 7.57 -24.45 1.15
C ILE A 331 8.69 -24.73 0.14
N GLU A 332 9.87 -24.17 0.38
CA GLU A 332 11.01 -24.34 -0.52
C GLU A 332 11.32 -25.81 -0.78
N GLU A 333 11.48 -26.59 0.29
CA GLU A 333 11.81 -28.00 0.17
C GLU A 333 10.64 -28.81 -0.42
N PHE A 334 9.42 -28.43 -0.03
CA PHE A 334 8.22 -29.10 -0.53
C PHE A 334 8.02 -28.85 -2.02
N SER A 335 8.28 -27.63 -2.46
CA SER A 335 8.14 -27.28 -3.88
C SER A 335 9.16 -27.98 -4.77
N LYS A 336 10.30 -28.33 -4.21
CA LYS A 336 11.35 -29.06 -4.93
C LYS A 336 10.93 -30.50 -5.25
N ARG A 337 10.19 -31.12 -4.34
CA ARG A 337 9.79 -32.52 -4.49
C ARG A 337 8.55 -32.73 -5.37
N PHE A 338 7.76 -31.67 -5.57
CA PHE A 338 6.53 -31.77 -6.32
C PHE A 338 6.51 -30.82 -7.51
N ARG A 339 6.62 -31.39 -8.71
CA ARG A 339 6.35 -30.65 -9.94
C ARG A 339 4.87 -30.32 -10.05
N HIS A 340 4.02 -31.17 -9.47
CA HIS A 340 2.58 -31.06 -9.59
C HIS A 340 1.90 -31.40 -8.27
N ILE A 341 0.88 -30.62 -7.90
CA ILE A 341 0.17 -30.84 -6.62
C ILE A 341 -1.35 -30.83 -6.83
N GLU A 342 -1.98 -31.97 -6.56
CA GLU A 342 -3.43 -32.12 -6.66
C GLU A 342 -4.04 -32.23 -5.27
N ILE A 343 -5.07 -31.43 -5.01
CA ILE A 343 -5.76 -31.45 -3.73
C ILE A 343 -6.99 -32.34 -3.81
N LEU A 344 -7.05 -33.35 -2.95
CA LEU A 344 -8.11 -34.36 -2.99
C LEU A 344 -9.21 -34.07 -1.97
N ASP A 345 -8.81 -33.84 -0.72
CA ASP A 345 -9.78 -33.65 0.36
C ASP A 345 -9.24 -32.67 1.41
N THR A 346 -10.13 -31.87 1.99
CA THR A 346 -9.75 -30.89 3.00
C THR A 346 -10.77 -30.85 4.14
N GLU A 347 -10.27 -30.62 5.35
CA GLU A 347 -11.12 -30.38 6.52
C GLU A 347 -10.60 -29.17 7.27
N LYS A 348 -11.44 -28.15 7.40
CA LYS A 348 -11.09 -26.95 8.16
C LYS A 348 -11.07 -27.24 9.66
N VAL A 349 -10.32 -26.43 10.39
CA VAL A 349 -10.38 -26.45 11.85
C VAL A 349 -11.69 -25.82 12.29
N PRO A 350 -12.42 -26.48 13.22
CA PRO A 350 -13.71 -25.96 13.65
C PRO A 350 -13.53 -24.82 14.67
N ASN A 351 -13.24 -23.62 14.17
CA ASN A 351 -12.98 -22.47 15.03
C ASN A 351 -13.11 -21.16 14.26
N GLU A 352 -13.98 -20.28 14.74
CA GLU A 352 -14.17 -18.96 14.14
C GLU A 352 -12.94 -18.05 14.27
N VAL A 353 -12.12 -18.29 15.30
CA VAL A 353 -10.96 -17.46 15.58
C VAL A 353 -9.74 -17.87 14.76
N LEU A 354 -9.55 -19.18 14.56
CA LEU A 354 -8.36 -19.69 13.87
C LEU A 354 -8.66 -20.04 12.42
N ASN A 355 -7.69 -19.75 11.55
CA ASN A 355 -7.80 -20.04 10.13
C ASN A 355 -6.75 -21.08 9.74
N GLY A 356 -7.18 -22.34 9.65
CA GLY A 356 -6.28 -23.42 9.28
C GLY A 356 -6.99 -24.69 8.86
N TYR A 357 -6.23 -25.78 8.76
CA TYR A 357 -6.75 -27.05 8.28
C TYR A 357 -6.38 -28.21 9.21
N LYS A 358 -7.39 -29.01 9.56
CA LYS A 358 -7.17 -30.23 10.34
C LYS A 358 -6.66 -31.35 9.42
N ARG A 359 -7.16 -31.36 8.19
CA ARG A 359 -6.69 -32.29 7.16
C ARG A 359 -6.48 -31.56 5.84
N LEU A 360 -5.42 -31.93 5.14
CA LEU A 360 -5.14 -31.41 3.81
C LEU A 360 -4.51 -32.54 2.99
N VAL A 361 -5.36 -33.35 2.37
CA VAL A 361 -4.93 -34.53 1.65
C VAL A 361 -4.57 -34.16 0.20
N VAL A 362 -3.36 -34.53 -0.21
CA VAL A 362 -2.85 -34.14 -1.52
C VAL A 362 -2.25 -35.33 -2.27
N ARG A 363 -2.13 -35.17 -3.59
CA ARG A 363 -1.37 -36.08 -4.43
C ARG A 363 -0.27 -35.30 -5.12
N LEU A 364 0.94 -35.86 -5.13
CA LEU A 364 2.11 -35.21 -5.71
C LEU A 364 2.64 -36.01 -6.89
N LYS A 365 3.25 -35.32 -7.85
CA LYS A 365 3.85 -35.98 -9.00
C LYS A 365 5.20 -36.61 -8.63
N MET B 1 9.23 20.40 -1.52
CA MET B 1 7.76 20.60 -1.65
C MET B 1 6.96 19.39 -1.17
N TYR B 2 7.57 18.21 -1.20
CA TYR B 2 6.96 17.01 -0.65
C TYR B 2 6.78 17.09 0.86
N ASP B 3 7.61 17.89 1.52
CA ASP B 3 7.44 18.19 2.95
C ASP B 3 6.15 18.96 3.22
N TRP B 4 5.80 19.87 2.30
CA TRP B 4 4.57 20.63 2.40
C TRP B 4 3.36 19.77 2.07
N PHE B 5 3.52 18.83 1.15
CA PHE B 5 2.45 17.91 0.78
C PHE B 5 2.03 17.05 1.97
N SER B 6 3.02 16.56 2.73
CA SER B 6 2.75 15.73 3.91
C SER B 6 1.83 16.45 4.91
N GLU B 7 2.19 17.69 5.24
CA GLU B 7 1.43 18.47 6.23
C GLU B 7 0.03 18.80 5.74
N MET B 8 -0.12 19.02 4.43
CA MET B 8 -1.44 19.20 3.85
C MET B 8 -2.24 17.89 3.93
N ARG B 9 -1.62 16.78 3.56
CA ARG B 9 -2.28 15.48 3.65
C ARG B 9 -2.73 15.15 5.08
N LYS B 10 -1.97 15.60 6.06
CA LYS B 10 -2.31 15.40 7.46
C LYS B 10 -3.38 16.39 7.94
N LYS B 11 -3.18 17.67 7.66
CA LYS B 11 -3.99 18.74 8.23
C LYS B 11 -5.14 19.21 7.34
N ASP B 12 -4.91 19.26 6.03
CA ASP B 12 -5.89 19.78 5.07
C ASP B 12 -5.82 19.05 3.73
N PRO B 13 -6.41 17.84 3.66
CA PRO B 13 -6.43 17.08 2.40
C PRO B 13 -7.08 17.84 1.25
N VAL B 14 -8.13 18.61 1.54
CA VAL B 14 -8.79 19.45 0.57
C VAL B 14 -8.84 20.87 1.13
N TYR B 15 -8.11 21.79 0.47
CA TYR B 15 -7.77 23.07 1.07
C TYR B 15 -8.12 24.25 0.15
N TYR B 16 -8.52 25.36 0.75
CA TYR B 16 -8.84 26.59 0.03
C TYR B 16 -8.07 27.76 0.65
N ASP B 17 -7.31 28.48 -0.17
CA ASP B 17 -6.48 29.59 0.31
C ASP B 17 -7.01 30.96 -0.07
N GLY B 18 -8.22 31.00 -0.64
CA GLY B 18 -8.81 32.24 -1.14
C GLY B 18 -8.69 32.37 -2.65
N ASN B 19 -7.70 31.67 -3.22
CA ASN B 19 -7.43 31.72 -4.65
C ASN B 19 -8.09 30.54 -5.38
N ILE B 20 -7.78 29.34 -4.92
CA ILE B 20 -8.18 28.12 -5.62
C ILE B 20 -8.24 26.93 -4.65
N TRP B 21 -9.10 25.97 -4.95
CA TRP B 21 -9.15 24.72 -4.19
C TRP B 21 -7.96 23.84 -4.55
N GLN B 22 -7.35 23.23 -3.54
CA GLN B 22 -6.18 22.37 -3.73
C GLN B 22 -6.37 21.03 -3.03
N VAL B 23 -6.25 19.94 -3.77
CA VAL B 23 -6.44 18.59 -3.22
C VAL B 23 -5.11 17.85 -3.19
N PHE B 24 -4.81 17.25 -2.03
CA PHE B 24 -3.50 16.64 -1.79
C PHE B 24 -3.51 15.14 -1.54
N SER B 25 -4.64 14.58 -1.13
CA SER B 25 -4.73 13.15 -0.80
C SER B 25 -5.14 12.34 -2.03
N TYR B 26 -4.86 11.04 -1.97
CA TYR B 26 -5.08 10.14 -3.11
C TYR B 26 -6.56 9.92 -3.41
N ARG B 27 -7.35 9.70 -2.37
CA ARG B 27 -8.76 9.35 -2.52
C ARG B 27 -9.51 10.40 -3.34
N TYR B 28 -9.48 11.65 -2.86
CA TYR B 28 -10.22 12.74 -3.49
C TYR B 28 -9.57 13.18 -4.79
N THR B 29 -8.25 13.02 -4.88
CA THR B 29 -7.53 13.26 -6.13
C THR B 29 -8.06 12.35 -7.24
N LYS B 30 -8.19 11.06 -6.93
CA LYS B 30 -8.71 10.10 -7.89
C LYS B 30 -10.19 10.37 -8.22
N GLU B 31 -10.95 10.81 -7.22
CA GLU B 31 -12.36 11.14 -7.40
C GLU B 31 -12.54 12.26 -8.43
N VAL B 32 -11.71 13.30 -8.33
CA VAL B 32 -11.80 14.46 -9.21
C VAL B 32 -11.38 14.10 -10.64
N LEU B 33 -10.38 13.23 -10.78
CA LEU B 33 -9.84 12.85 -12.09
C LEU B 33 -10.79 11.98 -12.90
N ASN B 34 -11.46 11.03 -12.24
CA ASN B 34 -12.32 10.07 -12.92
C ASN B 34 -13.73 10.59 -13.17
N ASN B 35 -14.32 11.24 -12.16
CA ASN B 35 -15.71 11.69 -12.22
C ASN B 35 -15.88 12.84 -13.21
N PHE B 36 -15.99 12.50 -14.49
CA PHE B 36 -16.08 13.49 -15.56
C PHE B 36 -17.40 14.25 -15.58
N SER B 37 -18.45 13.65 -15.04
CA SER B 37 -19.77 14.28 -14.96
C SER B 37 -19.73 15.49 -14.03
N LYS B 38 -19.13 15.30 -12.85
CA LYS B 38 -19.03 16.36 -11.86
C LYS B 38 -17.92 17.35 -12.19
N PHE B 39 -16.76 16.84 -12.58
CA PHE B 39 -15.58 17.66 -12.84
C PHE B 39 -15.21 17.67 -14.32
N SER B 40 -15.05 18.86 -14.89
CA SER B 40 -14.78 19.02 -16.31
C SER B 40 -13.34 19.44 -16.59
N SER B 41 -12.78 18.90 -17.68
CA SER B 41 -11.45 19.26 -18.12
C SER B 41 -11.43 20.59 -18.88
N ASP B 42 -12.58 20.97 -19.43
CA ASP B 42 -12.72 22.22 -20.18
C ASP B 42 -12.55 23.44 -19.26
N PHE B 87 -0.81 2.65 -32.75
CA PHE B 87 -0.80 2.69 -31.26
C PHE B 87 -1.30 1.40 -30.61
N SER B 88 -1.62 0.39 -31.42
CA SER B 88 -2.13 -0.89 -30.91
C SER B 88 -0.99 -1.74 -30.35
N PRO B 89 -1.32 -2.76 -29.53
CA PRO B 89 -0.30 -3.67 -28.99
C PRO B 89 0.57 -4.35 -30.04
N GLN B 90 -0.03 -4.73 -31.18
CA GLN B 90 0.74 -5.33 -32.27
C GLN B 90 1.59 -4.29 -33.00
N LYS B 91 1.07 -3.06 -33.10
CA LYS B 91 1.81 -1.95 -33.69
C LYS B 91 3.02 -1.57 -32.84
N LEU B 92 2.88 -1.65 -31.52
CA LEU B 92 3.97 -1.35 -30.60
C LEU B 92 5.01 -2.47 -30.54
N GLN B 93 4.58 -3.72 -30.76
CA GLN B 93 5.47 -4.87 -30.70
C GLN B 93 6.52 -4.84 -31.81
N THR B 94 6.07 -4.59 -33.04
CA THR B 94 7.00 -4.47 -34.17
C THR B 94 7.85 -3.19 -34.08
N LEU B 95 7.33 -2.18 -33.40
CA LEU B 95 8.05 -0.93 -33.18
C LEU B 95 9.25 -1.10 -32.26
N GLU B 96 9.17 -2.05 -31.33
CA GLU B 96 10.21 -2.28 -30.32
C GLU B 96 11.62 -2.30 -30.91
N THR B 97 11.78 -3.02 -32.01
CA THR B 97 13.08 -3.19 -32.66
C THR B 97 13.67 -1.85 -33.12
N PHE B 98 12.82 -0.97 -33.66
CA PHE B 98 13.25 0.37 -34.04
C PHE B 98 13.68 1.20 -32.83
N ILE B 99 12.91 1.10 -31.75
CA ILE B 99 13.20 1.88 -30.53
C ILE B 99 14.54 1.47 -29.93
N ARG B 100 14.84 0.18 -29.99
CA ARG B 100 16.10 -0.34 -29.47
C ARG B 100 17.30 0.08 -30.32
N GLU B 101 17.14 -0.01 -31.64
CA GLU B 101 18.18 0.44 -32.58
C GLU B 101 18.48 1.93 -32.42
N THR B 102 17.43 2.73 -32.30
CA THR B 102 17.58 4.18 -32.13
C THR B 102 18.30 4.51 -30.83
N THR B 103 17.89 3.88 -29.74
CA THR B 103 18.52 4.10 -28.44
C THR B 103 20.00 3.75 -28.50
N ARG B 104 20.32 2.58 -29.04
CA ARG B 104 21.70 2.13 -29.19
C ARG B 104 22.53 3.09 -30.04
N SER B 105 21.90 3.65 -31.07
CA SER B 105 22.53 4.65 -31.92
C SER B 105 22.79 5.96 -31.18
N LEU B 106 21.83 6.35 -30.34
CA LEU B 106 21.99 7.55 -29.52
C LEU B 106 23.10 7.37 -28.48
N LEU B 107 23.17 6.18 -27.89
CA LEU B 107 24.18 5.86 -26.88
C LEU B 107 25.60 5.83 -27.46
N ASP B 108 25.72 5.51 -28.75
CA ASP B 108 27.01 5.56 -29.44
C ASP B 108 27.60 6.97 -29.48
N SER B 109 26.73 7.98 -29.61
CA SER B 109 27.17 9.36 -29.70
C SER B 109 27.61 9.94 -28.36
N ILE B 110 27.20 9.33 -27.26
CA ILE B 110 27.53 9.82 -25.92
C ILE B 110 29.02 9.68 -25.63
N ASP B 111 29.59 10.73 -25.04
CA ASP B 111 30.98 10.76 -24.61
C ASP B 111 31.05 10.23 -23.16
N PRO B 112 31.64 9.04 -22.97
CA PRO B 112 31.74 8.46 -21.62
C PRO B 112 32.49 9.34 -20.62
N ARG B 113 33.44 10.14 -21.12
CA ARG B 113 34.17 11.08 -20.27
C ARG B 113 33.22 12.02 -19.54
N GLU B 114 32.35 12.69 -20.28
CA GLU B 114 31.34 13.58 -19.72
C GLU B 114 30.33 13.95 -20.79
N ASP B 115 29.04 13.90 -20.46
CA ASP B 115 27.99 14.28 -21.41
C ASP B 115 26.63 14.47 -20.74
N ASP B 116 25.73 15.15 -21.45
CA ASP B 116 24.38 15.42 -20.96
C ASP B 116 23.41 14.34 -21.44
N ILE B 117 22.75 13.67 -20.50
CA ILE B 117 21.80 12.60 -20.80
C ILE B 117 20.51 13.14 -21.41
N VAL B 118 20.14 14.36 -21.03
CA VAL B 118 18.94 15.00 -21.55
C VAL B 118 19.10 15.29 -23.04
N LYS B 119 20.20 15.94 -23.38
CA LYS B 119 20.52 16.30 -24.75
C LYS B 119 20.72 15.07 -25.62
N LYS B 120 21.46 14.08 -25.11
CA LYS B 120 21.92 12.96 -25.91
C LYS B 120 20.92 11.80 -26.01
N LEU B 121 20.12 11.59 -24.97
CA LEU B 121 19.19 10.45 -24.92
C LEU B 121 17.73 10.85 -24.76
N ALA B 122 17.45 11.58 -23.68
CA ALA B 122 16.07 11.80 -23.23
C ALA B 122 15.23 12.63 -24.21
N VAL B 123 15.83 13.65 -24.81
CA VAL B 123 15.11 14.52 -25.73
C VAL B 123 14.94 13.93 -27.14
N PRO B 124 16.01 13.38 -27.73
CA PRO B 124 15.90 12.84 -29.09
C PRO B 124 14.94 11.67 -29.26
N LEU B 125 15.00 10.70 -28.36
CA LEU B 125 14.35 9.39 -28.57
C LEU B 125 12.84 9.50 -28.81
N PRO B 126 12.12 10.22 -27.95
CA PRO B 126 10.67 10.38 -28.19
C PRO B 126 10.35 11.08 -29.51
N ILE B 127 11.23 11.97 -29.97
CA ILE B 127 11.02 12.70 -31.22
C ILE B 127 11.31 11.80 -32.42
N ILE B 128 12.36 10.99 -32.32
CA ILE B 128 12.74 10.08 -33.41
C ILE B 128 11.72 8.95 -33.57
N VAL B 129 11.10 8.54 -32.46
CA VAL B 129 10.13 7.45 -32.48
C VAL B 129 8.77 7.93 -33.00
N ILE B 130 8.32 9.09 -32.54
CA ILE B 130 7.06 9.67 -33.03
C ILE B 130 7.18 10.07 -34.50
N SER B 131 8.37 10.48 -34.93
CA SER B 131 8.62 10.83 -36.32
C SER B 131 8.56 9.60 -37.24
N LYS B 132 9.00 8.45 -36.74
CA LYS B 132 8.91 7.21 -37.49
C LYS B 132 7.46 6.74 -37.61
N ILE B 133 6.69 6.92 -36.54
CA ILE B 133 5.27 6.55 -36.53
C ILE B 133 4.48 7.44 -37.48
N LEU B 134 4.64 8.75 -37.34
CA LEU B 134 3.92 9.72 -38.17
C LEU B 134 4.42 9.76 -39.62
N GLY B 135 5.69 9.40 -39.81
CA GLY B 135 6.30 9.40 -41.15
C GLY B 135 6.96 10.71 -41.49
N LEU B 136 7.55 11.36 -40.49
CA LEU B 136 8.29 12.60 -40.68
C LEU B 136 9.74 12.23 -41.00
N PRO B 137 10.27 12.71 -42.14
CA PRO B 137 11.53 12.17 -42.65
C PRO B 137 12.77 12.70 -41.92
N ILE B 138 13.82 11.89 -41.89
CA ILE B 138 15.11 12.26 -41.29
C ILE B 138 16.20 12.15 -42.34
N LYS B 141 19.67 17.26 -40.84
CA LYS B 141 19.29 18.28 -41.86
C LYS B 141 17.81 18.62 -41.77
N GLU B 142 16.96 17.71 -42.24
CA GLU B 142 15.52 17.90 -42.20
C GLU B 142 14.95 17.70 -40.79
N LYS B 143 15.59 16.81 -40.04
CA LYS B 143 15.17 16.51 -38.67
C LYS B 143 15.46 17.67 -37.71
N PHE B 144 16.60 18.33 -37.92
CA PHE B 144 16.97 19.50 -37.11
C PHE B 144 16.00 20.66 -37.35
N LYS B 145 15.56 20.83 -38.59
CA LYS B 145 14.58 21.86 -38.94
C LYS B 145 13.19 21.54 -38.40
N GLU B 146 12.84 20.25 -38.39
CA GLU B 146 11.54 19.81 -37.90
C GLU B 146 11.49 19.82 -36.37
N TRP B 147 12.57 19.37 -35.74
CA TRP B 147 12.65 19.31 -34.27
C TRP B 147 12.48 20.69 -33.63
N SER B 148 13.03 21.71 -34.26
CA SER B 148 12.91 23.08 -33.76
C SER B 148 11.50 23.63 -33.92
N ASP B 149 10.79 23.20 -34.96
CA ASP B 149 9.43 23.67 -35.24
C ASP B 149 8.42 23.22 -34.19
N LEU B 150 8.65 22.05 -33.59
CA LEU B 150 7.80 21.54 -32.53
C LEU B 150 8.65 20.95 -31.40
N LEU B 164 5.64 29.42 -42.73
CA LEU B 164 5.17 28.72 -41.50
C LEU B 164 3.91 27.91 -41.79
N GLY B 165 2.92 28.55 -42.40
CA GLY B 165 1.72 27.87 -42.85
C GLY B 165 2.04 26.82 -43.89
N LYS B 166 2.96 27.15 -44.79
CA LYS B 166 3.45 26.20 -45.80
C LYS B 166 4.12 25.00 -45.14
N LYS B 167 4.96 25.27 -44.14
CA LYS B 167 5.63 24.21 -43.38
C LYS B 167 4.62 23.36 -42.61
N TYR B 168 3.68 24.02 -41.93
CA TYR B 168 2.61 23.35 -41.20
C TYR B 168 1.80 22.45 -42.12
N LEU B 169 1.46 22.98 -43.29
CA LEU B 169 0.75 22.22 -44.31
C LEU B 169 1.60 21.04 -44.80
N GLU B 170 2.88 21.30 -45.03
CA GLU B 170 3.83 20.28 -45.48
C GLU B 170 4.03 19.18 -44.44
N LEU B 171 3.94 19.56 -43.16
CA LEU B 171 3.99 18.59 -42.05
C LEU B 171 2.83 17.60 -42.13
N ILE B 172 1.61 18.13 -42.35
CA ILE B 172 0.42 17.30 -42.43
C ILE B 172 0.47 16.39 -43.65
N GLY B 173 1.03 16.89 -44.74
CA GLY B 173 1.19 16.13 -45.98
C GLY B 173 1.99 14.86 -45.81
N TYR B 174 3.06 14.93 -45.02
CA TYR B 174 3.89 13.75 -44.73
C TYR B 174 3.12 12.67 -43.99
N VAL B 175 2.21 13.09 -43.11
CA VAL B 175 1.40 12.14 -42.33
C VAL B 175 0.39 11.42 -43.22
N LYS B 176 -0.23 12.16 -44.13
CA LYS B 176 -1.17 11.59 -45.09
C LYS B 176 -0.44 10.95 -46.26
N LEU B 194 -11.61 20.70 -45.66
CA LEU B 194 -10.59 21.57 -44.98
C LEU B 194 -10.57 21.33 -43.47
N SER B 195 -11.75 21.11 -42.88
CA SER B 195 -11.84 20.77 -41.46
C SER B 195 -11.16 19.43 -41.18
N ASP B 196 -11.20 18.52 -42.15
CA ASP B 196 -10.48 17.24 -42.06
C ASP B 196 -8.97 17.44 -41.98
N ILE B 197 -8.47 18.47 -42.67
CA ILE B 197 -7.04 18.80 -42.61
C ILE B 197 -6.72 19.44 -41.26
N GLU B 198 -7.58 20.37 -40.83
CA GLU B 198 -7.42 21.04 -39.54
C GLU B 198 -7.53 20.06 -38.38
N LYS B 199 -8.40 19.06 -38.52
CA LYS B 199 -8.57 18.03 -37.50
C LYS B 199 -7.33 17.13 -37.41
N LEU B 200 -6.79 16.75 -38.56
CA LEU B 200 -5.57 15.94 -38.60
C LEU B 200 -4.39 16.68 -38.00
N GLY B 201 -4.22 17.94 -38.39
CA GLY B 201 -3.16 18.79 -37.85
C GLY B 201 -3.22 18.91 -36.34
N TYR B 202 -4.44 19.01 -35.80
CA TYR B 202 -4.64 19.08 -34.36
C TYR B 202 -4.22 17.78 -33.67
N ILE B 203 -4.56 16.65 -34.29
CA ILE B 203 -4.19 15.33 -33.76
C ILE B 203 -2.68 15.14 -33.73
N ILE B 204 -1.98 15.66 -34.73
CA ILE B 204 -0.52 15.59 -34.80
C ILE B 204 0.11 16.41 -33.68
N LEU B 205 -0.48 17.57 -33.38
CA LEU B 205 0.00 18.43 -32.31
C LEU B 205 -0.07 17.74 -30.94
N LEU B 206 -1.12 16.94 -30.72
CA LEU B 206 -1.29 16.23 -29.46
C LEU B 206 -0.26 15.12 -29.29
N LEU B 207 0.00 14.35 -30.35
CA LEU B 207 0.93 13.23 -30.30
C LEU B 207 2.37 13.69 -30.04
N ILE B 208 2.76 14.80 -30.65
CA ILE B 208 4.10 15.35 -30.46
C ILE B 208 4.24 16.01 -29.10
N ALA B 209 3.18 16.67 -28.63
CA ALA B 209 3.20 17.39 -27.36
C ALA B 209 3.52 16.50 -26.16
N GLY B 210 3.11 15.23 -26.24
CA GLY B 210 3.33 14.29 -25.15
C GLY B 210 4.77 13.85 -24.95
N ASN B 211 5.62 14.10 -25.94
CA ASN B 211 7.02 13.68 -25.88
C ASN B 211 7.82 14.37 -24.77
N GLU B 212 7.35 15.55 -24.35
CA GLU B 212 8.01 16.29 -23.27
C GLU B 212 7.97 15.55 -21.94
N ALA B 213 6.84 14.88 -21.67
CA ALA B 213 6.67 14.13 -20.43
C ALA B 213 7.52 12.85 -20.41
N THR B 214 7.62 12.19 -21.56
CA THR B 214 8.40 10.96 -21.68
C THR B 214 9.89 11.22 -21.49
N THR B 215 10.36 12.34 -22.05
CA THR B 215 11.73 12.80 -21.85
C THR B 215 12.04 12.95 -20.37
N ASN B 216 11.15 13.62 -19.65
CA ASN B 216 11.33 13.85 -18.22
C ASN B 216 11.30 12.57 -17.38
N LEU B 217 10.44 11.63 -17.78
CA LEU B 217 10.40 10.32 -17.12
C LEU B 217 11.74 9.60 -17.23
N ILE B 218 12.32 9.62 -18.42
CA ILE B 218 13.62 9.01 -18.65
C ILE B 218 14.70 9.65 -17.77
N SER B 219 14.68 10.98 -17.71
CA SER B 219 15.65 11.74 -16.90
C SER B 219 15.45 11.46 -15.41
N ASN B 220 14.21 11.52 -14.95
CA ASN B 220 13.87 11.24 -13.56
C ASN B 220 14.24 9.83 -13.14
N SER B 221 14.01 8.87 -14.03
CA SER B 221 14.34 7.47 -13.79
C SER B 221 15.84 7.29 -13.56
N VAL B 222 16.65 7.87 -14.45
CA VAL B 222 18.10 7.79 -14.34
C VAL B 222 18.59 8.44 -13.05
N ILE B 223 17.97 9.55 -12.67
CA ILE B 223 18.27 10.23 -11.41
C ILE B 223 17.95 9.35 -10.21
N ASP B 224 16.74 8.77 -10.21
CA ASP B 224 16.28 7.97 -9.08
C ASP B 224 17.08 6.70 -8.90
N PHE B 225 17.41 6.03 -10.00
CA PHE B 225 18.16 4.77 -9.94
C PHE B 225 19.61 5.00 -9.51
N THR B 226 20.18 6.15 -9.85
CA THR B 226 21.57 6.45 -9.51
C THR B 226 21.70 6.90 -8.06
N ARG B 227 20.82 7.81 -7.63
CA ARG B 227 20.86 8.33 -6.27
C ARG B 227 20.55 7.28 -5.20
N PHE B 228 19.65 6.36 -5.52
CA PHE B 228 19.27 5.29 -4.59
C PHE B 228 20.01 3.97 -4.88
N ASN B 229 20.91 4.00 -5.85
CA ASN B 229 21.81 2.88 -6.12
C ASN B 229 21.07 1.57 -6.40
N LEU B 230 20.17 1.63 -7.37
CA LEU B 230 19.29 0.51 -7.69
C LEU B 230 19.66 -0.22 -8.98
N TRP B 231 20.64 0.31 -9.72
CA TRP B 231 21.00 -0.26 -11.02
C TRP B 231 21.33 -1.74 -10.95
N GLN B 232 22.20 -2.12 -10.01
CA GLN B 232 22.62 -3.51 -9.84
C GLN B 232 21.42 -4.42 -9.62
N ARG B 233 20.59 -4.07 -8.65
CA ARG B 233 19.41 -4.86 -8.33
C ARG B 233 18.38 -4.87 -9.46
N ILE B 234 18.21 -3.73 -10.14
CA ILE B 234 17.28 -3.64 -11.26
C ILE B 234 17.72 -4.56 -12.40
N ARG B 235 19.02 -4.61 -12.66
CA ARG B 235 19.59 -5.51 -13.67
C ARG B 235 19.40 -6.98 -13.27
N GLU B 236 19.83 -7.31 -12.06
CA GLU B 236 19.86 -8.68 -11.58
C GLU B 236 18.47 -9.31 -11.46
N GLU B 237 17.50 -8.51 -11.01
CA GLU B 237 16.14 -9.02 -10.76
C GLU B 237 15.15 -8.66 -11.86
N ASN B 238 15.62 -7.97 -12.91
CA ASN B 238 14.78 -7.56 -14.02
C ASN B 238 13.58 -6.73 -13.54
N LEU B 239 13.85 -5.65 -12.83
CA LEU B 239 12.80 -4.80 -12.24
C LEU B 239 12.41 -3.61 -13.11
N TYR B 240 12.78 -3.63 -14.39
CA TYR B 240 12.62 -2.47 -15.26
C TYR B 240 11.19 -1.91 -15.28
N LEU B 241 10.21 -2.79 -15.45
CA LEU B 241 8.81 -2.38 -15.49
C LEU B 241 8.35 -1.73 -14.19
N LYS B 242 8.55 -2.42 -13.08
CA LYS B 242 8.12 -1.93 -11.77
C LYS B 242 8.93 -0.72 -11.32
N ALA B 243 10.21 -0.70 -11.66
CA ALA B 243 11.10 0.41 -11.31
C ALA B 243 10.69 1.69 -12.02
N ILE B 244 10.26 1.56 -13.28
CA ILE B 244 9.75 2.70 -14.05
C ILE B 244 8.40 3.17 -13.50
N GLU B 245 7.53 2.23 -13.16
CA GLU B 245 6.27 2.56 -12.52
C GLU B 245 6.50 3.28 -11.20
N GLU B 246 7.55 2.86 -10.48
CA GLU B 246 7.93 3.52 -9.23
C GLU B 246 8.47 4.92 -9.49
N ALA B 247 9.25 5.06 -10.55
CA ALA B 247 9.74 6.37 -10.98
C ALA B 247 8.58 7.30 -11.33
N LEU B 248 7.55 6.75 -11.96
CA LEU B 248 6.33 7.52 -12.27
C LEU B 248 5.62 7.97 -11.00
N ARG B 249 5.52 7.10 -10.00
CA ARG B 249 4.91 7.44 -8.73
C ARG B 249 5.76 8.45 -7.97
N TYR B 250 7.04 8.15 -7.84
CA TYR B 250 7.95 8.94 -7.00
C TYR B 250 8.33 10.28 -7.62
N SER B 251 8.52 10.29 -8.94
CA SER B 251 8.94 11.48 -9.67
C SER B 251 8.07 11.70 -10.90
N PRO B 252 6.78 12.02 -10.68
CA PRO B 252 5.87 12.14 -11.82
C PRO B 252 6.23 13.33 -12.71
N PRO B 253 6.38 13.10 -14.03
CA PRO B 253 6.66 14.17 -14.99
C PRO B 253 5.69 15.35 -14.92
N VAL B 254 4.43 15.09 -14.57
CA VAL B 254 3.44 16.14 -14.35
C VAL B 254 3.03 16.13 -12.87
N MET B 255 3.27 17.24 -12.19
CA MET B 255 3.02 17.36 -10.75
C MET B 255 1.54 17.51 -10.44
N ARG B 256 0.83 18.26 -11.28
CA ARG B 256 -0.58 18.54 -11.02
C ARG B 256 -1.39 18.74 -12.30
N THR B 257 -2.72 18.65 -12.14
CA THR B 257 -3.66 18.94 -13.21
C THR B 257 -4.88 19.63 -12.58
N VAL B 258 -5.78 20.14 -13.43
CA VAL B 258 -6.87 20.99 -12.95
C VAL B 258 -8.21 20.64 -13.61
N ARG B 259 -9.28 20.77 -12.85
CA ARG B 259 -10.64 20.57 -13.35
C ARG B 259 -11.54 21.73 -12.93
N LYS B 260 -12.61 21.95 -13.69
CA LYS B 260 -13.65 22.90 -13.31
C LYS B 260 -14.87 22.14 -12.79
N THR B 261 -15.49 22.63 -11.74
CA THR B 261 -16.67 22.00 -11.17
C THR B 261 -17.89 22.25 -12.05
N LYS B 262 -18.46 21.18 -12.61
CA LYS B 262 -19.65 21.27 -13.45
C LYS B 262 -20.91 21.51 -12.62
N GLU B 263 -20.89 21.08 -11.35
CA GLU B 263 -22.02 21.29 -10.44
C GLU B 263 -21.52 21.40 -8.99
N ARG B 264 -22.46 21.47 -8.05
CA ARG B 264 -22.12 21.51 -6.63
C ARG B 264 -21.76 20.10 -6.14
N VAL B 265 -20.57 19.95 -5.58
CA VAL B 265 -20.07 18.65 -5.11
C VAL B 265 -19.36 18.81 -3.76
N LYS B 266 -19.37 17.74 -2.97
CA LYS B 266 -18.67 17.71 -1.69
C LYS B 266 -17.60 16.64 -1.67
N LEU B 267 -16.36 17.05 -1.37
CA LEU B 267 -15.25 16.12 -1.20
C LEU B 267 -14.94 15.93 0.28
N GLY B 268 -15.38 14.80 0.83
CA GLY B 268 -15.18 14.51 2.25
C GLY B 268 -16.05 15.39 3.13
N ASP B 269 -15.41 16.34 3.81
CA ASP B 269 -16.11 17.29 4.67
C ASP B 269 -16.48 18.57 3.91
N GLN B 270 -15.56 19.06 3.09
CA GLN B 270 -15.73 20.34 2.40
C GLN B 270 -16.81 20.29 1.32
N THR B 271 -17.32 21.48 0.97
CA THR B 271 -18.35 21.62 -0.05
C THR B 271 -17.90 22.63 -1.09
N ILE B 272 -17.82 22.20 -2.35
CA ILE B 272 -17.34 23.05 -3.44
C ILE B 272 -18.50 23.45 -4.36
N GLU B 273 -18.65 24.75 -4.59
CA GLU B 273 -19.73 25.27 -5.43
C GLU B 273 -19.41 25.09 -6.91
N GLU B 274 -20.42 25.31 -7.75
CA GLU B 274 -20.28 25.17 -9.19
C GLU B 274 -19.45 26.33 -9.77
N GLY B 275 -18.59 26.01 -10.74
CA GLY B 275 -17.72 27.01 -11.37
C GLY B 275 -16.39 27.22 -10.67
N GLU B 276 -16.16 26.50 -9.58
CA GLU B 276 -14.89 26.57 -8.85
C GLU B 276 -13.83 25.72 -9.56
N TYR B 277 -12.58 26.15 -9.47
CA TYR B 277 -11.46 25.39 -10.03
C TYR B 277 -10.78 24.56 -8.93
N VAL B 278 -10.49 23.30 -9.24
CA VAL B 278 -9.88 22.38 -8.28
C VAL B 278 -8.50 21.95 -8.77
N ARG B 279 -7.48 22.26 -7.98
CA ARG B 279 -6.10 21.89 -8.28
C ARG B 279 -5.77 20.51 -7.73
N VAL B 280 -5.49 19.58 -8.63
CA VAL B 280 -5.20 18.20 -8.26
C VAL B 280 -3.70 17.96 -8.22
N TRP B 281 -3.15 17.82 -7.00
CA TRP B 281 -1.73 17.55 -6.82
C TRP B 281 -1.44 16.05 -6.92
N ILE B 282 -1.11 15.60 -8.12
CA ILE B 282 -0.81 14.19 -8.38
C ILE B 282 0.41 13.74 -7.57
N ALA B 283 1.41 14.61 -7.48
CA ALA B 283 2.65 14.29 -6.76
C ALA B 283 2.39 13.98 -5.29
N SER B 284 1.47 14.71 -4.67
CA SER B 284 1.09 14.45 -3.28
C SER B 284 0.27 13.16 -3.15
N ALA B 285 -0.67 12.97 -4.08
CA ALA B 285 -1.51 11.78 -4.11
C ALA B 285 -0.66 10.51 -4.21
N ASN B 286 0.35 10.55 -5.08
CA ASN B 286 1.27 9.43 -5.27
C ASN B 286 2.10 9.10 -4.03
N ARG B 287 2.18 10.02 -3.07
CA ARG B 287 2.90 9.81 -1.83
C ARG B 287 1.96 9.57 -0.63
N ASP B 288 0.68 9.38 -0.90
CA ASP B 288 -0.30 9.21 0.18
C ASP B 288 0.00 7.95 0.98
N GLU B 289 0.27 8.12 2.27
CA GLU B 289 0.73 7.03 3.11
C GLU B 289 -0.31 5.92 3.29
N GLU B 290 -1.59 6.29 3.30
CA GLU B 290 -2.67 5.31 3.38
C GLU B 290 -2.59 4.33 2.21
N VAL B 291 -2.44 4.85 1.00
CA VAL B 291 -2.45 4.03 -0.21
C VAL B 291 -1.09 3.38 -0.46
N PHE B 292 -0.01 4.15 -0.30
CA PHE B 292 1.34 3.64 -0.53
C PHE B 292 2.10 3.56 0.79
N HIS B 293 2.21 2.36 1.34
CA HIS B 293 3.00 2.14 2.56
C HIS B 293 4.46 2.49 2.27
N ASP B 294 5.08 3.22 3.19
CA ASP B 294 6.39 3.83 2.95
C ASP B 294 6.36 4.61 1.65
N GLY B 295 5.43 5.56 1.56
CA GLY B 295 5.23 6.36 0.35
C GLY B 295 6.41 7.23 0.00
N GLU B 296 7.17 7.66 1.02
CA GLU B 296 8.32 8.52 0.81
C GLU B 296 9.60 7.75 0.49
N LYS B 297 9.49 6.43 0.37
CA LYS B 297 10.61 5.59 -0.04
C LYS B 297 10.45 5.16 -1.50
N PHE B 298 11.59 5.00 -2.18
CA PHE B 298 11.60 4.49 -3.54
C PHE B 298 11.80 2.99 -3.52
N ILE B 299 10.72 2.24 -3.74
CA ILE B 299 10.75 0.79 -3.76
C ILE B 299 10.57 0.30 -5.21
N PRO B 300 11.67 -0.14 -5.85
CA PRO B 300 11.66 -0.41 -7.29
C PRO B 300 10.88 -1.66 -7.69
N ASP B 301 10.53 -2.50 -6.72
CA ASP B 301 9.70 -3.67 -6.97
C ASP B 301 8.33 -3.51 -6.31
N ARG B 302 7.88 -2.27 -6.14
CA ARG B 302 6.58 -2.00 -5.55
C ARG B 302 5.49 -2.60 -6.42
N ASN B 303 4.56 -3.30 -5.80
CA ASN B 303 3.50 -3.99 -6.54
C ASN B 303 2.31 -4.32 -5.64
N PRO B 304 1.09 -3.94 -6.06
CA PRO B 304 0.77 -3.10 -7.22
C PRO B 304 1.14 -1.64 -6.98
N ASN B 305 1.12 -0.84 -8.04
CA ASN B 305 1.49 0.56 -7.98
C ASN B 305 0.48 1.42 -8.73
N PRO B 306 -0.67 1.69 -8.09
CA PRO B 306 -1.74 2.46 -8.73
C PRO B 306 -1.52 3.96 -8.63
N HIS B 307 -0.44 4.44 -9.24
CA HIS B 307 -0.14 5.87 -9.26
C HIS B 307 -1.09 6.60 -10.22
N LEU B 308 -1.24 7.90 -10.01
CA LEU B 308 -2.13 8.72 -10.83
C LEU B 308 -1.35 9.66 -11.73
N SER B 309 -0.08 9.35 -11.97
CA SER B 309 0.80 10.13 -12.84
C SER B 309 0.21 10.46 -14.21
N PHE B 310 -0.54 9.54 -14.80
CA PHE B 310 -1.16 9.75 -16.11
C PHE B 310 -2.50 10.48 -16.04
N GLY B 311 -3.08 10.57 -14.84
CA GLY B 311 -4.32 11.33 -14.63
C GLY B 311 -5.49 10.77 -15.41
N SER B 312 -5.61 9.45 -15.42
CA SER B 312 -6.61 8.76 -16.23
C SER B 312 -8.03 9.17 -15.85
N GLY B 313 -8.85 9.47 -16.86
CA GLY B 313 -10.28 9.69 -16.66
C GLY B 313 -11.03 8.38 -16.50
N ILE B 314 -12.36 8.47 -16.53
CA ILE B 314 -13.22 7.29 -16.37
C ILE B 314 -13.16 6.38 -17.59
N LEU B 316 -9.41 7.62 -20.25
CA LEU B 316 -8.02 7.38 -19.76
C LEU B 316 -6.99 8.12 -20.61
N HIS B 317 -5.73 8.07 -20.17
CA HIS B 317 -4.62 8.66 -20.91
C HIS B 317 -4.10 7.66 -21.94
N LEU B 318 -4.38 7.93 -23.22
CA LEU B 318 -4.19 6.95 -24.29
C LEU B 318 -2.77 6.89 -24.88
N GLY B 319 -1.90 7.79 -24.43
CA GLY B 319 -0.50 7.78 -24.85
C GLY B 319 0.46 7.14 -23.84
N ALA B 320 -0.09 6.49 -22.82
CA ALA B 320 0.72 5.91 -21.75
C ALA B 320 1.55 4.70 -22.19
N PRO B 321 0.97 3.80 -23.00
CA PRO B 321 1.72 2.62 -23.42
C PRO B 321 3.02 2.95 -24.15
N LEU B 322 2.97 3.94 -25.04
CA LEU B 322 4.16 4.35 -25.80
C LEU B 322 5.21 4.94 -24.88
N ALA B 323 4.78 5.81 -23.98
CA ALA B 323 5.67 6.42 -22.99
C ALA B 323 6.40 5.35 -22.19
N ARG B 324 5.65 4.40 -21.67
CA ARG B 324 6.21 3.31 -20.88
C ARG B 324 7.22 2.49 -21.69
N LEU B 325 6.85 2.14 -22.92
CA LEU B 325 7.71 1.34 -23.78
C LEU B 325 9.04 2.04 -24.06
N GLU B 326 8.96 3.29 -24.50
CA GLU B 326 10.14 4.08 -24.85
C GLU B 326 11.10 4.21 -23.67
N ALA B 327 10.57 4.54 -22.50
CA ALA B 327 11.36 4.65 -21.28
C ALA B 327 12.00 3.32 -20.91
N ARG B 328 11.20 2.25 -20.94
CA ARG B 328 11.68 0.90 -20.64
C ARG B 328 12.91 0.55 -21.47
N ILE B 329 12.80 0.68 -22.78
CA ILE B 329 13.89 0.32 -23.68
C ILE B 329 15.07 1.28 -23.51
N ALA B 330 14.79 2.55 -23.23
CA ALA B 330 15.84 3.54 -23.00
C ALA B 330 16.66 3.20 -21.76
N ILE B 331 15.98 2.91 -20.66
CA ILE B 331 16.66 2.53 -19.42
C ILE B 331 17.35 1.17 -19.59
N GLU B 332 16.68 0.23 -20.23
CA GLU B 332 17.28 -1.08 -20.50
C GLU B 332 18.63 -0.94 -21.21
N GLU B 333 18.62 -0.31 -22.38
CA GLU B 333 19.83 -0.18 -23.19
C GLU B 333 20.89 0.68 -22.50
N PHE B 334 20.45 1.72 -21.81
CA PHE B 334 21.37 2.53 -21.00
C PHE B 334 22.00 1.69 -19.89
N SER B 335 21.19 0.86 -19.24
CA SER B 335 21.66 0.00 -18.15
C SER B 335 22.67 -1.03 -18.64
N LYS B 336 22.36 -1.68 -19.76
CA LYS B 336 23.22 -2.72 -20.32
C LYS B 336 24.56 -2.17 -20.79
N ARG B 337 24.56 -0.93 -21.26
CA ARG B 337 25.77 -0.32 -21.82
C ARG B 337 26.73 0.16 -20.73
N PHE B 338 26.23 0.94 -19.78
CA PHE B 338 27.08 1.63 -18.81
C PHE B 338 26.92 1.06 -17.39
N ARG B 339 27.91 0.28 -16.98
CA ARG B 339 27.98 -0.28 -15.63
C ARG B 339 28.08 0.80 -14.55
N HIS B 340 28.94 1.78 -14.79
CA HIS B 340 29.28 2.80 -13.81
C HIS B 340 28.65 4.14 -14.20
N ILE B 341 27.82 4.70 -13.31
CA ILE B 341 27.04 5.90 -13.60
C ILE B 341 27.20 6.95 -12.50
N GLU B 342 27.76 8.10 -12.86
CA GLU B 342 27.90 9.24 -11.94
C GLU B 342 26.96 10.37 -12.38
N ILE B 343 26.55 11.19 -11.41
CA ILE B 343 25.81 12.42 -11.71
C ILE B 343 26.68 13.62 -11.36
N LEU B 344 27.24 14.26 -12.38
CA LEU B 344 28.16 15.37 -12.18
C LEU B 344 27.43 16.68 -11.92
N ASP B 345 26.42 16.98 -12.73
CA ASP B 345 25.66 18.22 -12.59
C ASP B 345 24.22 18.04 -13.06
N THR B 346 23.30 18.76 -12.44
CA THR B 346 21.90 18.74 -12.84
C THR B 346 21.33 20.15 -12.87
N GLU B 347 20.41 20.40 -13.80
CA GLU B 347 19.60 21.61 -13.79
C GLU B 347 18.13 21.21 -13.95
N LYS B 348 17.32 21.56 -12.96
CA LYS B 348 15.89 21.28 -12.97
C LYS B 348 15.20 22.24 -13.92
N VAL B 349 14.14 21.79 -14.60
CA VAL B 349 13.32 22.71 -15.40
C VAL B 349 12.58 23.64 -14.44
N PRO B 350 12.62 24.95 -14.71
CA PRO B 350 12.13 25.92 -13.74
C PRO B 350 10.61 26.05 -13.76
N ASN B 351 9.92 25.01 -13.32
CA ASN B 351 8.46 24.95 -13.40
C ASN B 351 7.86 24.23 -12.19
N GLU B 352 6.66 24.67 -11.81
CA GLU B 352 5.95 24.09 -10.66
C GLU B 352 5.05 22.93 -11.09
N VAL B 353 4.67 22.90 -12.37
CA VAL B 353 3.78 21.86 -12.90
C VAL B 353 4.58 20.69 -13.46
N LEU B 354 5.62 20.98 -14.23
CA LEU B 354 6.45 19.94 -14.83
C LEU B 354 7.64 19.58 -13.94
N ASN B 355 7.94 18.29 -13.87
CA ASN B 355 9.03 17.78 -13.06
C ASN B 355 10.02 17.03 -13.95
N GLY B 356 11.18 17.64 -14.17
CA GLY B 356 12.20 17.06 -15.04
C GLY B 356 13.50 17.83 -14.99
N TYR B 357 14.41 17.50 -15.90
CA TYR B 357 15.73 18.11 -15.93
C TYR B 357 16.05 18.72 -17.29
N LYS B 358 16.43 19.99 -17.27
CA LYS B 358 16.91 20.68 -18.47
C LYS B 358 18.30 20.14 -18.81
N ARG B 359 19.12 19.97 -17.78
CA ARG B 359 20.48 19.44 -17.91
C ARG B 359 20.69 18.30 -16.91
N LEU B 360 21.35 17.24 -17.38
CA LEU B 360 21.74 16.13 -16.52
C LEU B 360 23.07 15.56 -17.00
N VAL B 361 24.16 16.05 -16.41
CA VAL B 361 25.51 15.69 -16.85
C VAL B 361 26.04 14.49 -16.08
N VAL B 362 26.56 13.50 -16.81
CA VAL B 362 26.98 12.23 -16.21
C VAL B 362 28.43 11.86 -16.57
N ARG B 363 29.03 11.00 -15.75
CA ARG B 363 30.29 10.35 -16.09
C ARG B 363 30.06 8.85 -16.15
N LEU B 364 30.43 8.24 -17.28
CA LEU B 364 30.13 6.83 -17.55
C LEU B 364 31.38 5.96 -17.72
N LYS B 365 32.56 6.52 -17.47
CA LYS B 365 33.82 5.80 -17.63
C LYS B 365 34.29 5.22 -16.30
N MET C 1 14.35 15.67 -2.74
CA MET C 1 15.82 15.53 -2.52
C MET C 1 16.18 15.31 -1.05
N TYR C 2 15.29 15.69 -0.13
CA TYR C 2 15.51 15.47 1.29
C TYR C 2 15.23 14.03 1.72
N ASP C 3 14.37 13.34 0.97
CA ASP C 3 14.18 11.90 1.17
C ASP C 3 15.41 11.10 0.78
N TRP C 4 16.15 11.59 -0.22
CA TRP C 4 17.42 10.98 -0.62
C TRP C 4 18.49 11.12 0.47
N PHE C 5 18.55 12.29 1.09
CA PHE C 5 19.51 12.52 2.18
C PHE C 5 19.31 11.54 3.32
N SER C 6 18.05 11.24 3.63
CA SER C 6 17.72 10.28 4.70
C SER C 6 18.31 8.90 4.43
N GLU C 7 18.22 8.45 3.18
CA GLU C 7 18.76 7.15 2.79
C GLU C 7 20.27 7.09 2.96
N MET C 8 20.95 8.19 2.64
CA MET C 8 22.40 8.26 2.79
C MET C 8 22.80 8.29 4.26
N ARG C 9 22.07 9.07 5.07
CA ARG C 9 22.31 9.11 6.51
C ARG C 9 22.19 7.74 7.16
N LYS C 10 21.30 6.90 6.62
CA LYS C 10 21.12 5.54 7.12
C LYS C 10 22.15 4.57 6.54
N LYS C 11 22.36 4.63 5.23
CA LYS C 11 23.19 3.65 4.53
C LYS C 11 24.65 4.10 4.37
N ASP C 12 24.86 5.25 3.72
CA ASP C 12 26.20 5.74 3.43
C ASP C 12 26.35 7.22 3.80
N PRO C 13 26.61 7.50 5.08
CA PRO C 13 26.92 8.87 5.50
C PRO C 13 28.14 9.43 4.78
N VAL C 14 29.16 8.59 4.59
CA VAL C 14 30.32 8.92 3.77
C VAL C 14 30.29 8.05 2.53
N TYR C 15 30.17 8.69 1.36
CA TYR C 15 29.96 7.99 0.10
C TYR C 15 31.07 8.31 -0.91
N TYR C 16 31.34 7.36 -1.81
CA TYR C 16 32.22 7.59 -2.95
C TYR C 16 31.52 7.12 -4.23
N ASP C 17 31.22 8.08 -5.10
CA ASP C 17 30.49 7.80 -6.34
C ASP C 17 31.41 7.39 -7.49
N GLY C 18 32.72 7.50 -7.27
CA GLY C 18 33.71 7.24 -8.31
C GLY C 18 34.50 8.50 -8.63
N ASN C 19 33.80 9.62 -8.73
CA ASN C 19 34.43 10.91 -8.98
C ASN C 19 34.97 11.53 -7.69
N ILE C 20 34.08 11.83 -6.75
CA ILE C 20 34.45 12.55 -5.53
C ILE C 20 33.78 11.98 -4.28
N TRP C 21 34.28 12.36 -3.12
CA TRP C 21 33.72 11.95 -1.85
C TRP C 21 32.53 12.82 -1.47
N GLN C 22 31.54 12.23 -0.82
CA GLN C 22 30.34 12.95 -0.40
C GLN C 22 29.98 12.61 1.05
N VAL C 23 29.62 13.63 1.83
CA VAL C 23 29.31 13.46 3.25
C VAL C 23 27.89 13.95 3.54
N PHE C 24 27.13 13.15 4.28
CA PHE C 24 25.70 13.42 4.49
C PHE C 24 25.26 13.61 5.95
N SER C 25 26.11 13.25 6.90
CA SER C 25 25.73 13.32 8.32
C SER C 25 26.36 14.52 9.02
N TYR C 26 25.87 14.80 10.22
CA TYR C 26 26.31 15.97 11.00
C TYR C 26 27.74 15.83 11.51
N ARG C 27 28.05 14.66 12.08
CA ARG C 27 29.35 14.41 12.71
C ARG C 27 30.51 14.66 11.74
N TYR C 28 30.41 14.11 10.54
CA TYR C 28 31.48 14.20 9.57
C TYR C 28 31.48 15.53 8.81
N THR C 29 30.30 16.14 8.67
CA THR C 29 30.17 17.46 8.05
C THR C 29 30.89 18.51 8.90
N LYS C 30 30.61 18.52 10.20
CA LYS C 30 31.25 19.45 11.13
C LYS C 30 32.77 19.26 11.18
N GLU C 31 33.20 18.00 11.12
CA GLU C 31 34.61 17.67 11.22
C GLU C 31 35.39 18.09 9.98
N VAL C 32 34.81 17.85 8.80
CA VAL C 32 35.46 18.19 7.54
C VAL C 32 35.63 19.71 7.38
N LEU C 33 34.65 20.47 7.87
CA LEU C 33 34.70 21.93 7.78
C LEU C 33 35.67 22.54 8.79
N ASN C 34 35.70 22.00 10.00
CA ASN C 34 36.47 22.57 11.10
C ASN C 34 37.95 22.16 11.12
N ASN C 35 38.24 20.93 10.74
CA ASN C 35 39.61 20.40 10.78
C ASN C 35 40.45 20.93 9.63
N PHE C 36 40.95 22.16 9.78
CA PHE C 36 41.65 22.85 8.70
C PHE C 36 43.03 22.29 8.38
N SER C 37 43.61 21.53 9.32
CA SER C 37 44.88 20.85 9.09
C SER C 37 44.72 19.69 8.10
N LYS C 38 43.66 18.91 8.29
CA LYS C 38 43.37 17.76 7.43
C LYS C 38 42.74 18.19 6.11
N PHE C 39 41.76 19.09 6.17
CA PHE C 39 40.99 19.50 5.00
C PHE C 39 41.24 20.96 4.65
N SER C 40 41.27 21.26 3.35
CA SER C 40 41.67 22.57 2.85
C SER C 40 40.55 23.30 2.11
N SER C 41 40.53 24.61 2.25
CA SER C 41 39.57 25.47 1.55
C SER C 41 40.00 25.80 0.13
N ASP C 42 41.31 25.76 -0.12
CA ASP C 42 41.86 26.08 -1.44
C ASP C 42 41.53 24.99 -2.45
N PRO C 73 42.68 32.59 -3.71
CA PRO C 73 43.43 32.37 -2.45
C PRO C 73 44.06 33.64 -1.88
N PRO C 74 44.89 34.35 -2.67
CA PRO C 74 45.29 35.68 -2.20
C PRO C 74 44.14 36.68 -2.28
N LEU C 75 43.26 36.49 -3.26
CA LEU C 75 42.02 37.24 -3.37
C LEU C 75 41.12 36.98 -2.16
N HIS C 76 41.01 35.71 -1.79
CA HIS C 76 40.21 35.32 -0.63
C HIS C 76 40.68 36.02 0.65
N ASP C 77 42.00 36.16 0.79
CA ASP C 77 42.57 36.89 1.91
C ASP C 77 42.22 38.37 1.83
N GLU C 78 42.39 38.95 0.65
CA GLU C 78 42.06 40.36 0.41
C GLU C 78 40.58 40.65 0.67
N LEU C 79 39.72 39.76 0.17
CA LEU C 79 38.27 39.87 0.39
C LEU C 79 37.90 39.70 1.85
N ARG C 80 38.48 38.69 2.50
CA ARG C 80 38.22 38.41 3.91
C ARG C 80 38.72 39.54 4.80
N SER C 81 39.85 40.15 4.41
CA SER C 81 40.38 41.32 5.12
C SER C 81 39.47 42.52 4.98
N MET C 82 38.97 42.74 3.77
CA MET C 82 38.02 43.81 3.49
C MET C 82 36.76 43.68 4.33
N SER C 83 36.25 42.45 4.40
CA SER C 83 34.99 42.17 5.10
C SER C 83 35.07 42.34 6.61
N ALA C 84 36.27 42.13 7.18
CA ALA C 84 36.48 42.29 8.61
C ALA C 84 36.26 43.74 9.04
N ASP C 85 36.77 44.67 8.25
CA ASP C 85 36.64 46.10 8.54
C ASP C 85 35.18 46.56 8.51
N ILE C 86 34.48 46.18 7.45
CA ILE C 86 33.14 46.70 7.18
C ILE C 86 32.02 46.02 7.96
N PHE C 87 32.28 44.84 8.54
CA PHE C 87 31.29 44.11 9.31
C PHE C 87 31.70 43.98 10.78
N SER C 88 31.84 45.12 11.46
CA SER C 88 32.10 45.13 12.90
C SER C 88 30.78 45.02 13.67
N PRO C 89 30.81 44.46 14.89
CA PRO C 89 29.61 44.38 15.71
C PRO C 89 29.01 45.74 16.09
N GLN C 90 29.87 46.75 16.23
CA GLN C 90 29.40 48.11 16.52
C GLN C 90 28.63 48.71 15.34
N LYS C 91 29.05 48.36 14.12
CA LYS C 91 28.42 48.87 12.91
C LYS C 91 26.99 48.32 12.71
N LEU C 92 26.74 47.13 13.22
CA LEU C 92 25.40 46.53 13.15
C LEU C 92 24.37 47.34 13.93
N GLN C 93 24.72 47.76 15.13
CA GLN C 93 23.82 48.55 15.99
C GLN C 93 23.39 49.83 15.30
N THR C 94 24.34 50.49 14.64
CA THR C 94 24.07 51.72 13.88
C THR C 94 23.21 51.43 12.65
N LEU C 95 23.49 50.32 11.97
CA LEU C 95 22.75 49.92 10.78
C LEU C 95 21.33 49.45 11.07
N GLU C 96 21.08 48.95 12.28
CA GLU C 96 19.78 48.38 12.64
C GLU C 96 18.62 49.29 12.24
N THR C 97 18.75 50.57 12.55
CA THR C 97 17.70 51.55 12.25
C THR C 97 17.53 51.76 10.75
N PHE C 98 18.65 51.78 10.02
CA PHE C 98 18.62 51.94 8.57
C PHE C 98 17.97 50.74 7.88
N ILE C 99 18.30 49.53 8.35
CA ILE C 99 17.78 48.29 7.78
C ILE C 99 16.26 48.21 7.95
N ARG C 100 15.78 48.61 9.12
CA ARG C 100 14.35 48.60 9.42
C ARG C 100 13.60 49.65 8.59
N GLU C 101 14.20 50.82 8.43
CA GLU C 101 13.59 51.88 7.62
C GLU C 101 13.60 51.50 6.15
N THR C 102 14.71 50.93 5.69
CA THR C 102 14.81 50.38 4.34
C THR C 102 13.75 49.31 4.10
N THR C 103 13.60 48.41 5.06
CA THR C 103 12.62 47.33 4.97
C THR C 103 11.21 47.88 4.78
N ARG C 104 10.83 48.81 5.65
CA ARG C 104 9.48 49.39 5.62
C ARG C 104 9.19 50.13 4.31
N SER C 105 10.20 50.81 3.78
CA SER C 105 10.09 51.51 2.51
C SER C 105 9.78 50.53 1.37
N LEU C 106 10.42 49.37 1.40
CA LEU C 106 10.23 48.35 0.37
C LEU C 106 8.84 47.73 0.44
N LEU C 107 8.28 47.61 1.64
CA LEU C 107 6.94 47.06 1.82
C LEU C 107 5.87 47.98 1.27
N ASP C 108 6.09 49.30 1.36
CA ASP C 108 5.18 50.28 0.79
C ASP C 108 4.99 50.09 -0.72
N SER C 109 6.05 49.64 -1.39
CA SER C 109 6.02 49.41 -2.84
C SER C 109 5.27 48.13 -3.21
N ILE C 110 5.11 47.22 -2.26
CA ILE C 110 4.43 45.95 -2.50
C ILE C 110 2.94 46.16 -2.76
N ASP C 111 2.45 45.56 -3.85
CA ASP C 111 1.04 45.58 -4.20
C ASP C 111 0.35 44.38 -3.53
N PRO C 112 -0.60 44.65 -2.60
CA PRO C 112 -1.26 43.57 -1.89
C PRO C 112 -2.09 42.64 -2.79
N ARG C 113 -2.57 43.17 -3.92
CA ARG C 113 -3.37 42.37 -4.85
C ARG C 113 -2.54 41.25 -5.45
N GLU C 114 -1.39 41.60 -6.01
CA GLU C 114 -0.47 40.62 -6.59
C GLU C 114 0.91 41.25 -6.77
N ASP C 115 1.94 40.64 -6.19
CA ASP C 115 3.30 41.14 -6.34
C ASP C 115 4.33 40.04 -6.05
N ASP C 116 5.54 40.24 -6.57
CA ASP C 116 6.65 39.32 -6.37
C ASP C 116 7.51 39.76 -5.19
N ILE C 117 7.63 38.90 -4.19
CA ILE C 117 8.39 39.23 -2.98
C ILE C 117 9.90 39.25 -3.22
N VAL C 118 10.37 38.44 -4.18
CA VAL C 118 11.79 38.39 -4.50
C VAL C 118 12.26 39.72 -5.09
N LYS C 119 11.52 40.21 -6.09
CA LYS C 119 11.84 41.48 -6.74
C LYS C 119 11.65 42.68 -5.82
N LYS C 120 10.64 42.62 -4.95
CA LYS C 120 10.26 43.78 -4.14
C LYS C 120 10.93 43.86 -2.77
N LEU C 121 11.27 42.71 -2.17
CA LEU C 121 11.80 42.68 -0.81
C LEU C 121 13.14 41.98 -0.67
N ALA C 122 13.22 40.75 -1.15
CA ALA C 122 14.37 39.88 -0.91
C ALA C 122 15.64 40.35 -1.62
N VAL C 123 15.50 40.79 -2.88
CA VAL C 123 16.64 41.26 -3.66
C VAL C 123 17.09 42.68 -3.28
N PRO C 124 16.15 43.64 -3.18
CA PRO C 124 16.54 45.02 -2.87
C PRO C 124 17.21 45.24 -1.52
N LEU C 125 16.67 44.64 -0.46
CA LEU C 125 17.09 44.97 0.90
C LEU C 125 18.58 44.74 1.16
N PRO C 126 19.09 43.53 0.88
CA PRO C 126 20.51 43.29 1.12
C PRO C 126 21.45 44.15 0.26
N ILE C 127 21.04 44.48 -0.96
CA ILE C 127 21.86 45.31 -1.86
C ILE C 127 21.88 46.77 -1.40
N ILE C 128 20.75 47.28 -0.92
CA ILE C 128 20.68 48.64 -0.39
C ILE C 128 21.54 48.79 0.87
N VAL C 129 21.59 47.74 1.69
CA VAL C 129 22.35 47.80 2.94
C VAL C 129 23.85 47.72 2.70
N ILE C 130 24.28 46.81 1.83
CA ILE C 130 25.70 46.68 1.48
C ILE C 130 26.20 47.94 0.78
N SER C 131 25.32 48.58 0.01
CA SER C 131 25.64 49.83 -0.68
C SER C 131 25.86 50.97 0.32
N LYS C 132 25.03 51.02 1.36
CA LYS C 132 25.20 51.98 2.45
C LYS C 132 26.54 51.78 3.15
N ILE C 133 26.88 50.53 3.39
CA ILE C 133 28.12 50.18 4.08
C ILE C 133 29.34 50.58 3.25
N LEU C 134 29.36 50.20 1.97
CA LEU C 134 30.50 50.47 1.11
C LEU C 134 30.59 51.95 0.70
N GLY C 135 29.50 52.69 0.82
CA GLY C 135 29.47 54.11 0.45
C GLY C 135 28.95 54.34 -0.95
N LEU C 136 28.37 53.29 -1.55
CA LEU C 136 27.77 53.40 -2.88
C LEU C 136 26.52 54.28 -2.82
N PRO C 137 26.16 54.93 -3.94
CA PRO C 137 25.02 55.84 -3.94
C PRO C 137 23.64 55.17 -3.89
N ILE C 138 23.60 53.85 -3.82
CA ILE C 138 22.34 53.10 -3.84
C ILE C 138 21.82 52.95 -2.40
N GLU C 139 21.42 54.07 -1.79
CA GLU C 139 21.07 54.09 -0.37
C GLU C 139 19.56 54.09 -0.11
N ASP C 140 18.75 53.98 -1.17
CA ASP C 140 17.29 54.00 -1.02
C ASP C 140 16.62 53.13 -2.08
N LYS C 141 15.31 52.92 -1.91
CA LYS C 141 14.52 52.15 -2.87
C LYS C 141 14.46 52.84 -4.22
N GLU C 142 14.33 54.16 -4.21
CA GLU C 142 14.30 54.95 -5.44
C GLU C 142 15.59 54.80 -6.23
N LYS C 143 16.72 54.83 -5.53
CA LYS C 143 18.03 54.72 -6.18
C LYS C 143 18.35 53.28 -6.60
N PHE C 144 17.75 52.31 -5.93
CA PHE C 144 17.89 50.91 -6.35
C PHE C 144 17.29 50.71 -7.73
N LYS C 145 16.08 51.21 -7.94
CA LYS C 145 15.41 51.14 -9.24
C LYS C 145 16.29 51.63 -10.37
N GLU C 146 17.04 52.71 -10.11
CA GLU C 146 17.97 53.26 -11.09
C GLU C 146 19.11 52.29 -11.38
N TRP C 147 19.73 51.77 -10.33
CA TRP C 147 20.90 50.91 -10.45
C TRP C 147 20.56 49.42 -10.56
N SER C 148 19.27 49.07 -10.40
CA SER C 148 18.83 47.68 -10.33
C SER C 148 19.37 46.82 -11.49
N ASP C 149 19.26 47.33 -12.71
CA ASP C 149 19.66 46.60 -13.89
C ASP C 149 21.16 46.26 -13.91
N LEU C 150 21.97 47.10 -13.29
CA LEU C 150 23.42 46.93 -13.28
C LEU C 150 23.93 46.14 -12.08
N VAL C 151 23.46 46.48 -10.89
CA VAL C 151 24.08 46.02 -9.65
C VAL C 151 23.47 44.75 -9.08
N ALA C 152 22.17 44.53 -9.31
CA ALA C 152 21.51 43.30 -8.88
C ALA C 152 22.13 42.07 -9.55
N PHE C 153 22.65 42.25 -10.77
CA PHE C 153 23.38 41.20 -11.47
C PHE C 153 24.72 40.94 -10.80
N ILE C 161 28.31 52.40 -23.15
CA ILE C 161 29.65 52.21 -22.52
C ILE C 161 30.28 53.52 -22.05
N PHE C 162 29.94 54.63 -22.70
CA PHE C 162 30.39 55.95 -22.26
C PHE C 162 29.87 56.27 -20.87
N GLU C 163 28.59 55.98 -20.64
CA GLU C 163 27.97 56.16 -19.32
C GLU C 163 28.26 54.97 -18.40
N LEU C 164 28.37 53.77 -18.98
CA LEU C 164 28.57 52.55 -18.21
C LEU C 164 29.96 52.50 -17.57
N GLY C 165 30.99 52.69 -18.39
CA GLY C 165 32.36 52.75 -17.91
C GLY C 165 32.54 53.84 -16.87
N LYS C 166 31.93 54.99 -17.14
CA LYS C 166 31.90 56.10 -16.19
C LYS C 166 31.28 55.66 -14.86
N LYS C 167 30.06 55.13 -14.92
CA LYS C 167 29.36 54.63 -13.74
C LYS C 167 30.17 53.58 -12.97
N TYR C 168 30.87 52.72 -13.70
CA TYR C 168 31.73 51.71 -13.09
C TYR C 168 32.83 52.36 -12.24
N LEU C 169 33.51 53.35 -12.80
CA LEU C 169 34.55 54.08 -12.10
C LEU C 169 33.97 54.95 -10.98
N GLU C 170 32.80 55.53 -11.23
CA GLU C 170 32.11 56.34 -10.23
C GLU C 170 31.92 55.55 -8.93
N LEU C 171 31.39 54.34 -9.05
CA LEU C 171 31.12 53.48 -7.90
C LEU C 171 32.39 53.14 -7.13
N ILE C 172 33.45 52.79 -7.86
CA ILE C 172 34.75 52.53 -7.24
C ILE C 172 35.25 53.77 -6.51
N GLY C 173 35.06 54.94 -7.12
CA GLY C 173 35.41 56.20 -6.49
C GLY C 173 34.64 56.47 -5.21
N TYR C 174 33.34 56.14 -5.23
CA TYR C 174 32.50 56.27 -4.04
C TYR C 174 32.99 55.40 -2.89
N VAL C 175 33.34 54.15 -3.22
CA VAL C 175 33.80 53.19 -2.21
C VAL C 175 35.23 53.51 -1.75
N LYS C 176 36.08 53.87 -2.71
CA LYS C 176 37.43 54.36 -2.41
C LYS C 176 37.41 55.49 -1.38
N ASP C 177 36.51 56.44 -1.56
CA ASP C 177 36.41 57.61 -0.68
C ASP C 177 35.84 57.29 0.71
N HIS C 178 35.04 56.24 0.79
CA HIS C 178 34.26 55.95 2.00
C HIS C 178 35.00 55.07 3.01
N LEU C 179 35.78 54.11 2.53
CA LEU C 179 36.47 53.16 3.41
C LEU C 179 37.77 53.75 3.97
N ASN C 180 38.21 53.20 5.11
CA ASN C 180 39.33 53.76 5.87
C ASN C 180 40.60 52.90 5.82
N SER C 181 41.24 52.90 4.64
CA SER C 181 42.60 52.40 4.47
C SER C 181 42.80 50.89 4.70
N GLY C 182 42.00 50.08 4.02
CA GLY C 182 42.36 48.68 3.78
C GLY C 182 43.31 48.65 2.59
N THR C 183 44.31 47.80 2.62
CA THR C 183 45.37 47.80 1.58
C THR C 183 44.82 47.81 0.15
N GLU C 184 43.70 47.14 -0.07
CA GLU C 184 43.02 47.17 -1.37
C GLU C 184 42.51 48.57 -1.70
N VAL C 185 42.01 49.26 -0.68
CA VAL C 185 41.56 50.65 -0.83
C VAL C 185 42.75 51.60 -0.95
N VAL C 186 43.77 51.40 -0.13
CA VAL C 186 44.92 52.30 -0.06
C VAL C 186 45.61 52.44 -1.42
N SER C 187 45.83 51.32 -2.10
CA SER C 187 46.46 51.32 -3.42
C SER C 187 45.65 52.10 -4.46
N ARG C 188 44.33 52.04 -4.35
CA ARG C 188 43.43 52.69 -5.31
C ARG C 188 43.31 54.19 -5.07
N VAL C 189 43.44 54.63 -3.82
CA VAL C 189 43.26 56.05 -3.47
C VAL C 189 44.06 56.98 -4.40
N VAL C 190 45.27 56.56 -4.77
CA VAL C 190 46.06 57.28 -5.76
C VAL C 190 45.53 57.00 -7.17
N SER C 192 49.69 55.49 -11.53
CA SER C 192 48.27 55.14 -11.27
C SER C 192 47.96 53.73 -11.80
N ASN C 193 47.98 52.75 -10.90
CA ASN C 193 47.86 51.35 -11.27
C ASN C 193 46.43 50.93 -11.55
N LEU C 194 46.20 50.32 -12.72
CA LEU C 194 44.87 49.91 -13.14
C LEU C 194 44.46 48.58 -12.54
N SER C 195 45.41 47.65 -12.41
CA SER C 195 45.13 46.33 -11.82
C SER C 195 44.62 46.45 -10.38
N ASP C 196 45.15 47.42 -9.64
CA ASP C 196 44.67 47.69 -8.28
C ASP C 196 43.23 48.18 -8.29
N ILE C 197 42.89 49.02 -9.25
CA ILE C 197 41.52 49.53 -9.40
C ILE C 197 40.59 48.40 -9.83
N GLU C 198 41.07 47.57 -10.77
CA GLU C 198 40.34 46.37 -11.20
C GLU C 198 40.02 45.46 -10.03
N LYS C 199 40.96 45.30 -9.11
CA LYS C 199 40.80 44.43 -7.94
C LYS C 199 39.69 44.94 -7.01
N LEU C 200 39.69 46.24 -6.72
CA LEU C 200 38.71 46.83 -5.82
C LEU C 200 37.30 46.68 -6.37
N GLY C 201 37.14 46.90 -7.67
CA GLY C 201 35.84 46.72 -8.33
C GLY C 201 35.37 45.28 -8.30
N TYR C 202 36.32 44.35 -8.43
CA TYR C 202 36.02 42.91 -8.37
C TYR C 202 35.65 42.50 -6.95
N ILE C 203 36.28 43.11 -5.96
CA ILE C 203 35.94 42.89 -4.56
C ILE C 203 34.54 43.43 -4.28
N ILE C 204 34.23 44.60 -4.82
CA ILE C 204 32.90 45.20 -4.70
C ILE C 204 31.85 44.31 -5.36
N LEU C 205 32.18 43.72 -6.51
CA LEU C 205 31.29 42.78 -7.18
C LEU C 205 30.98 41.57 -6.28
N LEU C 206 32.04 40.95 -5.76
CA LEU C 206 31.89 39.74 -4.95
C LEU C 206 31.14 39.99 -3.65
N LEU C 207 31.36 41.16 -3.03
CA LEU C 207 30.67 41.51 -1.79
C LEU C 207 29.16 41.63 -1.99
N ILE C 208 28.76 42.17 -3.14
CA ILE C 208 27.36 42.29 -3.50
C ILE C 208 26.76 40.92 -3.82
N ALA C 209 27.50 40.12 -4.59
CA ALA C 209 27.06 38.78 -4.97
C ALA C 209 26.75 37.91 -3.75
N GLY C 210 27.59 38.01 -2.72
CA GLY C 210 27.42 37.26 -1.49
C GLY C 210 26.09 37.47 -0.78
N ASN C 211 25.48 38.64 -0.96
CA ASN C 211 24.18 38.94 -0.36
C ASN C 211 23.01 38.17 -0.99
N GLU C 212 23.26 37.52 -2.13
CA GLU C 212 22.24 36.69 -2.77
C GLU C 212 21.82 35.51 -1.89
N ALA C 213 22.73 35.07 -1.03
CA ALA C 213 22.43 34.04 -0.04
C ALA C 213 21.39 34.54 0.98
N THR C 214 21.52 35.80 1.37
CA THR C 214 20.57 36.44 2.29
C THR C 214 19.21 36.61 1.62
N THR C 215 19.22 37.02 0.35
CA THR C 215 18.01 37.09 -0.46
C THR C 215 17.23 35.78 -0.37
N ASN C 216 17.95 34.67 -0.55
CA ASN C 216 17.34 33.34 -0.51
C ASN C 216 16.82 32.98 0.88
N LEU C 217 17.59 33.32 1.91
CA LEU C 217 17.18 33.09 3.30
C LEU C 217 15.86 33.80 3.60
N ILE C 218 15.74 35.04 3.12
CA ILE C 218 14.51 35.82 3.28
C ILE C 218 13.35 35.16 2.55
N SER C 219 13.58 34.78 1.29
CA SER C 219 12.55 34.11 0.49
C SER C 219 12.15 32.76 1.08
N ASN C 220 13.16 31.98 1.47
CA ASN C 220 12.92 30.66 2.07
C ASN C 220 12.18 30.75 3.41
N SER C 221 12.48 31.79 4.19
CA SER C 221 11.76 32.04 5.43
C SER C 221 10.27 32.26 5.16
N VAL C 222 9.96 33.08 4.17
CA VAL C 222 8.59 33.43 3.84
C VAL C 222 7.79 32.19 3.42
N ILE C 223 8.39 31.37 2.55
CA ILE C 223 7.78 30.10 2.13
C ILE C 223 7.56 29.17 3.33
N ASP C 224 8.58 29.00 4.14
CA ASP C 224 8.52 28.06 5.28
C ASP C 224 7.45 28.45 6.29
N PHE C 225 7.38 29.73 6.64
CA PHE C 225 6.40 30.19 7.63
C PHE C 225 4.98 30.13 7.08
N THR C 226 4.83 30.42 5.79
CA THR C 226 3.51 30.40 5.14
C THR C 226 2.99 28.98 5.00
N ARG C 227 3.81 28.10 4.43
CA ARG C 227 3.42 26.72 4.15
C ARG C 227 3.04 25.96 5.42
N PHE C 228 3.82 26.15 6.48
CA PHE C 228 3.56 25.49 7.77
C PHE C 228 2.76 26.39 8.72
N ASN C 229 2.31 27.54 8.23
CA ASN C 229 1.35 28.40 8.93
C ASN C 229 1.85 28.82 10.31
N LEU C 230 3.06 29.38 10.36
CA LEU C 230 3.72 29.73 11.62
C LEU C 230 3.72 31.22 11.93
N TRP C 231 3.18 32.03 11.03
CA TRP C 231 3.22 33.48 11.17
C TRP C 231 2.64 33.97 12.50
N GLN C 232 1.42 33.55 12.80
CA GLN C 232 0.72 33.99 14.02
C GLN C 232 1.47 33.57 15.28
N ARG C 233 2.02 32.36 15.28
CA ARG C 233 2.69 31.82 16.45
C ARG C 233 4.00 32.55 16.73
N ILE C 234 4.71 32.92 15.66
CA ILE C 234 5.98 33.62 15.77
C ILE C 234 5.79 35.04 16.33
N ARG C 235 4.70 35.71 15.91
CA ARG C 235 4.34 37.02 16.45
C ARG C 235 4.09 36.96 17.95
N GLU C 236 3.28 36.00 18.38
CA GLU C 236 2.82 35.92 19.77
C GLU C 236 3.92 35.51 20.74
N GLU C 237 4.69 34.49 20.37
CA GLU C 237 5.77 33.98 21.23
C GLU C 237 7.12 34.66 20.97
N ASN C 238 7.15 35.62 20.05
CA ASN C 238 8.38 36.34 19.70
C ASN C 238 9.50 35.39 19.29
N LEU C 239 9.24 34.59 18.27
CA LEU C 239 10.15 33.52 17.85
C LEU C 239 11.02 33.89 16.65
N TYR C 240 11.05 35.17 16.29
CA TYR C 240 11.76 35.61 15.08
C TYR C 240 13.20 35.11 15.08
N LEU C 241 13.91 35.31 16.18
CA LEU C 241 15.31 34.93 16.27
C LEU C 241 15.48 33.43 16.01
N LYS C 242 14.72 32.61 16.74
CA LYS C 242 14.79 31.16 16.60
C LYS C 242 14.20 30.67 15.27
N ALA C 243 13.24 31.41 14.73
CA ALA C 243 12.58 31.05 13.48
C ALA C 243 13.51 31.25 12.28
N ILE C 244 14.33 32.29 12.32
CA ILE C 244 15.34 32.52 11.30
C ILE C 244 16.40 31.42 11.33
N GLU C 245 16.76 30.97 12.53
CA GLU C 245 17.70 29.87 12.68
C GLU C 245 17.14 28.57 12.11
N GLU C 246 15.82 28.38 12.25
CA GLU C 246 15.15 27.24 11.64
C GLU C 246 15.14 27.33 10.11
N ALA C 247 14.89 28.52 9.59
CA ALA C 247 14.95 28.75 8.15
C ALA C 247 16.33 28.39 7.61
N LEU C 248 17.37 28.71 8.38
CA LEU C 248 18.74 28.35 8.02
C LEU C 248 18.95 26.84 8.06
N ARG C 249 18.51 26.21 9.14
CA ARG C 249 18.63 24.75 9.29
C ARG C 249 17.82 24.01 8.24
N TYR C 250 16.54 24.37 8.15
CA TYR C 250 15.58 23.66 7.30
C TYR C 250 15.73 23.98 5.82
N SER C 251 16.09 25.23 5.49
CA SER C 251 16.21 25.68 4.11
C SER C 251 17.49 26.50 3.90
N PRO C 252 18.66 25.86 4.04
CA PRO C 252 19.92 26.59 3.94
C PRO C 252 20.17 27.08 2.52
N PRO C 253 20.38 28.41 2.35
CA PRO C 253 20.66 29.00 1.04
C PRO C 253 21.76 28.28 0.26
N VAL C 254 22.83 27.90 0.94
CA VAL C 254 23.91 27.12 0.35
C VAL C 254 23.79 25.68 0.82
N MET C 255 23.51 24.78 -0.12
CA MET C 255 23.21 23.38 0.20
C MET C 255 24.46 22.60 0.57
N ARG C 256 25.58 22.92 -0.07
CA ARG C 256 26.82 22.18 0.11
C ARG C 256 28.06 23.05 -0.07
N THR C 257 29.19 22.55 0.42
CA THR C 257 30.50 23.15 0.15
C THR C 257 31.52 22.03 -0.01
N VAL C 258 32.71 22.38 -0.49
CA VAL C 258 33.73 21.38 -0.82
C VAL C 258 35.04 21.65 -0.09
N ARG C 259 35.74 20.57 0.26
CA ARG C 259 37.07 20.64 0.85
C ARG C 259 38.00 19.65 0.16
N LYS C 260 39.30 19.91 0.22
CA LYS C 260 40.31 19.01 -0.33
C LYS C 260 41.19 18.45 0.78
N THR C 261 41.43 17.13 0.75
CA THR C 261 42.21 16.46 1.78
C THR C 261 43.70 16.75 1.62
N LYS C 262 44.30 17.34 2.65
CA LYS C 262 45.71 17.70 2.63
C LYS C 262 46.61 16.49 2.79
N GLU C 263 46.15 15.51 3.57
CA GLU C 263 46.92 14.29 3.85
C GLU C 263 46.00 13.07 3.79
N ARG C 264 46.54 11.91 4.11
CA ARG C 264 45.73 10.69 4.20
C ARG C 264 44.88 10.75 5.48
N VAL C 265 43.56 10.73 5.30
CA VAL C 265 42.63 10.88 6.43
C VAL C 265 41.55 9.80 6.39
N LYS C 266 41.12 9.37 7.57
CA LYS C 266 40.02 8.41 7.71
C LYS C 266 38.85 9.07 8.44
N LEU C 267 37.65 8.96 7.88
CA LEU C 267 36.45 9.54 8.46
C LEU C 267 35.34 8.50 8.62
N ASP C 269 34.36 5.23 9.22
CA ASP C 269 34.82 3.89 8.77
C ASP C 269 35.17 3.86 7.27
N GLN C 270 35.77 4.94 6.79
CA GLN C 270 36.20 5.05 5.39
C GLN C 270 37.56 5.73 5.33
N THR C 271 38.33 5.46 4.28
CA THR C 271 39.66 6.03 4.09
C THR C 271 39.72 6.93 2.85
N ILE C 272 40.22 8.15 3.04
CA ILE C 272 40.37 9.11 1.95
C ILE C 272 41.83 9.52 1.80
N GLU C 273 42.37 9.36 0.59
CA GLU C 273 43.78 9.65 0.34
C GLU C 273 44.04 11.15 0.21
N GLU C 274 45.32 11.52 0.21
CA GLU C 274 45.74 12.91 0.12
C GLU C 274 45.53 13.46 -1.29
N GLY C 275 44.98 14.66 -1.39
CA GLY C 275 44.69 15.29 -2.68
C GLY C 275 43.37 14.82 -3.27
N GLU C 276 42.38 14.59 -2.41
CA GLU C 276 41.06 14.15 -2.83
C GLU C 276 39.99 15.12 -2.34
N TYR C 277 39.02 15.42 -3.21
CA TYR C 277 37.97 16.38 -2.90
C TYR C 277 36.82 15.74 -2.14
N VAL C 278 36.22 16.49 -1.23
CA VAL C 278 35.12 15.99 -0.40
C VAL C 278 33.96 16.98 -0.41
N ARG C 279 32.85 16.57 -1.00
CA ARG C 279 31.62 17.36 -1.01
C ARG C 279 30.88 17.17 0.31
N VAL C 280 30.43 18.27 0.91
CA VAL C 280 29.80 18.23 2.21
C VAL C 280 28.39 18.83 2.16
N TRP C 281 27.38 17.97 2.25
CA TRP C 281 25.99 18.41 2.16
C TRP C 281 25.51 19.00 3.48
N ILE C 282 25.45 20.33 3.53
CA ILE C 282 24.99 21.04 4.72
C ILE C 282 23.50 20.82 4.94
N ALA C 283 22.73 20.78 3.86
CA ALA C 283 21.29 20.55 3.93
C ALA C 283 20.97 19.22 4.61
N SER C 284 21.78 18.20 4.34
CA SER C 284 21.60 16.88 4.95
C SER C 284 22.00 16.90 6.43
N ALA C 285 23.16 17.49 6.72
CA ALA C 285 23.65 17.58 8.11
C ALA C 285 22.66 18.28 9.03
N ASN C 286 21.98 19.29 8.50
CA ASN C 286 20.97 20.02 9.25
C ASN C 286 19.72 19.21 9.60
N ARG C 287 19.54 18.07 8.94
CA ARG C 287 18.37 17.21 9.15
C ARG C 287 18.71 15.93 9.92
N ASP C 288 19.91 15.86 10.49
CA ASP C 288 20.39 14.64 11.15
C ASP C 288 19.66 14.40 12.47
N GLU C 289 19.10 13.21 12.64
CA GLU C 289 18.30 12.87 13.82
C GLU C 289 19.14 12.74 15.10
N GLU C 290 20.40 12.34 14.95
CA GLU C 290 21.30 12.21 16.09
C GLU C 290 21.52 13.55 16.80
N VAL C 291 21.49 14.64 16.03
CA VAL C 291 21.71 15.98 16.56
C VAL C 291 20.42 16.80 16.68
N PHE C 292 19.51 16.63 15.74
CA PHE C 292 18.25 17.38 15.73
C PHE C 292 17.06 16.44 15.91
N HIS C 293 16.35 16.60 17.02
CA HIS C 293 15.13 15.82 17.29
C HIS C 293 14.02 16.27 16.35
N ASP C 294 13.29 15.32 15.78
CA ASP C 294 12.32 15.58 14.71
C ASP C 294 12.99 16.35 13.56
N GLY C 295 14.05 15.74 13.03
CA GLY C 295 14.92 16.42 12.06
C GLY C 295 14.26 16.93 10.80
N GLU C 296 13.22 16.24 10.35
CA GLU C 296 12.52 16.61 9.12
C GLU C 296 11.36 17.58 9.37
N LYS C 297 11.28 18.12 10.58
CA LYS C 297 10.15 18.95 10.99
C LYS C 297 10.61 20.39 11.22
N PHE C 298 9.74 21.35 10.90
CA PHE C 298 10.04 22.77 11.13
C PHE C 298 9.46 23.19 12.48
N ILE C 299 10.31 23.18 13.50
CA ILE C 299 9.92 23.67 14.82
C ILE C 299 10.45 25.09 15.02
N PRO C 300 9.59 26.11 14.86
CA PRO C 300 10.06 27.50 14.84
C PRO C 300 10.79 27.94 16.11
N ASP C 301 10.53 27.29 17.24
CA ASP C 301 11.25 27.56 18.47
C ASP C 301 12.28 26.46 18.80
N ARG C 302 12.86 25.87 17.77
CA ARG C 302 13.84 24.80 17.95
C ARG C 302 15.06 25.31 18.72
N ASN C 303 15.38 24.63 19.82
CA ASN C 303 16.50 25.01 20.67
C ASN C 303 17.03 23.79 21.42
N PRO C 304 18.36 23.59 21.41
CA PRO C 304 19.35 24.33 20.63
C PRO C 304 19.25 24.03 19.14
N ASN C 305 19.81 24.90 18.31
CA ASN C 305 19.81 24.71 16.86
C ASN C 305 21.20 24.96 16.27
N PRO C 306 22.13 24.01 16.48
CA PRO C 306 23.49 24.17 15.99
C PRO C 306 23.63 23.76 14.53
N HIS C 307 22.98 24.48 13.63
CA HIS C 307 23.06 24.17 12.20
C HIS C 307 24.40 24.59 11.61
N LEU C 308 24.75 24.01 10.47
CA LEU C 308 26.03 24.26 9.81
C LEU C 308 25.83 25.06 8.52
N SER C 309 24.74 25.82 8.45
CA SER C 309 24.40 26.65 7.29
C SER C 309 25.46 27.67 6.91
N PHE C 310 26.20 28.19 7.88
CA PHE C 310 27.26 29.16 7.61
C PHE C 310 28.64 28.52 7.43
N GLY C 311 28.69 27.19 7.50
CA GLY C 311 29.90 26.45 7.18
C GLY C 311 30.76 26.11 8.39
N SER C 312 31.95 26.70 8.44
CA SER C 312 33.02 26.24 9.34
C SER C 312 32.63 26.20 10.81
N GLY C 313 32.51 27.37 11.43
CA GLY C 313 32.36 27.47 12.89
C GLY C 313 33.65 27.90 13.56
N ILE C 314 34.76 27.28 13.15
CA ILE C 314 36.10 27.70 13.60
C ILE C 314 36.47 29.00 12.88
N HIS C 315 36.46 28.96 11.55
CA HIS C 315 36.65 30.15 10.73
C HIS C 315 35.28 30.77 10.45
N LEU C 316 34.89 31.73 11.26
CA LEU C 316 33.53 32.27 11.25
C LEU C 316 33.20 32.97 9.93
N HIS C 317 31.95 32.83 9.50
CA HIS C 317 31.46 33.50 8.31
C HIS C 317 31.19 34.97 8.64
N LEU C 318 31.95 35.87 8.02
CA LEU C 318 32.00 37.28 8.45
C LEU C 318 30.72 38.09 8.25
N GLY C 319 29.96 37.77 7.20
CA GLY C 319 28.70 38.46 6.94
C GLY C 319 27.47 37.84 7.58
N ALA C 320 27.68 36.92 8.52
CA ALA C 320 26.58 36.14 9.09
C ALA C 320 25.67 36.96 10.03
N PRO C 321 26.27 37.76 10.94
CA PRO C 321 25.43 38.56 11.84
C PRO C 321 24.56 39.57 11.09
N LEU C 322 25.08 40.11 10.00
CA LEU C 322 24.34 41.05 9.17
C LEU C 322 23.18 40.36 8.44
N ALA C 323 23.49 39.23 7.82
CA ALA C 323 22.47 38.44 7.11
C ALA C 323 21.35 38.01 8.05
N ARG C 324 21.73 37.58 9.25
CA ARG C 324 20.75 37.23 10.29
C ARG C 324 19.92 38.44 10.70
N LEU C 325 20.58 39.58 10.89
CA LEU C 325 19.89 40.81 11.30
C LEU C 325 18.97 41.34 10.22
N GLU C 326 19.42 41.28 8.96
CA GLU C 326 18.61 41.70 7.82
C GLU C 326 17.37 40.82 7.67
N ALA C 327 17.57 39.51 7.76
CA ALA C 327 16.48 38.54 7.66
C ALA C 327 15.49 38.68 8.81
N ARG C 328 16.03 38.85 10.02
CA ARG C 328 15.23 39.00 11.23
C ARG C 328 14.29 40.21 11.12
N ILE C 329 14.85 41.34 10.69
CA ILE C 329 14.06 42.57 10.54
C ILE C 329 13.07 42.48 9.38
N ALA C 330 13.49 41.89 8.27
CA ALA C 330 12.61 41.73 7.11
C ALA C 330 11.33 40.99 7.49
N ILE C 331 11.48 39.89 8.22
CA ILE C 331 10.36 39.06 8.63
C ILE C 331 9.52 39.73 9.72
N GLU C 332 10.18 40.45 10.63
CA GLU C 332 9.47 41.17 11.69
C GLU C 332 8.50 42.20 11.13
N GLU C 333 8.96 43.01 10.18
CA GLU C 333 8.15 44.07 9.60
C GLU C 333 7.09 43.53 8.63
N PHE C 334 7.40 42.40 7.98
CA PHE C 334 6.46 41.74 7.08
C PHE C 334 5.27 41.18 7.85
N SER C 335 5.54 40.55 8.99
CA SER C 335 4.50 39.97 9.83
C SER C 335 3.64 41.03 10.53
N LYS C 336 4.21 42.22 10.75
CA LYS C 336 3.46 43.35 11.28
C LYS C 336 2.41 43.83 10.28
N ARG C 337 2.81 43.93 9.01
CA ARG C 337 1.98 44.55 7.99
C ARG C 337 0.94 43.61 7.38
N PHE C 338 1.32 42.35 7.16
CA PHE C 338 0.42 41.38 6.53
C PHE C 338 0.21 40.17 7.43
N ARG C 339 -1.06 39.90 7.79
CA ARG C 339 -1.42 38.65 8.47
C ARG C 339 -2.26 37.74 7.57
N HIS C 340 -2.33 38.07 6.29
CA HIS C 340 -2.91 37.19 5.28
C HIS C 340 -1.89 37.01 4.16
N ILE C 341 -1.45 35.77 3.95
CA ILE C 341 -0.45 35.47 2.93
C ILE C 341 -0.83 34.20 2.19
N GLU C 342 -1.05 34.32 0.89
CA GLU C 342 -1.31 33.15 0.03
C GLU C 342 -0.34 33.15 -1.15
N ILE C 343 0.30 32.00 -1.37
CA ILE C 343 1.31 31.88 -2.42
C ILE C 343 0.64 31.54 -3.74
N LEU C 344 0.77 32.43 -4.72
CA LEU C 344 0.14 32.24 -6.02
C LEU C 344 1.02 31.41 -6.95
N ASP C 345 2.32 31.70 -6.97
CA ASP C 345 3.25 31.02 -7.85
C ASP C 345 4.68 31.10 -7.33
N THR C 346 5.51 30.12 -7.71
CA THR C 346 6.93 30.11 -7.35
C THR C 346 7.79 29.63 -8.51
N GLU C 347 9.03 30.13 -8.55
CA GLU C 347 10.05 29.60 -9.44
C GLU C 347 11.36 29.49 -8.67
N LYS C 348 11.93 28.28 -8.64
CA LYS C 348 13.15 28.03 -7.91
C LYS C 348 14.37 28.52 -8.69
N VAL C 349 15.47 28.73 -7.98
CA VAL C 349 16.76 29.00 -8.60
C VAL C 349 17.34 27.65 -9.03
N PRO C 350 17.76 27.53 -10.31
CA PRO C 350 18.01 26.22 -10.90
C PRO C 350 19.31 25.52 -10.46
N ASN C 351 20.16 26.22 -9.71
CA ASN C 351 21.44 25.65 -9.26
C ASN C 351 21.22 24.56 -8.20
N GLU C 352 22.00 23.49 -8.30
CA GLU C 352 22.04 22.46 -7.26
C GLU C 352 22.47 23.02 -5.91
N VAL C 353 23.53 23.81 -5.93
CA VAL C 353 24.17 24.28 -4.70
C VAL C 353 23.29 25.29 -3.95
N LEU C 354 22.59 26.14 -4.70
CA LEU C 354 21.81 27.21 -4.09
C LEU C 354 20.36 26.80 -3.85
N ASN C 355 19.80 27.33 -2.76
CA ASN C 355 18.43 27.01 -2.34
C ASN C 355 17.66 28.30 -2.16
N GLY C 356 16.90 28.68 -3.19
CA GLY C 356 16.17 29.94 -3.17
C GLY C 356 15.21 30.06 -4.33
N TYR C 357 14.62 31.26 -4.45
CA TYR C 357 13.56 31.47 -5.43
C TYR C 357 13.86 32.64 -6.35
N LYS C 358 13.61 32.42 -7.64
CA LYS C 358 13.73 33.47 -8.65
C LYS C 358 12.48 34.34 -8.63
N ARG C 359 11.32 33.71 -8.49
CA ARG C 359 10.04 34.40 -8.32
C ARG C 359 9.26 33.82 -7.15
N LEU C 360 8.58 34.70 -6.41
CA LEU C 360 7.70 34.28 -5.32
C LEU C 360 6.46 35.18 -5.29
N VAL C 361 5.50 34.88 -6.15
CA VAL C 361 4.31 35.72 -6.32
C VAL C 361 3.31 35.43 -5.20
N VAL C 362 2.77 36.49 -4.61
CA VAL C 362 1.87 36.38 -3.46
C VAL C 362 0.67 37.32 -3.56
N ARG C 363 -0.39 36.98 -2.84
CA ARG C 363 -1.50 37.92 -2.60
C ARG C 363 -1.60 38.14 -1.10
N LEU C 364 -1.70 39.40 -0.70
CA LEU C 364 -1.63 39.79 0.72
C LEU C 364 -2.94 40.41 1.22
N LYS C 365 -3.99 40.28 0.44
CA LYS C 365 -5.31 40.82 0.80
C LYS C 365 -6.41 39.91 0.29
N SER C 366 -7.47 39.76 1.07
CA SER C 366 -8.63 38.96 0.68
C SER C 366 -9.49 39.72 -0.32
N MET D 1 -12.82 -18.26 0.08
CA MET D 1 -13.12 -19.23 -1.01
C MET D 1 -13.88 -18.62 -2.17
N TYR D 2 -14.74 -17.64 -1.88
CA TYR D 2 -15.49 -16.94 -2.92
C TYR D 2 -14.61 -15.99 -3.73
N ASP D 3 -13.56 -15.46 -3.11
CA ASP D 3 -12.57 -14.67 -3.84
C ASP D 3 -11.76 -15.53 -4.81
N TRP D 4 -11.53 -16.79 -4.44
CA TRP D 4 -10.93 -17.76 -5.34
C TRP D 4 -11.86 -18.03 -6.53
N PHE D 5 -13.16 -18.15 -6.27
CA PHE D 5 -14.15 -18.35 -7.32
C PHE D 5 -14.10 -17.23 -8.36
N SER D 6 -14.01 -15.98 -7.88
CA SER D 6 -13.97 -14.81 -8.77
C SER D 6 -12.81 -14.85 -9.75
N GLU D 7 -11.60 -15.13 -9.24
CA GLU D 7 -10.42 -15.22 -10.09
C GLU D 7 -10.54 -16.36 -11.09
N MET D 8 -11.00 -17.51 -10.62
CA MET D 8 -11.22 -18.66 -11.49
C MET D 8 -12.25 -18.33 -12.56
N ARG D 9 -13.29 -17.60 -12.18
CA ARG D 9 -14.33 -17.19 -13.11
C ARG D 9 -13.77 -16.24 -14.18
N LYS D 10 -12.81 -15.41 -13.79
CA LYS D 10 -12.17 -14.46 -14.71
C LYS D 10 -11.13 -15.13 -15.61
N LYS D 11 -10.27 -15.95 -15.02
CA LYS D 11 -9.11 -16.49 -15.72
C LYS D 11 -9.32 -17.91 -16.26
N ASP D 12 -9.91 -18.78 -15.44
CA ASP D 12 -10.09 -20.19 -15.81
C ASP D 12 -11.47 -20.72 -15.39
N PRO D 13 -12.52 -20.35 -16.14
CA PRO D 13 -13.88 -20.81 -15.86
C PRO D 13 -13.98 -22.33 -15.81
N VAL D 14 -13.26 -23.00 -16.69
CA VAL D 14 -13.15 -24.45 -16.72
C VAL D 14 -11.70 -24.82 -16.46
N TYR D 15 -11.41 -25.40 -15.30
CA TYR D 15 -10.05 -25.63 -14.86
C TYR D 15 -9.76 -27.11 -14.61
N TYR D 16 -8.62 -27.59 -15.13
CA TYR D 16 -8.17 -28.97 -14.94
C TYR D 16 -6.90 -29.00 -14.09
N ASP D 17 -7.01 -29.57 -12.90
CA ASP D 17 -5.90 -29.60 -11.95
C ASP D 17 -5.05 -30.87 -12.07
N GLY D 18 -5.42 -31.77 -12.96
CA GLY D 18 -4.71 -33.04 -13.14
C GLY D 18 -5.50 -34.23 -12.64
N ASN D 19 -6.18 -34.04 -11.52
CA ASN D 19 -7.09 -35.06 -10.97
C ASN D 19 -8.45 -35.03 -11.67
N ILE D 20 -9.12 -33.88 -11.59
CA ILE D 20 -10.45 -33.72 -12.15
C ILE D 20 -10.64 -32.33 -12.75
N TRP D 21 -11.78 -32.13 -13.41
CA TRP D 21 -12.14 -30.83 -13.98
C TRP D 21 -13.02 -30.05 -13.00
N GLN D 22 -12.98 -28.73 -13.12
CA GLN D 22 -13.74 -27.84 -12.23
C GLN D 22 -14.36 -26.69 -13.01
N VAL D 23 -15.66 -26.47 -12.80
CA VAL D 23 -16.40 -25.44 -13.52
C VAL D 23 -16.91 -24.37 -12.55
N PHE D 24 -16.50 -23.13 -12.80
CA PHE D 24 -16.82 -22.02 -11.92
C PHE D 24 -17.85 -21.06 -12.53
N SER D 25 -17.98 -21.08 -13.86
CA SER D 25 -18.89 -20.19 -14.58
C SER D 25 -20.32 -20.68 -14.52
N TYR D 26 -21.27 -19.75 -14.71
CA TYR D 26 -22.70 -20.07 -14.71
C TYR D 26 -23.12 -20.83 -15.97
N ARG D 27 -22.71 -20.31 -17.14
CA ARG D 27 -23.17 -20.85 -18.41
C ARG D 27 -22.70 -22.29 -18.61
N TYR D 28 -21.47 -22.59 -18.18
CA TYR D 28 -20.92 -23.94 -18.32
C TYR D 28 -21.41 -24.87 -17.20
N THR D 29 -21.65 -24.32 -16.02
CA THR D 29 -22.28 -25.07 -14.93
C THR D 29 -23.70 -25.48 -15.34
N LYS D 30 -24.44 -24.55 -15.91
CA LYS D 30 -25.80 -24.82 -16.41
C LYS D 30 -25.80 -25.90 -17.48
N GLU D 31 -24.82 -25.88 -18.37
CA GLU D 31 -24.70 -26.88 -19.43
C GLU D 31 -24.38 -28.26 -18.87
N VAL D 32 -23.39 -28.34 -17.98
CA VAL D 32 -22.96 -29.61 -17.42
C VAL D 32 -24.08 -30.26 -16.61
N LEU D 33 -24.87 -29.46 -15.91
CA LEU D 33 -25.99 -29.96 -15.13
C LEU D 33 -27.15 -30.44 -16.01
N ASN D 34 -27.51 -29.65 -17.02
CA ASN D 34 -28.68 -29.93 -17.85
C ASN D 34 -28.44 -30.94 -18.96
N ASN D 35 -27.34 -30.76 -19.70
CA ASN D 35 -27.02 -31.62 -20.84
C ASN D 35 -26.74 -33.05 -20.40
N PHE D 36 -27.80 -33.83 -20.27
CA PHE D 36 -27.72 -35.23 -19.82
C PHE D 36 -27.08 -36.15 -20.86
N SER D 37 -27.19 -35.78 -22.13
CA SER D 37 -26.65 -36.59 -23.23
C SER D 37 -25.12 -36.61 -23.23
N LYS D 38 -24.51 -35.51 -22.83
CA LYS D 38 -23.05 -35.42 -22.73
C LYS D 38 -22.53 -35.72 -21.33
N PHE D 39 -23.26 -35.26 -20.31
CA PHE D 39 -22.82 -35.40 -18.92
C PHE D 39 -23.74 -36.32 -18.13
N SER D 40 -23.18 -37.44 -17.64
CA SER D 40 -23.93 -38.45 -16.91
C SER D 40 -23.91 -38.17 -15.41
N SER D 41 -24.99 -38.55 -14.75
CA SER D 41 -25.10 -38.45 -13.29
C SER D 41 -24.58 -39.71 -12.59
N ASP D 42 -24.40 -40.79 -13.36
CA ASP D 42 -23.85 -42.03 -12.82
C ASP D 42 -22.35 -41.90 -12.62
N LEU D 43 -21.91 -42.04 -11.37
CA LEU D 43 -20.51 -41.81 -11.00
C LEU D 43 -19.80 -43.13 -10.72
N PRO D 74 -32.37 -47.69 -10.98
CA PRO D 74 -32.95 -48.92 -10.43
C PRO D 74 -33.57 -48.69 -9.04
N LEU D 75 -32.72 -48.49 -8.02
CA LEU D 75 -33.19 -48.10 -6.69
C LEU D 75 -33.44 -46.59 -6.68
N HIS D 76 -32.66 -45.86 -7.48
CA HIS D 76 -32.82 -44.42 -7.64
C HIS D 76 -34.16 -44.07 -8.29
N ASP D 77 -34.56 -44.87 -9.28
CA ASP D 77 -35.86 -44.68 -9.94
C ASP D 77 -37.01 -44.85 -8.94
N GLU D 78 -36.87 -45.82 -8.04
CA GLU D 78 -37.84 -46.01 -6.96
C GLU D 78 -37.87 -44.78 -6.04
N LEU D 79 -36.70 -44.29 -5.67
CA LEU D 79 -36.59 -43.10 -4.82
C LEU D 79 -37.25 -41.88 -5.47
N ARG D 80 -36.95 -41.66 -6.75
CA ARG D 80 -37.53 -40.55 -7.50
C ARG D 80 -39.04 -40.71 -7.64
N SER D 81 -39.47 -41.93 -7.93
CA SER D 81 -40.90 -42.24 -8.06
C SER D 81 -41.62 -42.07 -6.72
N MET D 82 -41.01 -42.57 -5.66
CA MET D 82 -41.58 -42.49 -4.32
C MET D 82 -41.65 -41.05 -3.83
N SER D 83 -40.59 -40.28 -4.07
CA SER D 83 -40.52 -38.88 -3.67
C SER D 83 -41.59 -38.03 -4.36
N ALA D 84 -41.79 -38.25 -5.65
CA ALA D 84 -42.76 -37.49 -6.44
C ALA D 84 -44.18 -37.56 -5.87
N ASP D 85 -44.53 -38.71 -5.29
CA ASP D 85 -45.85 -38.90 -4.70
C ASP D 85 -46.00 -38.14 -3.40
N ILE D 86 -45.04 -38.32 -2.49
CA ILE D 86 -45.11 -37.72 -1.15
C ILE D 86 -44.88 -36.22 -1.13
N PHE D 87 -44.22 -35.68 -2.16
CA PHE D 87 -43.93 -34.24 -2.25
C PHE D 87 -44.78 -33.55 -3.30
N SER D 88 -46.06 -33.90 -3.39
CA SER D 88 -46.96 -33.27 -4.37
C SER D 88 -47.41 -31.89 -3.88
N PRO D 89 -47.81 -31.00 -4.81
CA PRO D 89 -48.31 -29.68 -4.43
C PRO D 89 -49.56 -29.73 -3.56
N GLN D 90 -50.45 -30.68 -3.85
CA GLN D 90 -51.67 -30.87 -3.06
C GLN D 90 -51.33 -31.31 -1.62
N LYS D 91 -50.36 -32.23 -1.50
CA LYS D 91 -49.89 -32.66 -0.20
C LYS D 91 -49.17 -31.54 0.55
N LEU D 92 -48.48 -30.69 -0.20
CA LEU D 92 -47.74 -29.56 0.37
C LEU D 92 -48.67 -28.54 1.01
N GLN D 93 -49.77 -28.21 0.35
CA GLN D 93 -50.71 -27.21 0.84
C GLN D 93 -51.40 -27.66 2.13
N THR D 94 -51.61 -28.96 2.28
CA THR D 94 -52.18 -29.52 3.50
C THR D 94 -51.21 -29.39 4.68
N LEU D 95 -49.92 -29.51 4.41
CA LEU D 95 -48.89 -29.44 5.43
C LEU D 95 -48.67 -28.03 5.98
N GLU D 96 -49.04 -27.01 5.21
CA GLU D 96 -48.77 -25.60 5.57
C GLU D 96 -49.15 -25.27 7.01
N THR D 97 -50.30 -25.76 7.45
CA THR D 97 -50.78 -25.52 8.81
C THR D 97 -49.93 -26.28 9.83
N PHE D 98 -49.61 -27.52 9.52
CA PHE D 98 -48.78 -28.35 10.39
C PHE D 98 -47.38 -27.77 10.54
N ILE D 99 -46.80 -27.30 9.44
CA ILE D 99 -45.46 -26.73 9.45
C ILE D 99 -45.40 -25.48 10.32
N ARG D 100 -46.42 -24.63 10.20
CA ARG D 100 -46.48 -23.39 10.97
C ARG D 100 -46.67 -23.69 12.46
N GLU D 101 -47.58 -24.61 12.77
CA GLU D 101 -47.83 -25.02 14.14
C GLU D 101 -46.61 -25.67 14.77
N THR D 102 -45.94 -26.54 14.01
CA THR D 102 -44.71 -27.19 14.47
C THR D 102 -43.63 -26.14 14.73
N THR D 103 -43.52 -25.16 13.84
CA THR D 103 -42.54 -24.09 13.98
C THR D 103 -42.80 -23.26 15.23
N ARG D 104 -44.04 -22.80 15.41
CA ARG D 104 -44.40 -22.00 16.58
C ARG D 104 -44.11 -22.74 17.89
N SER D 105 -44.31 -24.05 17.89
CA SER D 105 -44.04 -24.88 19.06
C SER D 105 -42.54 -24.91 19.38
N LEU D 106 -41.72 -25.05 18.35
CA LEU D 106 -40.26 -25.04 18.50
C LEU D 106 -39.76 -23.70 19.03
N LEU D 107 -40.34 -22.61 18.53
CA LEU D 107 -39.93 -21.26 18.91
C LEU D 107 -40.25 -20.94 20.37
N ASP D 108 -41.28 -21.59 20.91
CA ASP D 108 -41.63 -21.43 22.34
C ASP D 108 -40.53 -21.96 23.25
N SER D 109 -39.85 -23.02 22.81
CA SER D 109 -38.79 -23.65 23.60
C SER D 109 -37.45 -22.92 23.54
N ILE D 110 -37.33 -21.92 22.68
CA ILE D 110 -36.10 -21.15 22.55
C ILE D 110 -35.92 -20.19 23.73
N ASP D 111 -34.72 -20.20 24.30
CA ASP D 111 -34.34 -19.29 25.38
C ASP D 111 -33.82 -17.99 24.76
N PRO D 112 -34.45 -16.85 25.07
CA PRO D 112 -33.98 -15.57 24.52
C PRO D 112 -32.57 -15.17 24.98
N ARG D 113 -32.17 -15.62 26.17
CA ARG D 113 -30.87 -15.26 26.72
C ARG D 113 -29.72 -15.88 25.94
N GLU D 114 -29.80 -17.19 25.70
CA GLU D 114 -28.74 -17.91 24.99
C GLU D 114 -29.24 -19.28 24.54
N ASP D 115 -29.24 -19.52 23.22
CA ASP D 115 -29.73 -20.79 22.68
C ASP D 115 -29.25 -21.03 21.25
N ASP D 116 -29.10 -22.31 20.91
CA ASP D 116 -28.64 -22.73 19.59
C ASP D 116 -29.81 -22.83 18.61
N ILE D 117 -29.73 -22.08 17.53
CA ILE D 117 -30.78 -22.07 16.50
C ILE D 117 -30.80 -23.38 15.72
N VAL D 118 -29.65 -24.02 15.58
CA VAL D 118 -29.53 -25.28 14.84
C VAL D 118 -30.27 -26.39 15.57
N LYS D 119 -30.03 -26.48 16.88
CA LYS D 119 -30.68 -27.49 17.71
C LYS D 119 -32.16 -27.21 17.95
N LYS D 120 -32.48 -25.93 18.15
CA LYS D 120 -33.84 -25.54 18.54
C LYS D 120 -34.81 -25.47 17.37
N LEU D 121 -34.35 -25.01 16.21
CA LEU D 121 -35.23 -24.73 15.07
C LEU D 121 -34.84 -25.46 13.78
N ALA D 122 -33.59 -25.29 13.35
CA ALA D 122 -33.16 -25.73 12.03
C ALA D 122 -33.17 -27.25 11.85
N VAL D 123 -32.70 -27.98 12.86
CA VAL D 123 -32.64 -29.45 12.78
C VAL D 123 -34.00 -30.12 13.01
N PRO D 124 -34.74 -29.72 14.07
CA PRO D 124 -36.01 -30.40 14.37
C PRO D 124 -37.08 -30.27 13.29
N LEU D 125 -37.28 -29.08 12.74
CA LEU D 125 -38.46 -28.78 11.92
C LEU D 125 -38.61 -29.70 10.70
N PRO D 126 -37.56 -29.83 9.87
CA PRO D 126 -37.68 -30.73 8.72
C PRO D 126 -37.85 -32.19 9.11
N ILE D 127 -37.22 -32.59 10.21
CA ILE D 127 -37.32 -33.97 10.70
C ILE D 127 -38.74 -34.30 11.15
N ILE D 128 -39.39 -33.35 11.83
CA ILE D 128 -40.76 -33.55 12.29
C ILE D 128 -41.73 -33.61 11.11
N VAL D 129 -41.48 -32.79 10.09
CA VAL D 129 -42.34 -32.74 8.91
C VAL D 129 -42.19 -34.00 8.06
N ILE D 130 -40.95 -34.42 7.81
CA ILE D 130 -40.71 -35.62 7.02
C ILE D 130 -41.24 -36.87 7.74
N SER D 131 -41.16 -36.87 9.08
CA SER D 131 -41.71 -37.97 9.87
C SER D 131 -43.24 -38.03 9.74
N LYS D 132 -43.88 -36.86 9.72
CA LYS D 132 -45.30 -36.75 9.46
C LYS D 132 -45.65 -37.26 8.06
N ILE D 133 -44.85 -36.86 7.07
CA ILE D 133 -45.06 -37.25 5.68
C ILE D 133 -44.80 -38.75 5.48
N LEU D 134 -43.75 -39.27 6.10
CA LEU D 134 -43.38 -40.68 5.96
C LEU D 134 -44.34 -41.64 6.67
N GLY D 135 -45.16 -41.13 7.58
CA GLY D 135 -46.21 -41.92 8.21
C GLY D 135 -45.92 -42.35 9.63
N LEU D 136 -45.08 -41.60 10.35
CA LEU D 136 -44.87 -41.81 11.77
C LEU D 136 -45.90 -40.98 12.54
N PRO D 137 -46.48 -41.54 13.61
CA PRO D 137 -47.55 -40.85 14.34
C PRO D 137 -47.03 -39.78 15.29
N GLY D 159 -27.69 -55.05 24.58
CA GLY D 159 -27.05 -54.96 23.23
C GLY D 159 -27.57 -53.80 22.41
N GLU D 160 -26.68 -53.13 21.69
CA GLU D 160 -27.05 -51.99 20.86
C GLU D 160 -27.76 -52.42 19.58
N ILE D 161 -27.35 -53.55 19.01
CA ILE D 161 -27.96 -54.06 17.79
C ILE D 161 -29.42 -54.45 17.99
N PHE D 162 -29.76 -54.86 19.21
CA PHE D 162 -31.14 -55.23 19.56
C PHE D 162 -32.03 -53.99 19.71
N GLU D 163 -31.56 -53.00 20.45
CA GLU D 163 -32.36 -51.82 20.78
C GLU D 163 -32.68 -50.97 19.55
N LEU D 164 -31.64 -50.60 18.80
CA LEU D 164 -31.81 -49.77 17.61
C LEU D 164 -32.45 -50.57 16.47
N GLY D 165 -32.09 -51.85 16.38
CA GLY D 165 -32.69 -52.76 15.41
C GLY D 165 -34.19 -52.94 15.61
N LYS D 166 -34.62 -52.90 16.86
CA LYS D 166 -36.05 -52.95 17.18
C LYS D 166 -36.78 -51.76 16.57
N LYS D 167 -36.27 -50.56 16.85
CA LYS D 167 -36.86 -49.33 16.32
C LYS D 167 -36.69 -49.21 14.81
N TYR D 168 -35.62 -49.79 14.28
CA TYR D 168 -35.35 -49.78 12.84
C TYR D 168 -36.44 -50.51 12.06
N LEU D 169 -36.75 -51.73 12.49
CA LEU D 169 -37.85 -52.50 11.89
C LEU D 169 -39.20 -51.83 12.17
N GLU D 170 -39.32 -51.25 13.36
CA GLU D 170 -40.52 -50.51 13.76
C GLU D 170 -40.77 -49.34 12.81
N LEU D 171 -39.70 -48.61 12.49
CA LEU D 171 -39.76 -47.47 11.57
C LEU D 171 -40.26 -47.87 10.19
N ILE D 172 -39.73 -48.96 9.65
CA ILE D 172 -40.09 -49.43 8.32
C ILE D 172 -41.56 -49.87 8.27
N GLY D 173 -42.05 -50.44 9.38
CA GLY D 173 -43.45 -50.82 9.48
C GLY D 173 -44.41 -49.67 9.24
N TYR D 174 -44.09 -48.51 9.82
CA TYR D 174 -44.93 -47.32 9.68
C TYR D 174 -44.95 -46.79 8.25
N VAL D 175 -43.79 -46.81 7.59
CA VAL D 175 -43.68 -46.31 6.22
C VAL D 175 -44.34 -47.30 5.25
N LYS D 176 -44.15 -48.59 5.49
CA LYS D 176 -44.83 -49.65 4.76
C LYS D 176 -46.36 -49.47 4.79
N ASP D 177 -46.89 -49.17 5.97
CA ASP D 177 -48.34 -49.00 6.14
C ASP D 177 -48.89 -47.78 5.41
N HIS D 178 -48.09 -46.72 5.31
CA HIS D 178 -48.59 -45.42 4.87
C HIS D 178 -48.36 -45.15 3.38
N LEU D 179 -47.15 -45.42 2.90
CA LEU D 179 -46.76 -45.02 1.55
C LEU D 179 -47.50 -45.79 0.45
N ASN D 180 -47.73 -45.11 -0.68
CA ASN D 180 -48.37 -45.73 -1.84
C ASN D 180 -47.47 -46.78 -2.48
N SER D 181 -48.05 -47.59 -3.37
CA SER D 181 -47.38 -48.78 -3.87
C SER D 181 -46.42 -48.52 -5.04
N GLY D 182 -45.18 -48.20 -4.69
CA GLY D 182 -44.05 -48.33 -5.60
C GLY D 182 -43.42 -49.69 -5.38
N THR D 183 -42.64 -50.16 -6.36
CA THR D 183 -42.02 -51.49 -6.29
C THR D 183 -41.30 -51.72 -4.95
N GLU D 184 -40.52 -50.73 -4.53
CA GLU D 184 -39.78 -50.82 -3.26
C GLU D 184 -40.69 -51.04 -2.06
N VAL D 185 -41.84 -50.39 -2.06
CA VAL D 185 -42.79 -50.48 -0.94
C VAL D 185 -43.60 -51.78 -0.99
N VAL D 186 -43.98 -52.20 -2.19
CA VAL D 186 -44.86 -53.36 -2.37
C VAL D 186 -44.18 -54.65 -1.93
N SER D 187 -42.89 -54.79 -2.23
CA SER D 187 -42.15 -55.99 -1.83
C SER D 187 -42.07 -56.15 -0.31
N ARG D 188 -42.09 -55.03 0.41
CA ARG D 188 -42.04 -55.05 1.88
C ARG D 188 -43.40 -55.32 2.52
N VAL D 189 -44.48 -55.04 1.79
CA VAL D 189 -45.83 -55.36 2.28
C VAL D 189 -46.00 -56.87 2.44
N VAL D 190 -45.34 -57.64 1.56
CA VAL D 190 -45.33 -59.10 1.66
C VAL D 190 -44.18 -59.55 2.57
N ASN D 193 -37.67 -62.41 2.45
CA ASN D 193 -36.93 -61.41 1.63
C ASN D 193 -36.38 -60.27 2.48
N LEU D 194 -35.22 -60.51 3.09
CA LEU D 194 -34.58 -59.52 3.97
C LEU D 194 -34.05 -58.33 3.18
N SER D 195 -33.44 -58.60 2.04
CA SER D 195 -32.87 -57.55 1.18
C SER D 195 -33.89 -56.47 0.82
N ASP D 196 -35.12 -56.88 0.54
CA ASP D 196 -36.21 -55.94 0.24
C ASP D 196 -36.42 -54.92 1.36
N ILE D 197 -36.34 -55.39 2.60
CA ILE D 197 -36.56 -54.54 3.77
C ILE D 197 -35.42 -53.54 3.94
N GLU D 198 -34.18 -53.98 3.71
CA GLU D 198 -33.03 -53.09 3.75
C GLU D 198 -33.14 -52.00 2.71
N LYS D 199 -33.52 -52.39 1.48
CA LYS D 199 -33.66 -51.45 0.37
C LYS D 199 -34.65 -50.33 0.70
N LEU D 200 -35.77 -50.69 1.32
CA LEU D 200 -36.77 -49.71 1.75
C LEU D 200 -36.20 -48.86 2.88
N GLY D 201 -35.69 -49.52 3.92
CA GLY D 201 -35.06 -48.83 5.04
C GLY D 201 -33.99 -47.84 4.62
N TYR D 202 -33.25 -48.20 3.57
CA TYR D 202 -32.21 -47.33 3.02
C TYR D 202 -32.83 -46.10 2.33
N ILE D 203 -33.88 -46.32 1.56
CA ILE D 203 -34.59 -45.21 0.90
C ILE D 203 -35.14 -44.22 1.93
N ILE D 204 -35.57 -44.74 3.08
CA ILE D 204 -36.10 -43.90 4.14
C ILE D 204 -35.00 -43.05 4.78
N LEU D 205 -33.80 -43.63 4.92
CA LEU D 205 -32.64 -42.89 5.41
C LEU D 205 -32.33 -41.69 4.53
N LEU D 206 -32.41 -41.90 3.21
CA LEU D 206 -32.11 -40.84 2.25
C LEU D 206 -33.13 -39.70 2.32
N LEU D 207 -34.41 -40.03 2.44
CA LEU D 207 -35.46 -39.03 2.55
C LEU D 207 -35.34 -38.21 3.84
N ILE D 208 -34.75 -38.81 4.87
CA ILE D 208 -34.46 -38.10 6.12
C ILE D 208 -33.15 -37.32 6.01
N ALA D 209 -32.15 -37.92 5.37
CA ALA D 209 -30.82 -37.31 5.24
C ALA D 209 -30.84 -36.01 4.43
N GLY D 210 -31.60 -36.02 3.33
CA GLY D 210 -31.72 -34.85 2.47
C GLY D 210 -32.23 -33.58 3.15
N ASN D 211 -32.96 -33.75 4.26
CA ASN D 211 -33.46 -32.60 5.04
C ASN D 211 -32.37 -31.83 5.78
N GLU D 212 -31.16 -32.38 5.84
CA GLU D 212 -30.01 -31.67 6.37
C GLU D 212 -29.71 -30.42 5.55
N ALA D 213 -29.96 -30.49 4.25
CA ALA D 213 -29.78 -29.34 3.36
C ALA D 213 -30.72 -28.19 3.70
N THR D 214 -31.95 -28.52 4.06
CA THR D 214 -32.94 -27.52 4.46
C THR D 214 -32.57 -26.90 5.81
N THR D 215 -32.13 -27.75 6.74
CA THR D 215 -31.58 -27.30 8.02
C THR D 215 -30.52 -26.20 7.80
N ASN D 216 -29.63 -26.45 6.84
CA ASN D 216 -28.55 -25.52 6.54
C ASN D 216 -29.03 -24.22 5.90
N LEU D 217 -29.98 -24.31 4.99
CA LEU D 217 -30.58 -23.12 4.37
C LEU D 217 -31.20 -22.20 5.42
N ILE D 218 -31.85 -22.78 6.42
CA ILE D 218 -32.44 -22.01 7.51
C ILE D 218 -31.35 -21.30 8.32
N SER D 219 -30.32 -22.05 8.71
CA SER D 219 -29.19 -21.48 9.43
C SER D 219 -28.51 -20.37 8.61
N ASN D 220 -28.27 -20.66 7.34
CA ASN D 220 -27.65 -19.69 6.43
C ASN D 220 -28.50 -18.44 6.24
N SER D 221 -29.82 -18.62 6.19
CA SER D 221 -30.74 -17.49 6.09
C SER D 221 -30.62 -16.57 7.30
N VAL D 222 -30.61 -17.15 8.50
CA VAL D 222 -30.52 -16.38 9.74
C VAL D 222 -29.22 -15.58 9.80
N ILE D 223 -28.11 -16.24 9.47
CA ILE D 223 -26.80 -15.57 9.42
C ILE D 223 -26.79 -14.40 8.44
N ASP D 224 -27.29 -14.63 7.24
CA ASP D 224 -27.27 -13.61 6.18
C ASP D 224 -28.11 -12.39 6.53
N PHE D 225 -29.30 -12.61 7.07
CA PHE D 225 -30.20 -11.50 7.42
C PHE D 225 -29.70 -10.74 8.65
N THR D 226 -29.01 -11.43 9.55
CA THR D 226 -28.48 -10.79 10.76
C THR D 226 -27.22 -9.99 10.42
N ARG D 227 -26.27 -10.64 9.77
CA ARG D 227 -24.99 -10.01 9.43
C ARG D 227 -25.15 -8.73 8.62
N PHE D 228 -26.07 -8.75 7.66
CA PHE D 228 -26.30 -7.59 6.79
C PHE D 228 -27.41 -6.67 7.29
N ASN D 229 -28.05 -7.05 8.40
CA ASN D 229 -29.14 -6.28 8.98
C ASN D 229 -30.30 -6.09 7.99
N LEU D 230 -30.96 -7.19 7.65
CA LEU D 230 -32.06 -7.20 6.69
C LEU D 230 -33.40 -7.54 7.32
N TRP D 231 -33.41 -7.86 8.62
CA TRP D 231 -34.61 -8.36 9.30
C TRP D 231 -35.78 -7.38 9.20
N GLN D 232 -35.54 -6.13 9.58
CA GLN D 232 -36.57 -5.10 9.59
C GLN D 232 -37.11 -4.83 8.18
N ARG D 233 -36.27 -4.98 7.17
CA ARG D 233 -36.65 -4.71 5.79
C ARG D 233 -37.47 -5.86 5.20
N ILE D 234 -37.05 -7.10 5.47
CA ILE D 234 -37.70 -8.27 4.89
C ILE D 234 -39.15 -8.44 5.38
N ARG D 235 -39.41 -8.14 6.64
CA ARG D 235 -40.75 -8.33 7.20
C ARG D 235 -41.71 -7.24 6.72
N GLU D 236 -41.25 -6.00 6.70
CA GLU D 236 -42.09 -4.86 6.31
C GLU D 236 -42.40 -4.86 4.80
N GLU D 237 -41.38 -5.11 3.98
CA GLU D 237 -41.58 -5.18 2.53
C GLU D 237 -42.16 -6.52 2.07
N ASN D 238 -42.09 -7.53 2.94
CA ASN D 238 -42.53 -8.88 2.62
C ASN D 238 -41.70 -9.46 1.48
N LEU D 239 -40.41 -9.67 1.78
CA LEU D 239 -39.46 -10.18 0.80
C LEU D 239 -39.05 -11.62 1.11
N TYR D 240 -39.81 -12.29 1.96
CA TYR D 240 -39.46 -13.63 2.44
C TYR D 240 -39.19 -14.60 1.29
N LEU D 241 -40.08 -14.63 0.32
CA LEU D 241 -39.96 -15.55 -0.81
C LEU D 241 -38.70 -15.25 -1.63
N LYS D 242 -38.47 -13.98 -1.95
CA LYS D 242 -37.26 -13.59 -2.69
C LYS D 242 -35.99 -13.63 -1.84
N ALA D 243 -36.12 -13.45 -0.53
CA ALA D 243 -34.98 -13.48 0.37
C ALA D 243 -34.46 -14.91 0.57
N ILE D 244 -35.37 -15.87 0.71
CA ILE D 244 -35.01 -17.28 0.81
C ILE D 244 -34.31 -17.73 -0.48
N GLU D 245 -34.75 -17.19 -1.61
CA GLU D 245 -34.10 -17.46 -2.90
C GLU D 245 -32.71 -16.84 -2.97
N GLU D 246 -32.54 -15.67 -2.36
CA GLU D 246 -31.24 -15.02 -2.28
C GLU D 246 -30.32 -15.75 -1.30
N ALA D 247 -30.90 -16.30 -0.23
CA ALA D 247 -30.17 -17.14 0.71
C ALA D 247 -29.68 -18.42 0.02
N LEU D 248 -30.52 -18.97 -0.86
CA LEU D 248 -30.14 -20.13 -1.66
C LEU D 248 -29.00 -19.80 -2.62
N ARG D 249 -29.07 -18.64 -3.25
CA ARG D 249 -28.04 -18.19 -4.19
C ARG D 249 -26.72 -17.88 -3.46
N TYR D 250 -26.82 -17.05 -2.43
CA TYR D 250 -25.66 -16.51 -1.71
C TYR D 250 -25.00 -17.54 -0.81
N SER D 251 -25.79 -18.42 -0.21
CA SER D 251 -25.31 -19.40 0.75
C SER D 251 -25.90 -20.78 0.44
N PRO D 252 -25.44 -21.42 -0.64
CA PRO D 252 -26.03 -22.68 -1.07
C PRO D 252 -25.65 -23.84 -0.15
N PRO D 253 -26.66 -24.54 0.42
CA PRO D 253 -26.38 -25.68 1.28
C PRO D 253 -25.50 -26.74 0.61
N VAL D 254 -25.70 -26.96 -0.69
CA VAL D 254 -24.82 -27.81 -1.46
C VAL D 254 -23.93 -26.92 -2.34
N MET D 255 -22.64 -26.85 -2.00
CA MET D 255 -21.70 -25.97 -2.68
C MET D 255 -21.35 -26.45 -4.07
N ARG D 256 -21.33 -27.77 -4.26
CA ARG D 256 -20.98 -28.34 -5.56
C ARG D 256 -21.56 -29.73 -5.79
N THR D 257 -21.50 -30.17 -7.05
CA THR D 257 -21.91 -31.51 -7.45
C THR D 257 -21.05 -31.93 -8.64
N VAL D 258 -21.25 -33.15 -9.13
CA VAL D 258 -20.34 -33.72 -10.12
C VAL D 258 -21.05 -34.56 -11.18
N ARG D 259 -20.52 -34.54 -12.39
CA ARG D 259 -21.03 -35.34 -13.50
C ARG D 259 -19.89 -36.12 -14.16
N LYS D 260 -20.21 -37.25 -14.78
CA LYS D 260 -19.24 -38.03 -15.54
C LYS D 260 -19.41 -37.72 -17.02
N THR D 261 -18.31 -37.74 -17.77
CA THR D 261 -18.36 -37.44 -19.21
C THR D 261 -18.64 -38.69 -20.04
N LYS D 262 -19.58 -38.57 -20.97
CA LYS D 262 -19.99 -39.69 -21.82
C LYS D 262 -19.14 -39.78 -23.09
N GLU D 263 -18.55 -38.66 -23.50
CA GLU D 263 -17.71 -38.60 -24.69
C GLU D 263 -16.69 -37.47 -24.55
N ARG D 264 -15.84 -37.29 -25.56
CA ARG D 264 -14.91 -36.16 -25.59
C ARG D 264 -15.70 -34.87 -25.82
N VAL D 265 -15.67 -33.95 -24.86
CA VAL D 265 -16.49 -32.74 -24.89
C VAL D 265 -15.61 -31.50 -24.84
N LYS D 266 -16.11 -30.41 -25.44
CA LYS D 266 -15.46 -29.11 -25.37
C LYS D 266 -16.36 -28.11 -24.66
N LEU D 267 -15.96 -27.70 -23.45
CA LEU D 267 -16.69 -26.69 -22.69
C LEU D 267 -15.88 -25.40 -22.66
N GLY D 268 -16.31 -24.41 -23.43
CA GLY D 268 -15.57 -23.16 -23.58
C GLY D 268 -14.30 -23.38 -24.39
N ASP D 269 -13.16 -23.00 -23.79
CA ASP D 269 -11.86 -23.13 -24.46
C ASP D 269 -11.28 -24.53 -24.28
N GLN D 270 -11.69 -25.24 -23.23
CA GLN D 270 -11.06 -26.50 -22.85
C GLN D 270 -11.75 -27.72 -23.45
N THR D 271 -10.98 -28.78 -23.67
CA THR D 271 -11.51 -30.05 -24.16
C THR D 271 -11.35 -31.13 -23.09
N ILE D 272 -12.47 -31.70 -22.68
CA ILE D 272 -12.49 -32.76 -21.67
C ILE D 272 -12.62 -34.12 -22.33
N GLU D 273 -11.77 -35.06 -21.94
CA GLU D 273 -11.81 -36.43 -22.46
C GLU D 273 -12.97 -37.21 -21.86
N GLU D 274 -13.34 -38.30 -22.50
CA GLU D 274 -14.43 -39.16 -22.03
C GLU D 274 -13.99 -39.94 -20.79
N GLY D 275 -14.90 -40.06 -19.83
CA GLY D 275 -14.62 -40.76 -18.58
C GLY D 275 -14.09 -39.85 -17.48
N GLU D 276 -13.87 -38.58 -17.81
CA GLU D 276 -13.37 -37.60 -16.84
C GLU D 276 -14.52 -37.07 -15.98
N TYR D 277 -14.24 -36.91 -14.69
CA TYR D 277 -15.21 -36.32 -13.76
C TYR D 277 -15.11 -34.80 -13.82
N VAL D 278 -16.26 -34.14 -13.81
CA VAL D 278 -16.32 -32.69 -13.87
C VAL D 278 -16.99 -32.15 -12.61
N ARG D 279 -16.18 -31.56 -11.73
CA ARG D 279 -16.68 -30.93 -10.52
C ARG D 279 -17.32 -29.60 -10.87
N VAL D 280 -18.52 -29.36 -10.35
CA VAL D 280 -19.32 -28.21 -10.74
C VAL D 280 -19.68 -27.36 -9.53
N TRP D 281 -19.02 -26.22 -9.41
CA TRP D 281 -19.20 -25.32 -8.26
C TRP D 281 -20.46 -24.48 -8.41
N ILE D 282 -21.53 -24.92 -7.75
CA ILE D 282 -22.80 -24.20 -7.77
C ILE D 282 -22.65 -22.82 -7.13
N ALA D 283 -21.92 -22.78 -6.02
CA ALA D 283 -21.65 -21.53 -5.31
C ALA D 283 -21.01 -20.46 -6.21
N SER D 284 -20.12 -20.89 -7.10
CA SER D 284 -19.44 -19.96 -8.00
C SER D 284 -20.38 -19.47 -9.10
N ALA D 285 -21.07 -20.40 -9.75
CA ALA D 285 -22.06 -20.07 -10.77
C ALA D 285 -23.06 -19.03 -10.27
N ASN D 286 -23.49 -19.18 -9.02
CA ASN D 286 -24.44 -18.25 -8.41
C ASN D 286 -23.94 -16.82 -8.25
N ARG D 287 -22.62 -16.63 -8.22
CA ARG D 287 -22.02 -15.30 -8.10
C ARG D 287 -21.58 -14.72 -9.46
N ASP D 288 -21.91 -15.39 -10.55
CA ASP D 288 -21.43 -14.99 -11.88
C ASP D 288 -22.00 -13.63 -12.30
N GLU D 289 -21.12 -12.68 -12.55
CA GLU D 289 -21.51 -11.29 -12.82
C GLU D 289 -22.28 -11.13 -14.14
N GLU D 290 -22.04 -12.04 -15.08
CA GLU D 290 -22.76 -12.02 -16.37
C GLU D 290 -24.26 -12.27 -16.20
N VAL D 291 -24.62 -13.07 -15.21
CA VAL D 291 -26.01 -13.39 -14.93
C VAL D 291 -26.57 -12.54 -13.78
N PHE D 292 -25.83 -12.47 -12.68
CA PHE D 292 -26.29 -11.77 -11.48
C PHE D 292 -25.55 -10.44 -11.30
N HIS D 293 -26.30 -9.34 -11.39
CA HIS D 293 -25.74 -8.01 -11.21
C HIS D 293 -25.39 -7.80 -9.74
N ASP D 294 -24.17 -7.33 -9.47
CA ASP D 294 -23.63 -7.24 -8.12
C ASP D 294 -23.68 -8.60 -7.43
N GLY D 295 -23.13 -9.62 -8.09
CA GLY D 295 -23.19 -10.99 -7.60
C GLY D 295 -22.67 -11.18 -6.19
N GLU D 296 -21.70 -10.38 -5.79
CA GLU D 296 -21.07 -10.52 -4.48
C GLU D 296 -21.87 -9.84 -3.36
N LYS D 297 -22.88 -9.04 -3.72
CA LYS D 297 -23.75 -8.41 -2.72
C LYS D 297 -25.01 -9.23 -2.47
N PHE D 298 -25.46 -9.23 -1.22
CA PHE D 298 -26.73 -9.85 -0.87
C PHE D 298 -27.85 -8.83 -1.05
N ILE D 299 -28.74 -9.11 -1.99
CA ILE D 299 -29.90 -8.26 -2.24
C ILE D 299 -31.17 -9.09 -2.00
N PRO D 300 -31.94 -8.75 -0.94
CA PRO D 300 -33.08 -9.57 -0.54
C PRO D 300 -34.23 -9.60 -1.56
N ASP D 301 -34.32 -8.57 -2.40
CA ASP D 301 -35.38 -8.50 -3.42
C ASP D 301 -34.83 -8.72 -4.83
N ARG D 302 -33.80 -9.54 -4.96
CA ARG D 302 -33.13 -9.76 -6.23
C ARG D 302 -34.06 -10.41 -7.24
N ASN D 303 -34.22 -9.76 -8.39
CA ASN D 303 -35.03 -10.30 -9.48
C ASN D 303 -34.41 -9.93 -10.83
N PRO D 304 -34.20 -10.93 -11.71
CA PRO D 304 -34.46 -12.35 -11.50
C PRO D 304 -33.41 -12.99 -10.60
N ASN D 305 -33.67 -14.23 -10.17
CA ASN D 305 -32.71 -14.99 -9.38
C ASN D 305 -32.68 -16.45 -9.84
N PRO D 306 -32.18 -16.69 -11.06
CA PRO D 306 -32.10 -18.05 -11.59
C PRO D 306 -30.87 -18.78 -11.06
N HIS D 307 -30.83 -19.05 -9.77
CA HIS D 307 -29.71 -19.77 -9.16
C HIS D 307 -29.81 -21.26 -9.47
N LEU D 308 -28.69 -21.96 -9.29
CA LEU D 308 -28.62 -23.39 -9.61
C LEU D 308 -28.40 -24.23 -8.34
N SER D 309 -28.83 -23.69 -7.20
CA SER D 309 -28.70 -24.37 -5.91
C SER D 309 -29.38 -25.74 -5.82
N PHE D 310 -30.39 -25.98 -6.63
CA PHE D 310 -31.07 -27.29 -6.64
C PHE D 310 -30.60 -28.20 -7.79
N GLY D 311 -29.60 -27.76 -8.54
CA GLY D 311 -28.99 -28.58 -9.58
C GLY D 311 -29.62 -28.40 -10.95
N SER D 312 -29.96 -29.52 -11.59
CA SER D 312 -30.33 -29.54 -13.01
C SER D 312 -31.29 -28.42 -13.41
N GLY D 313 -32.58 -28.58 -13.09
CA GLY D 313 -33.59 -27.64 -13.53
C GLY D 313 -34.56 -28.27 -14.52
N ILE D 314 -34.02 -28.89 -15.57
CA ILE D 314 -34.83 -29.68 -16.50
C ILE D 314 -35.21 -31.02 -15.85
N HIS D 315 -34.31 -31.53 -15.03
CA HIS D 315 -34.55 -32.72 -14.22
C HIS D 315 -34.73 -32.27 -12.77
N LEU D 316 -35.99 -32.01 -12.39
CA LEU D 316 -36.29 -31.27 -11.17
C LEU D 316 -35.95 -31.99 -9.86
N HIS D 317 -35.47 -31.21 -8.89
CA HIS D 317 -35.27 -31.67 -7.52
C HIS D 317 -36.65 -31.71 -6.86
N LEU D 318 -37.11 -32.91 -6.50
CA LEU D 318 -38.50 -33.11 -6.09
C LEU D 318 -38.87 -32.57 -4.71
N GLY D 319 -37.90 -32.45 -3.83
CA GLY D 319 -38.15 -31.92 -2.49
C GLY D 319 -38.08 -30.40 -2.38
N ALA D 320 -37.71 -29.73 -3.47
CA ALA D 320 -37.44 -28.29 -3.44
C ALA D 320 -38.65 -27.45 -2.99
N PRO D 321 -39.85 -27.77 -3.49
CA PRO D 321 -41.04 -27.06 -3.01
C PRO D 321 -41.23 -27.16 -1.50
N LEU D 322 -41.07 -28.36 -0.96
CA LEU D 322 -41.13 -28.59 0.48
C LEU D 322 -40.03 -27.83 1.20
N ALA D 323 -38.80 -27.98 0.71
CA ALA D 323 -37.64 -27.30 1.29
C ALA D 323 -37.84 -25.79 1.36
N ARG D 324 -38.29 -25.21 0.26
CA ARG D 324 -38.54 -23.76 0.18
C ARG D 324 -39.65 -23.32 1.13
N LEU D 325 -40.74 -24.08 1.21
CA LEU D 325 -41.85 -23.77 2.09
C LEU D 325 -41.42 -23.85 3.55
N GLU D 326 -40.84 -24.98 3.94
CA GLU D 326 -40.33 -25.18 5.29
C GLU D 326 -39.41 -24.05 5.72
N ALA D 327 -38.56 -23.59 4.81
CA ALA D 327 -37.64 -22.50 5.09
C ALA D 327 -38.37 -21.19 5.36
N ARG D 328 -39.30 -20.82 4.48
CA ARG D 328 -39.96 -19.52 4.58
C ARG D 328 -40.85 -19.42 5.83
N ILE D 329 -41.53 -20.51 6.18
CA ILE D 329 -42.37 -20.51 7.38
C ILE D 329 -41.49 -20.44 8.64
N ALA D 330 -40.34 -21.10 8.59
CA ALA D 330 -39.37 -21.02 9.68
C ALA D 330 -38.92 -19.57 9.91
N ILE D 331 -38.59 -18.88 8.83
CA ILE D 331 -38.12 -17.50 8.92
C ILE D 331 -39.27 -16.52 9.21
N GLU D 332 -40.42 -16.74 8.58
CA GLU D 332 -41.60 -15.91 8.83
C GLU D 332 -41.95 -15.86 10.31
N GLU D 333 -42.08 -17.04 10.93
CA GLU D 333 -42.46 -17.14 12.33
C GLU D 333 -41.32 -16.74 13.27
N PHE D 334 -40.08 -16.93 12.82
CA PHE D 334 -38.91 -16.52 13.59
C PHE D 334 -38.76 -15.00 13.61
N SER D 335 -39.02 -14.37 12.47
CA SER D 335 -38.93 -12.91 12.35
C SER D 335 -39.98 -12.21 13.22
N LYS D 336 -41.17 -12.78 13.29
CA LYS D 336 -42.24 -12.23 14.13
C LYS D 336 -41.97 -12.42 15.62
N ARG D 337 -41.27 -13.50 15.97
CA ARG D 337 -40.96 -13.80 17.37
C ARG D 337 -39.68 -13.13 17.88
N PHE D 338 -38.95 -12.46 16.99
CA PHE D 338 -37.68 -11.84 17.36
C PHE D 338 -37.55 -10.43 16.76
N ARG D 339 -37.50 -9.42 17.62
CA ARG D 339 -37.31 -8.03 17.20
C ARG D 339 -35.86 -7.77 16.83
N HIS D 340 -34.94 -8.15 17.73
CA HIS D 340 -33.52 -7.92 17.53
C HIS D 340 -32.74 -9.22 17.65
N ILE D 341 -31.66 -9.33 16.88
CA ILE D 341 -30.85 -10.55 16.82
C ILE D 341 -29.38 -10.23 17.13
N GLU D 342 -28.74 -11.12 17.88
CA GLU D 342 -27.32 -10.98 18.24
C GLU D 342 -26.61 -12.32 18.14
N ILE D 343 -25.67 -12.42 17.19
CA ILE D 343 -24.91 -13.66 16.99
C ILE D 343 -23.77 -13.74 18.01
N LEU D 344 -23.88 -14.70 18.92
CA LEU D 344 -22.91 -14.84 20.01
C LEU D 344 -21.75 -15.75 19.61
N ASP D 345 -22.08 -16.94 19.11
CA ASP D 345 -21.08 -17.93 18.71
C ASP D 345 -21.60 -18.79 17.56
N THR D 346 -20.71 -19.12 16.63
CA THR D 346 -21.05 -19.98 15.50
C THR D 346 -20.00 -21.05 15.26
N GLU D 347 -20.45 -22.22 14.83
CA GLU D 347 -19.55 -23.28 14.37
C GLU D 347 -20.01 -23.79 13.02
N LYS D 348 -19.09 -23.79 12.05
CA LYS D 348 -19.38 -24.21 10.69
C LYS D 348 -19.42 -25.74 10.62
N VAL D 349 -20.19 -26.27 9.67
CA VAL D 349 -20.19 -27.70 9.37
C VAL D 349 -18.84 -28.06 8.76
N PRO D 350 -18.22 -29.17 9.22
CA PRO D 350 -16.85 -29.49 8.79
C PRO D 350 -16.65 -29.79 7.31
N ASN D 351 -17.70 -30.23 6.62
CA ASN D 351 -17.59 -30.60 5.21
C ASN D 351 -17.40 -29.39 4.30
N GLU D 352 -16.69 -29.60 3.19
CA GLU D 352 -16.44 -28.55 2.21
C GLU D 352 -17.54 -28.46 1.16
N VAL D 353 -18.25 -29.56 0.92
CA VAL D 353 -19.37 -29.58 -0.01
C VAL D 353 -20.62 -28.96 0.63
N LEU D 354 -20.80 -29.21 1.92
CA LEU D 354 -21.96 -28.67 2.64
C LEU D 354 -21.65 -27.29 3.20
N ASN D 355 -22.62 -26.39 3.08
CA ASN D 355 -22.53 -25.05 3.67
C ASN D 355 -23.62 -24.88 4.72
N GLY D 356 -23.23 -24.99 5.98
CA GLY D 356 -24.17 -24.86 7.09
C GLY D 356 -23.45 -24.66 8.40
N TYR D 357 -24.21 -24.71 9.49
CA TYR D 357 -23.67 -24.51 10.83
C TYR D 357 -24.02 -25.66 11.75
N LYS D 358 -23.00 -26.25 12.36
CA LYS D 358 -23.20 -27.27 13.39
C LYS D 358 -23.80 -26.63 14.63
N ARG D 359 -23.32 -25.43 14.97
CA ARG D 359 -23.87 -24.65 16.06
C ARG D 359 -24.03 -23.19 15.61
N LEU D 360 -25.11 -22.56 16.06
CA LEU D 360 -25.34 -21.14 15.82
C LEU D 360 -26.05 -20.53 17.02
N VAL D 361 -25.25 -20.10 18.00
CA VAL D 361 -25.77 -19.55 19.26
C VAL D 361 -26.13 -18.08 19.07
N VAL D 362 -27.31 -17.71 19.52
CA VAL D 362 -27.86 -16.38 19.27
C VAL D 362 -28.60 -15.85 20.49
N ARG D 363 -28.62 -14.52 20.64
CA ARG D 363 -29.38 -13.85 21.69
C ARG D 363 -30.48 -13.00 21.06
N LEU D 364 -31.72 -13.18 21.51
CA LEU D 364 -32.86 -12.47 20.96
C LEU D 364 -33.08 -11.15 21.71
P PO4 E . -15.34 -17.05 2.34
O1 PO4 E . -14.86 -17.18 0.91
O2 PO4 E . -15.64 -15.60 2.65
O3 PO4 E . -16.61 -17.86 2.52
O4 PO4 E . -14.27 -17.56 3.27
CHA HEM F . 0.18 -13.47 20.09
CHB HEM F . -0.22 -14.46 15.37
CHC HEM F . 3.38 -17.71 15.75
CHD HEM F . 3.78 -16.69 20.46
C1A HEM F . -0.23 -13.47 18.79
C2A HEM F . -1.24 -12.63 18.25
C3A HEM F . -1.35 -12.90 16.93
C4A HEM F . -0.41 -13.91 16.63
CMA HEM F . -2.30 -12.24 15.97
CAA HEM F . -2.04 -11.60 19.02
CBA HEM F . -1.18 -10.34 19.15
CGA HEM F . -2.04 -9.15 19.50
O1A HEM F . -3.20 -9.29 19.93
O2A HEM F . -1.57 -7.99 19.34
C1B HEM F . 0.75 -15.43 15.08
C2B HEM F . 0.91 -15.99 13.78
C3B HEM F . 1.92 -16.90 13.85
C4B HEM F . 2.36 -16.89 15.27
CMB HEM F . 0.11 -15.61 12.55
CAB HEM F . 2.52 -17.77 12.80
CBB HEM F . 2.18 -17.75 11.51
C1C HEM F . 3.82 -17.72 17.07
C2C HEM F . 4.91 -18.45 17.55
C3C HEM F . 5.03 -18.17 18.91
C4C HEM F . 4.00 -17.25 19.23
CMC HEM F . 5.77 -19.38 16.72
CAC HEM F . 6.02 -18.67 19.90
CBC HEM F . 7.02 -19.51 19.62
C1D HEM F . 2.81 -15.72 20.67
C2D HEM F . 2.62 -15.17 22.02
C3D HEM F . 1.63 -14.28 21.93
C4D HEM F . 1.20 -14.29 20.52
CMD HEM F . 3.40 -15.55 23.27
CAD HEM F . 1.07 -13.45 23.07
CBD HEM F . 2.10 -12.42 23.56
CGD HEM F . 2.62 -11.57 22.42
O1D HEM F . 1.83 -11.06 21.60
O2D HEM F . 3.85 -11.34 22.33
NA HEM F . 0.24 -14.27 17.78
NB HEM F . 1.61 -15.99 15.92
NC HEM F . 3.26 -17.00 18.10
ND HEM F . 1.94 -15.17 19.80
FE HEM F . 1.79 -15.51 17.95
P PO4 G . 11.70 18.25 -1.12
O1 PO4 G . 12.44 19.57 -1.05
O2 PO4 G . 10.78 18.26 -2.33
O3 PO4 G . 10.88 18.06 0.13
O4 PO4 G . 12.69 17.12 -1.27
CHA HEM H . -2.74 14.69 -20.59
CHB HEM H . 0.79 12.71 -17.93
CHC HEM H . 2.91 11.05 -21.99
CHD HEM H . -0.67 12.93 -24.63
C1A HEM H . -1.97 14.28 -19.54
C2A HEM H . -2.24 14.58 -18.18
C3A HEM H . -1.25 14.02 -17.43
C4A HEM H . -0.35 13.38 -18.31
CMA HEM H . -1.14 14.09 -15.93
CAA HEM H . -3.40 15.37 -17.64
CBA HEM H . -4.22 14.47 -16.71
CGA HEM H . -5.67 14.81 -16.86
O1A HEM H . -6.11 15.88 -16.37
O2A HEM H . -6.43 14.02 -17.46
C1B HEM H . 1.66 12.08 -18.84
C2B HEM H . 2.81 11.37 -18.41
C3B HEM H . 3.42 10.90 -19.54
C4B HEM H . 2.58 11.35 -20.67
CMB HEM H . 3.27 11.18 -16.98
CAB HEM H . 4.66 10.09 -19.70
CBB HEM H . 5.44 9.68 -18.70
C1C HEM H . 2.11 11.39 -23.07
C2C HEM H . 2.33 11.00 -24.40
C3C HEM H . 1.30 11.53 -25.17
C4C HEM H . 0.46 12.25 -24.26
CMC HEM H . 3.49 10.14 -24.88
CAC HEM H . 1.06 11.42 -26.63
CBC HEM H . 1.83 10.74 -27.48
C1D HEM H . -1.51 13.57 -23.70
C2D HEM H . -2.73 14.23 -24.14
C3D HEM H . -3.31 14.73 -23.02
C4D HEM H . -2.44 14.34 -21.91
CMD HEM H . -3.23 14.36 -25.56
CAD HEM H . -4.60 15.52 -22.97
CBD HEM H . -5.81 14.62 -23.30
CGD HEM H . -5.88 13.48 -22.32
O1D HEM H . -5.50 12.34 -22.66
O2D HEM H . -6.34 13.67 -21.17
NA HEM H . -0.78 13.58 -19.60
NB HEM H . 1.55 12.05 -20.18
NC HEM H . 0.99 12.16 -23.01
ND HEM H . -1.37 13.65 -22.37
FE HEM H . 0.03 12.96 -21.32
N1 PIM I . 2.54 15.95 -21.23
C2 PIM I . 2.12 14.74 -21.69
N3 PIM I . 0.77 14.64 -21.57
C4 PIM I . 0.33 15.81 -21.04
C5 PIM I . 1.44 16.60 -20.83
C6 PIM I . 1.58 17.96 -20.26
C7 PIM I . 0.80 18.32 -19.17
C8 PIM I . 0.89 19.58 -18.60
C9 PIM I . 1.77 20.51 -19.13
C10 PIM I . 2.55 20.17 -20.23
C11 PIM I . 2.46 18.90 -20.80
CHA HEM J . 31.15 31.05 2.08
CHB HEM J . 26.60 30.50 3.62
CHC HEM J . 25.89 35.32 3.20
CHD HEM J . 30.40 35.81 1.53
C1A HEM J . 29.99 30.51 2.55
C2A HEM J . 29.83 29.15 2.86
C3A HEM J . 28.55 28.99 3.30
C4A HEM J . 27.91 30.25 3.24
CMA HEM J . 27.94 27.68 3.75
CAA HEM J . 30.89 28.09 2.76
CBA HEM J . 31.86 28.28 3.92
CGA HEM J . 32.72 27.05 4.10
O1A HEM J . 33.07 26.37 3.12
O2A HEM J . 33.09 26.72 5.26
C1B HEM J . 26.02 31.78 3.64
C2B HEM J . 24.66 32.02 4.04
C3B HEM J . 24.44 33.37 3.95
C4B HEM J . 25.71 33.95 3.46
CMB HEM J . 23.68 30.96 4.51
CAB HEM J . 23.22 34.17 4.23
CBB HEM J . 22.09 33.69 4.70
C1C HEM J . 27.06 35.88 2.70
C2C HEM J . 27.28 37.25 2.51
C3C HEM J . 28.58 37.41 2.03
C4C HEM J . 29.13 36.10 1.94
CMC HEM J . 26.26 38.35 2.78
CAC HEM J . 29.30 38.64 1.66
CBC HEM J . 28.82 39.88 1.77
C1D HEM J . 30.92 34.52 1.58
C2D HEM J . 32.29 34.27 1.14
C3D HEM J . 32.50 32.96 1.30
C4D HEM J . 31.25 32.41 1.82
CMD HEM J . 33.29 35.28 0.62
CAD HEM J . 33.76 32.18 0.98
CBD HEM J . 34.47 31.74 2.26
CGD HEM J . 35.41 30.59 1.95
O1D HEM J . 35.53 29.64 2.77
O2D HEM J . 36.05 30.56 0.88
NA HEM J . 28.81 31.17 2.75
NB HEM J . 26.58 32.94 3.31
NC HEM J . 28.19 35.18 2.34
ND HEM J . 30.31 33.37 1.98
FE HEM J . 28.57 33.14 2.66
N1 PIM K . 27.01 33.00 -1.06
C2 PIM K . 27.19 33.54 0.18
N3 PIM K . 28.09 32.80 0.88
C4 PIM K . 28.48 31.79 0.07
C5 PIM K . 27.80 31.93 -1.12
C6 PIM K . 27.83 31.13 -2.37
C7 PIM K . 27.54 31.69 -3.62
C8 PIM K . 27.57 30.89 -4.76
C9 PIM K . 27.89 29.53 -4.67
C10 PIM K . 28.18 28.98 -3.43
C11 PIM K . 28.15 29.77 -2.28
CHA HEM L . -29.62 -33.79 -5.13
CHB HEM L . -29.67 -29.31 -3.29
CHC HEM L . -33.07 -30.69 -0.08
CHD HEM L . -32.84 -35.21 -1.78
C1A HEM L . -29.38 -32.45 -4.91
C2A HEM L . -28.48 -31.68 -5.67
C3A HEM L . -28.48 -30.43 -5.16
C4A HEM L . -29.39 -30.42 -4.09
CMA HEM L . -27.67 -29.26 -5.68
CAA HEM L . -27.67 -32.17 -6.86
CBA HEM L . -28.58 -32.28 -8.08
CGA HEM L . -27.77 -32.36 -9.35
O1A HEM L . -26.78 -33.13 -9.42
O2A HEM L . -28.08 -31.67 -10.35
C1B HEM L . -30.63 -29.34 -2.26
C2B HEM L . -30.97 -28.17 -1.53
C3B HEM L . -31.92 -28.52 -0.61
C4B HEM L . -32.14 -29.97 -0.83
CMB HEM L . -30.36 -26.79 -1.73
CAB HEM L . -32.62 -27.71 0.41
CBB HEM L . -32.44 -26.40 0.59
C1C HEM L . -33.32 -32.04 -0.24
C2C HEM L . -34.27 -32.81 0.46
C3C HEM L . -34.20 -34.10 -0.03
C4C HEM L . -33.20 -34.11 -1.04
CMC HEM L . -35.18 -32.27 1.56
CAC HEM L . -34.99 -35.30 0.36
CBC HEM L . -35.98 -35.31 1.26
C1D HEM L . -31.93 -35.14 -2.84
C2D HEM L . -31.65 -36.32 -3.66
C3D HEM L . -30.76 -35.93 -4.59
C4D HEM L . -30.51 -34.51 -4.34
CMD HEM L . -32.22 -37.71 -3.51
CAD HEM L . -30.13 -36.78 -5.68
CBD HEM L . -30.44 -36.20 -7.06
CGD HEM L . -31.17 -37.20 -7.91
O1D HEM L . -30.72 -37.50 -9.04
O2D HEM L . -32.24 -37.71 -7.51
NA HEM L . -29.91 -31.67 -3.91
NB HEM L . -31.35 -30.38 -1.84
NC HEM L . -32.68 -32.85 -1.14
ND HEM L . -31.24 -34.07 -3.30
FE HEM L . -31.24 -32.35 -2.59
N1 PIM M . -28.53 -32.75 0.29
C2 PIM M . -29.79 -32.54 -0.15
N3 PIM M . -29.89 -32.92 -1.45
C4 PIM M . -28.67 -33.39 -1.83
C5 PIM M . -27.85 -33.28 -0.74
C6 PIM M . -26.41 -33.63 -0.55
C7 PIM M . -25.52 -33.44 -1.60
C8 PIM M . -24.18 -33.76 -1.47
C9 PIM M . -23.72 -34.30 -0.27
C10 PIM M . -24.60 -34.50 0.79
C11 PIM M . -25.94 -34.17 0.65
#